data_3FXI
#
_entry.id   3FXI
#
_cell.length_a   91.160
_cell.length_b   103.500
_cell.length_c   251.810
_cell.angle_alpha   90.00
_cell.angle_beta   90.00
_cell.angle_gamma   90.00
#
_symmetry.space_group_name_H-M   'P 21 21 21'
#
loop_
_entity.id
_entity.type
_entity.pdbx_description
1 polymer 'Toll-like receptor 4'
2 polymer 'Lymphocyte antigen 96'
3 branched 'L-glycero-alpha-D-manno-heptopyranose-(1-7)-L-glycero-alpha-D-manno-heptopyranose-(1-3)-L-glycero-alpha-D-manno-heptopyranose-(1-5)-[3-deoxy-alpha-D-manno-oct-2-ulopyranosonic acid-(2-4)]3-deoxy-alpha-D-manno-oct-2-ulopyranosonic acid-(2-6)-2-amino-2-deoxy-alpha-D-glucopyranose-(1-6)-2-amino-2-deoxy-alpha-D-glucopyranose'
4 branched 2-acetamido-2-deoxy-beta-D-glucopyranose-(1-4)-2-acetamido-2-deoxy-beta-D-glucopyranose
5 branched 'L-glycero-alpha-D-manno-heptopyranose-(1-7)-L-glycero-alpha-D-manno-heptopyranose-(1-3)-L-glycero-alpha-D-manno-heptopyranose-(1-5)-[3-deoxy-alpha-D-manno-oct-2-ulopyranosonic acid-(2-4)]3-deoxy-alpha-D-manno-oct-2-ulopyranosonic acid-(2-6)-2-amino-2-deoxy-beta-D-glucopyranose-(1-6)-2-amino-2-deoxy-alpha-D-glucopyranose'
6 non-polymer '3-HYDROXY-TETRADECANOIC ACID'
7 non-polymer 'LAURIC ACID'
8 non-polymer 'MYRISTIC ACID'
9 non-polymer 'PHOSPHATE ION'
10 non-polymer 2-acetamido-2-deoxy-beta-D-glucopyranose
11 non-polymer 'MAGNESIUM ION'
12 water water
#
loop_
_entity_poly.entity_id
_entity_poly.type
_entity_poly.pdbx_seq_one_letter_code
_entity_poly.pdbx_strand_id
1 'polypeptide(L)'
;EPCVEVVPNITYQCMELNFYKIPDNLPFSTKNLDLSFNPLRHLGSYSFFSFPELQVLDLSRCEIQTIEDGAYQSLSHLST
LILTGNPIQSLALGAFSGLSSLQKLVAVETNLASLENFPIGHLKTLKELNVAHNLIQSFKLPEYFSNLTNLEHLDLSSNK
IQSIYCTDLRVLHQMPLLNLSLDLSLNPMNFIQPGAFKEIRLHKLTLRNNFDSLNVMKTCIQGLAGLEVHRLVLGEFRNE
GNLEKFDKSALEGLCNLTIEEFRLAYLDYYLDDIIDLFNCLTNVSSFSLVSVTIERVKDFSYNFGWQHLELVNCKFGQFP
TLKLKSLKRLTFTSNKGGNAFSEVDLPSLEFLDLSRNGLSFKGCCSQSDFGTTSLKYLDLSFNGVITMSSNFLGLEQLEH
LDFQHSNLKQMSEFSVFLSLRNLIYLDISHTHTRVAFNGIFNGLSSLEVLKMAGNSFQENFLPDIFTELRNLTFLDLSQC
QLEQLSPTAFNSLSSLQVLNMSHNNFFSLDTFPYKCLNSLQVLDYSLNHIMTSKKQELQHFPSSLAFLNLTQNDFACTCE
HQSFLQWIKDQRQLLVEVERMECATPSDKQGMPVLSLNITCQMNK
;
A,B
2 'polypeptide(L)'
;QKQYWVCNSSDASISYTYCDKMQYPISINVNPCIELKGSKGLLHIFYIPRRDLKQLYFNLYITVNTMNLPKRKEVICRGS
DDDYSFCRALKGETVNTTISFSFKGIKFSKGKYKCVVEAISGSPEEMLFCLEFVILHQPNSN
;
C,D
#
loop_
_chem_comp.id
_chem_comp.type
_chem_comp.name
_chem_comp.formula
DAO non-polymer 'LAURIC ACID' 'C12 H24 O2'
FTT non-polymer '3-HYDROXY-TETRADECANOIC ACID' 'C14 H28 O3'
GCS D-saccharide, beta linking 2-amino-2-deoxy-beta-D-glucopyranose 'C6 H13 N O5'
GMH D-saccharide, alpha linking L-glycero-alpha-D-manno-heptopyranose 'C7 H14 O7'
KDO D-saccharide, alpha linking '3-deoxy-alpha-D-manno-oct-2-ulopyranosonic acid' 'C8 H14 O8'
MG non-polymer 'MAGNESIUM ION' 'Mg 2'
MYR non-polymer 'MYRISTIC ACID' 'C14 H28 O2'
NAG D-saccharide, beta linking 2-acetamido-2-deoxy-beta-D-glucopyranose 'C8 H15 N O6'
PA1 D-saccharide, alpha linking 2-amino-2-deoxy-alpha-D-glucopyranose 'C6 H13 N O5'
PO4 non-polymer 'PHOSPHATE ION' 'O4 P -3'
#
# COMPACT_ATOMS: atom_id res chain seq x y z
N GLU A 1 2.82 -47.20 35.79
CA GLU A 1 3.19 -46.50 34.53
C GLU A 1 2.57 -45.10 34.47
N PRO A 2 2.75 -44.28 35.51
CA PRO A 2 2.13 -42.95 35.40
C PRO A 2 2.74 -42.18 34.23
N CYS A 3 3.69 -42.82 33.54
CA CYS A 3 4.38 -42.24 32.39
C CYS A 3 3.42 -41.98 31.24
N VAL A 4 3.91 -41.29 30.21
CA VAL A 4 3.12 -41.00 29.03
C VAL A 4 3.75 -41.76 27.88
N GLU A 5 2.96 -42.60 27.24
CA GLU A 5 3.42 -43.41 26.12
C GLU A 5 3.20 -42.62 24.82
N VAL A 6 4.25 -41.96 24.34
CA VAL A 6 4.14 -41.15 23.11
C VAL A 6 4.07 -42.01 21.86
N VAL A 7 5.02 -42.94 21.73
CA VAL A 7 5.06 -43.85 20.60
C VAL A 7 5.16 -45.25 21.19
N PRO A 8 4.04 -46.00 21.20
CA PRO A 8 4.05 -47.35 21.77
C PRO A 8 5.26 -48.19 21.41
N ASN A 9 5.74 -48.94 22.40
CA ASN A 9 6.91 -49.82 22.24
C ASN A 9 8.16 -49.04 21.79
N ILE A 10 8.07 -47.70 21.68
CA ILE A 10 9.21 -46.91 21.22
C ILE A 10 9.66 -45.67 22.03
N THR A 11 8.74 -44.74 22.32
CA THR A 11 9.09 -43.51 23.07
C THR A 11 8.21 -43.18 24.29
N TYR A 12 8.84 -43.06 25.46
CA TYR A 12 8.14 -42.74 26.71
C TYR A 12 8.70 -41.51 27.43
N GLN A 13 7.82 -40.64 27.90
CA GLN A 13 8.22 -39.44 28.62
C GLN A 13 7.70 -39.45 30.05
N CYS A 14 8.56 -39.90 30.98
CA CYS A 14 8.18 -39.96 32.39
C CYS A 14 8.76 -38.74 33.08
N MET A 15 8.38 -37.56 32.58
CA MET A 15 8.90 -36.31 33.12
C MET A 15 8.15 -35.76 34.31
N GLU A 16 8.90 -35.41 35.35
CA GLU A 16 8.35 -34.81 36.57
C GLU A 16 7.18 -35.58 37.16
N LEU A 17 7.46 -36.79 37.64
CA LEU A 17 6.45 -37.65 38.24
C LEU A 17 6.94 -38.22 39.56
N ASN A 18 7.83 -37.47 40.22
CA ASN A 18 8.41 -37.85 41.50
C ASN A 18 9.07 -39.22 41.55
N PHE A 19 9.76 -39.60 40.48
CA PHE A 19 10.44 -40.88 40.47
C PHE A 19 11.76 -40.76 41.25
N TYR A 20 11.93 -41.59 42.27
CA TYR A 20 13.15 -41.58 43.07
C TYR A 20 14.08 -42.67 42.57
N LYS A 21 13.53 -43.52 41.71
CA LYS A 21 14.26 -44.62 41.12
C LYS A 21 13.77 -44.86 39.68
N ILE A 22 14.68 -45.26 38.80
CA ILE A 22 14.36 -45.49 37.38
C ILE A 22 13.22 -46.48 37.21
N PRO A 23 12.22 -46.15 36.36
CA PRO A 23 11.11 -47.08 36.18
C PRO A 23 11.60 -48.41 35.59
N ASP A 24 10.74 -49.41 35.62
CA ASP A 24 11.08 -50.73 35.10
C ASP A 24 9.87 -51.30 34.39
N ASN A 25 8.70 -50.74 34.68
CA ASN A 25 7.46 -51.19 34.08
C ASN A 25 7.33 -50.73 32.62
N LEU A 26 8.47 -50.47 31.97
CA LEU A 26 8.45 -50.01 30.58
C LEU A 26 9.11 -51.03 29.66
N PRO A 27 8.63 -51.12 28.40
CA PRO A 27 9.14 -52.04 27.37
C PRO A 27 10.68 -52.07 27.22
N PHE A 28 11.18 -53.15 26.63
CA PHE A 28 12.63 -53.31 26.42
C PHE A 28 13.04 -52.67 25.09
N SER A 29 12.08 -52.55 24.19
CA SER A 29 12.28 -51.99 22.86
C SER A 29 12.48 -50.47 22.88
N THR A 30 12.19 -49.86 24.01
CA THR A 30 12.32 -48.41 24.19
C THR A 30 13.62 -47.83 23.63
N LYS A 31 13.50 -46.78 22.81
CA LYS A 31 14.64 -46.14 22.20
C LYS A 31 14.82 -44.70 22.70
N ASN A 32 13.74 -44.07 23.14
CA ASN A 32 13.78 -42.70 23.64
C ASN A 32 13.10 -42.58 25.01
N LEU A 33 13.88 -42.26 26.03
CA LEU A 33 13.35 -42.11 27.39
C LEU A 33 13.72 -40.77 28.01
N ASP A 34 12.70 -40.05 28.49
CA ASP A 34 12.86 -38.74 29.13
C ASP A 34 12.53 -38.90 30.63
N LEU A 35 13.55 -38.74 31.48
CA LEU A 35 13.35 -38.85 32.93
C LEU A 35 13.66 -37.54 33.61
N SER A 36 13.39 -36.44 32.90
CA SER A 36 13.65 -35.09 33.40
C SER A 36 12.80 -34.71 34.59
N PHE A 37 13.32 -33.76 35.37
CA PHE A 37 12.66 -33.24 36.55
C PHE A 37 12.14 -34.28 37.52
N ASN A 38 12.99 -35.25 37.83
CA ASN A 38 12.68 -36.30 38.78
C ASN A 38 13.88 -36.38 39.71
N PRO A 39 13.65 -36.52 41.03
CA PRO A 39 14.75 -36.59 41.99
C PRO A 39 15.45 -37.96 42.04
N LEU A 40 16.38 -38.19 41.12
CA LEU A 40 17.09 -39.45 41.07
C LEU A 40 18.19 -39.35 42.14
N ARG A 41 19.05 -38.35 42.00
CA ARG A 41 20.13 -38.07 42.95
C ARG A 41 21.31 -39.05 43.17
N HIS A 42 21.26 -40.25 42.59
CA HIS A 42 22.34 -41.25 42.77
C HIS A 42 22.22 -42.13 41.55
N LEU A 43 23.21 -42.03 40.67
CA LEU A 43 23.25 -42.84 39.47
C LEU A 43 24.29 -43.91 39.75
N GLY A 44 23.83 -45.11 40.10
CA GLY A 44 24.74 -46.19 40.42
C GLY A 44 25.04 -47.10 39.24
N SER A 45 25.87 -48.11 39.48
CA SER A 45 26.25 -49.06 38.44
C SER A 45 25.08 -49.79 37.80
N TYR A 46 25.12 -49.92 36.48
CA TYR A 46 24.06 -50.57 35.71
C TYR A 46 22.68 -50.06 36.10
N SER A 47 22.56 -48.74 36.23
CA SER A 47 21.29 -48.09 36.58
C SER A 47 20.26 -48.32 35.50
N PHE A 48 20.74 -48.35 34.26
CA PHE A 48 19.86 -48.58 33.13
C PHE A 48 20.23 -49.93 32.59
N PHE A 49 19.27 -50.84 32.59
CA PHE A 49 19.47 -52.18 32.05
C PHE A 49 18.15 -52.61 31.45
N SER A 50 17.07 -52.02 31.97
CA SER A 50 15.73 -52.32 31.49
C SER A 50 15.55 -51.81 30.06
N PHE A 51 16.52 -51.02 29.59
CA PHE A 51 16.48 -50.44 28.25
C PHE A 51 17.82 -50.69 27.56
N PRO A 52 17.97 -51.87 26.95
CA PRO A 52 19.24 -52.15 26.26
C PRO A 52 19.29 -51.57 24.88
N GLU A 53 18.13 -51.22 24.32
CA GLU A 53 18.07 -50.67 22.97
C GLU A 53 17.86 -49.15 22.91
N LEU A 54 18.28 -48.44 23.97
CA LEU A 54 18.14 -46.98 24.06
C LEU A 54 19.09 -46.16 23.19
N GLN A 55 18.55 -45.10 22.57
CA GLN A 55 19.33 -44.22 21.71
C GLN A 55 19.41 -42.80 22.26
N VAL A 56 18.34 -42.36 22.93
CA VAL A 56 18.26 -41.01 23.50
C VAL A 56 17.81 -41.00 24.96
N LEU A 57 18.65 -40.49 25.84
CA LEU A 57 18.33 -40.41 27.27
C LEU A 57 18.39 -38.99 27.85
N ASP A 58 17.27 -38.51 28.38
CA ASP A 58 17.18 -37.16 28.95
C ASP A 58 17.11 -37.15 30.49
N LEU A 59 18.20 -36.78 31.14
CA LEU A 59 18.24 -36.72 32.60
C LEU A 59 18.37 -35.28 33.09
N SER A 60 17.68 -34.38 32.39
CA SER A 60 17.69 -32.95 32.70
C SER A 60 17.11 -32.66 34.08
N ARG A 61 17.82 -31.83 34.84
CA ARG A 61 17.39 -31.40 36.17
C ARG A 61 16.88 -32.55 37.03
N CYS A 62 17.75 -33.51 37.34
CA CYS A 62 17.36 -34.67 38.14
C CYS A 62 18.11 -34.74 39.45
N GLU A 63 18.59 -33.60 39.93
CA GLU A 63 19.32 -33.55 41.19
C GLU A 63 20.45 -34.56 41.24
N ILE A 64 20.88 -35.09 40.10
CA ILE A 64 21.96 -36.06 40.12
C ILE A 64 23.23 -35.47 40.75
N GLN A 65 23.65 -36.04 41.87
CA GLN A 65 24.81 -35.55 42.60
C GLN A 65 26.08 -36.37 42.37
N THR A 66 25.92 -37.66 42.15
CA THR A 66 27.06 -38.55 41.91
C THR A 66 26.74 -39.67 40.91
N ILE A 67 27.61 -39.83 39.92
CA ILE A 67 27.47 -40.88 38.93
C ILE A 67 28.68 -41.77 39.16
N GLU A 68 28.44 -43.06 39.32
CA GLU A 68 29.49 -44.03 39.59
C GLU A 68 29.96 -44.77 38.34
N ASP A 69 30.96 -45.65 38.52
CA ASP A 69 31.52 -46.43 37.42
C ASP A 69 30.48 -47.29 36.74
N GLY A 70 30.43 -47.18 35.42
CA GLY A 70 29.51 -47.96 34.61
C GLY A 70 28.04 -47.82 34.98
N ALA A 71 27.52 -46.61 34.89
CA ALA A 71 26.12 -46.37 35.22
C ALA A 71 25.30 -46.66 33.96
N TYR A 72 25.93 -46.43 32.82
CA TYR A 72 25.27 -46.69 31.54
C TYR A 72 26.00 -47.80 30.81
N GLN A 73 26.60 -48.71 31.58
CA GLN A 73 27.38 -49.81 31.00
C GLN A 73 26.68 -50.63 29.91
N SER A 74 25.37 -50.80 30.01
CA SER A 74 24.64 -51.59 29.01
C SER A 74 23.92 -50.80 27.91
N LEU A 75 24.38 -49.59 27.62
CA LEU A 75 23.74 -48.76 26.60
C LEU A 75 24.65 -48.56 25.38
N SER A 76 24.85 -49.63 24.63
CA SER A 76 25.73 -49.60 23.46
C SER A 76 25.14 -48.83 22.30
N HIS A 77 23.82 -48.68 22.26
CA HIS A 77 23.17 -47.97 21.16
C HIS A 77 22.90 -46.49 21.44
N LEU A 78 23.01 -46.09 22.72
CA LEU A 78 22.77 -44.70 23.10
C LEU A 78 23.69 -43.74 22.37
N SER A 79 23.10 -42.75 21.70
CA SER A 79 23.86 -41.75 20.94
C SER A 79 23.77 -40.37 21.56
N THR A 80 22.73 -40.15 22.34
CA THR A 80 22.50 -38.87 23.00
C THR A 80 22.19 -39.00 24.49
N LEU A 81 22.97 -38.28 25.31
CA LEU A 81 22.82 -38.27 26.75
C LEU A 81 22.76 -36.82 27.20
N ILE A 82 21.68 -36.44 27.87
CA ILE A 82 21.51 -35.07 28.33
C ILE A 82 21.49 -35.01 29.85
N LEU A 83 22.43 -34.28 30.44
CA LEU A 83 22.50 -34.18 31.89
C LEU A 83 22.39 -32.75 32.36
N THR A 84 21.73 -31.91 31.55
CA THR A 84 21.56 -30.50 31.83
C THR A 84 21.04 -30.20 33.23
N GLY A 85 21.71 -29.27 33.92
CA GLY A 85 21.30 -28.82 35.24
C GLY A 85 21.37 -29.75 36.44
N ASN A 86 22.40 -30.59 36.48
CA ASN A 86 22.55 -31.49 37.59
C ASN A 86 23.71 -31.05 38.45
N PRO A 87 23.50 -30.99 39.76
CA PRO A 87 24.56 -30.58 40.69
C PRO A 87 25.55 -31.73 40.93
N ILE A 88 26.44 -31.97 39.98
CA ILE A 88 27.39 -33.07 40.13
C ILE A 88 28.54 -32.75 41.08
N GLN A 89 28.76 -33.66 42.02
CA GLN A 89 29.82 -33.55 43.02
C GLN A 89 30.90 -34.58 42.77
N SER A 90 30.46 -35.80 42.44
CA SER A 90 31.40 -36.88 42.18
C SER A 90 31.09 -37.57 40.85
N LEU A 91 32.09 -37.60 39.98
CA LEU A 91 31.98 -38.21 38.67
C LEU A 91 33.04 -39.31 38.53
N ALA A 92 32.61 -40.56 38.67
CA ALA A 92 33.51 -41.71 38.58
C ALA A 92 34.38 -41.77 37.34
N LEU A 93 35.64 -42.15 37.54
CA LEU A 93 36.63 -42.24 36.47
C LEU A 93 36.11 -42.96 35.22
N GLY A 94 35.13 -43.85 35.41
CA GLY A 94 34.58 -44.56 34.28
C GLY A 94 33.08 -44.52 34.25
N ALA A 95 32.52 -43.33 34.46
CA ALA A 95 31.07 -43.17 34.48
C ALA A 95 30.44 -43.35 33.09
N PHE A 96 31.14 -42.90 32.07
CA PHE A 96 30.63 -42.99 30.71
C PHE A 96 31.09 -44.20 29.91
N SER A 97 31.47 -45.27 30.61
CA SER A 97 31.89 -46.49 29.94
C SER A 97 30.68 -47.29 29.49
N GLY A 98 30.73 -47.76 28.23
CA GLY A 98 29.63 -48.53 27.67
C GLY A 98 28.92 -47.83 26.52
N LEU A 99 29.03 -46.50 26.47
CA LEU A 99 28.41 -45.69 25.44
C LEU A 99 29.31 -45.68 24.22
N SER A 100 29.40 -46.83 23.57
CA SER A 100 30.25 -47.02 22.40
C SER A 100 29.69 -46.35 21.15
N SER A 101 28.51 -45.74 21.30
CA SER A 101 27.86 -45.08 20.18
C SER A 101 27.45 -43.64 20.47
N LEU A 102 27.90 -43.10 21.60
CA LEU A 102 27.53 -41.74 21.96
C LEU A 102 28.10 -40.71 21.00
N GLN A 103 27.19 -39.92 20.41
CA GLN A 103 27.55 -38.87 19.48
C GLN A 103 27.37 -37.49 20.09
N LYS A 104 26.34 -37.33 20.93
CA LYS A 104 26.04 -36.05 21.55
C LYS A 104 25.99 -36.14 23.05
N LEU A 105 26.84 -35.36 23.73
CA LEU A 105 26.86 -35.34 25.19
C LEU A 105 26.57 -33.93 25.67
N VAL A 106 25.48 -33.77 26.40
CA VAL A 106 25.09 -32.46 26.90
C VAL A 106 25.27 -32.35 28.41
N ALA A 107 26.26 -31.58 28.84
CA ALA A 107 26.54 -31.38 30.26
C ALA A 107 26.50 -29.88 30.64
N VAL A 108 25.42 -29.22 30.22
CA VAL A 108 25.25 -27.80 30.49
C VAL A 108 24.85 -27.59 31.94
N GLU A 109 25.51 -26.64 32.60
CA GLU A 109 25.25 -26.34 34.01
C GLU A 109 25.22 -27.63 34.82
N THR A 110 26.40 -28.27 34.91
CA THR A 110 26.57 -29.52 35.65
C THR A 110 27.73 -29.37 36.64
N ASN A 111 27.94 -28.14 37.09
CA ASN A 111 28.97 -27.83 38.07
C ASN A 111 30.38 -28.20 37.62
N LEU A 112 30.53 -28.53 36.35
CA LEU A 112 31.82 -28.92 35.78
C LEU A 112 32.84 -27.79 35.92
N ALA A 113 33.93 -28.05 36.64
CA ALA A 113 34.95 -27.03 36.86
C ALA A 113 36.19 -27.10 35.98
N SER A 114 36.46 -28.27 35.40
CA SER A 114 37.61 -28.44 34.52
C SER A 114 37.40 -29.52 33.49
N LEU A 115 37.81 -29.22 32.26
CA LEU A 115 37.67 -30.16 31.16
C LEU A 115 38.71 -31.28 31.34
N GLU A 116 39.73 -30.98 32.15
CA GLU A 116 40.85 -31.91 32.43
C GLU A 116 40.45 -33.27 32.98
N ASN A 117 39.58 -33.29 33.97
CA ASN A 117 39.19 -34.56 34.56
C ASN A 117 37.89 -35.16 34.08
N PHE A 118 37.27 -34.57 33.06
CA PHE A 118 36.01 -35.08 32.51
C PHE A 118 36.32 -36.42 31.81
N PRO A 119 35.83 -37.55 32.35
CA PRO A 119 36.07 -38.89 31.80
C PRO A 119 35.38 -39.28 30.49
N ILE A 120 35.74 -38.61 29.40
CA ILE A 120 35.13 -38.89 28.09
C ILE A 120 36.13 -39.29 27.02
N GLY A 121 37.43 -39.17 27.34
CA GLY A 121 38.50 -39.48 26.41
C GLY A 121 38.43 -40.77 25.58
N HIS A 122 37.48 -41.64 25.85
CA HIS A 122 37.37 -42.90 25.11
C HIS A 122 36.21 -42.92 24.13
N LEU A 123 35.33 -41.93 24.21
CA LEU A 123 34.17 -41.84 23.33
C LEU A 123 34.61 -41.30 21.96
N LYS A 124 35.12 -42.19 21.12
CA LYS A 124 35.61 -41.80 19.80
C LYS A 124 34.52 -41.35 18.84
N THR A 125 33.31 -41.86 19.03
CA THR A 125 32.20 -41.52 18.15
C THR A 125 31.56 -40.14 18.43
N LEU A 126 32.01 -39.50 19.51
CA LEU A 126 31.49 -38.20 19.94
C LEU A 126 31.58 -37.12 18.87
N LYS A 127 30.41 -36.64 18.40
CA LYS A 127 30.33 -35.59 17.38
C LYS A 127 30.26 -34.20 18.02
N GLU A 128 29.42 -34.04 19.03
CA GLU A 128 29.27 -32.77 19.73
C GLU A 128 29.28 -32.89 21.25
N LEU A 129 30.01 -31.98 21.89
CA LEU A 129 30.14 -31.94 23.34
C LEU A 129 29.77 -30.54 23.84
N ASN A 130 28.64 -30.42 24.51
CA ASN A 130 28.14 -29.14 25.03
C ASN A 130 28.36 -29.00 26.53
N VAL A 131 29.28 -28.13 26.91
CA VAL A 131 29.58 -27.91 28.33
C VAL A 131 29.47 -26.43 28.68
N ALA A 132 28.40 -25.79 28.22
CA ALA A 132 28.19 -24.36 28.47
C ALA A 132 27.56 -24.12 29.82
N HIS A 133 27.74 -22.92 30.34
CA HIS A 133 27.18 -22.53 31.64
C HIS A 133 27.84 -23.35 32.77
N ASN A 134 29.16 -23.35 32.78
CA ASN A 134 29.92 -24.09 33.77
C ASN A 134 31.09 -23.26 34.32
N LEU A 135 31.82 -23.81 35.29
CA LEU A 135 32.92 -23.10 35.97
C LEU A 135 34.34 -23.21 35.39
N ILE A 136 34.44 -23.54 34.11
CA ILE A 136 35.74 -23.68 33.47
C ILE A 136 36.49 -22.37 33.36
N GLN A 137 37.76 -22.37 33.77
CA GLN A 137 38.59 -21.16 33.74
C GLN A 137 39.70 -21.16 32.72
N SER A 138 40.10 -22.36 32.28
CA SER A 138 41.17 -22.50 31.32
C SER A 138 40.67 -22.98 29.97
N PHE A 139 41.35 -22.54 28.90
CA PHE A 139 40.98 -22.96 27.55
C PHE A 139 41.88 -24.11 27.09
N LYS A 140 42.86 -24.46 27.92
CA LYS A 140 43.79 -25.55 27.61
C LYS A 140 43.04 -26.86 27.43
N LEU A 141 42.87 -27.26 26.17
CA LEU A 141 42.18 -28.50 25.82
C LEU A 141 42.96 -29.70 26.34
N PRO A 142 42.26 -30.68 26.93
CA PRO A 142 42.91 -31.88 27.47
C PRO A 142 43.63 -32.68 26.40
N GLU A 143 44.53 -33.55 26.83
CA GLU A 143 45.28 -34.38 25.90
C GLU A 143 44.39 -35.43 25.26
N TYR A 144 43.42 -35.94 26.02
CA TYR A 144 42.54 -36.97 25.50
C TYR A 144 41.75 -36.55 24.27
N PHE A 145 41.81 -35.26 23.93
CA PHE A 145 41.10 -34.76 22.76
C PHE A 145 41.55 -35.43 21.47
N SER A 146 42.69 -36.09 21.52
CA SER A 146 43.22 -36.79 20.37
C SER A 146 42.27 -37.94 20.03
N ASN A 147 42.02 -38.83 21.00
CA ASN A 147 41.13 -39.96 20.75
C ASN A 147 39.75 -39.50 20.29
N LEU A 148 39.42 -38.24 20.55
CA LEU A 148 38.12 -37.68 20.14
C LEU A 148 38.25 -37.20 18.69
N THR A 149 38.27 -38.15 17.76
CA THR A 149 38.47 -37.82 16.36
C THR A 149 37.26 -37.45 15.52
N ASN A 150 36.06 -37.56 16.08
CA ASN A 150 34.85 -37.23 15.33
C ASN A 150 34.15 -35.99 15.89
N LEU A 151 34.84 -35.27 16.75
CA LEU A 151 34.27 -34.08 17.37
C LEU A 151 34.19 -32.92 16.38
N GLU A 152 33.00 -32.35 16.23
CA GLU A 152 32.81 -31.22 15.33
C GLU A 152 32.24 -30.01 16.04
N HIS A 153 31.58 -30.25 17.17
CA HIS A 153 30.97 -29.16 17.92
C HIS A 153 31.37 -29.11 19.40
N LEU A 154 31.89 -27.96 19.82
CA LEU A 154 32.30 -27.73 21.20
C LEU A 154 31.73 -26.41 21.70
N ASP A 155 30.90 -26.48 22.73
CA ASP A 155 30.26 -25.30 23.32
C ASP A 155 30.87 -24.99 24.69
N LEU A 156 31.71 -23.96 24.73
CA LEU A 156 32.35 -23.53 25.98
C LEU A 156 31.80 -22.16 26.39
N SER A 157 30.67 -21.77 25.79
CA SER A 157 30.06 -20.47 26.07
C SER A 157 29.54 -20.41 27.51
N SER A 158 29.51 -19.19 28.05
CA SER A 158 29.05 -18.92 29.41
C SER A 158 29.84 -19.66 30.46
N ASN A 159 31.15 -19.51 30.43
CA ASN A 159 31.99 -20.16 31.42
C ASN A 159 32.86 -19.07 32.04
N LYS A 160 34.01 -19.44 32.60
CA LYS A 160 34.85 -18.44 33.25
C LYS A 160 36.23 -18.21 32.65
N ILE A 161 36.41 -18.59 31.39
CA ILE A 161 37.70 -18.38 30.76
C ILE A 161 37.98 -16.88 30.67
N GLN A 162 39.18 -16.47 31.05
CA GLN A 162 39.57 -15.06 31.02
C GLN A 162 40.79 -14.79 30.17
N SER A 163 41.48 -15.85 29.75
CA SER A 163 42.67 -15.70 28.91
C SER A 163 43.09 -16.97 28.17
N ILE A 164 43.71 -16.79 27.01
CA ILE A 164 44.15 -17.90 26.20
C ILE A 164 45.66 -17.79 25.96
N TYR A 165 46.41 -18.79 26.45
CA TYR A 165 47.86 -18.83 26.30
C TYR A 165 48.21 -19.82 25.23
N CYS A 166 49.32 -19.59 24.54
CA CYS A 166 49.74 -20.47 23.45
C CYS A 166 49.61 -21.96 23.73
N THR A 167 50.12 -22.40 24.87
CA THR A 167 50.10 -23.81 25.21
C THR A 167 48.72 -24.46 25.26
N ASP A 168 47.69 -23.63 25.44
CA ASP A 168 46.31 -24.12 25.51
C ASP A 168 45.87 -24.86 24.24
N LEU A 169 46.34 -24.37 23.09
CA LEU A 169 46.00 -24.94 21.80
C LEU A 169 46.94 -26.02 21.26
N ARG A 170 47.96 -26.37 22.03
CA ARG A 170 48.94 -27.37 21.62
C ARG A 170 48.31 -28.67 21.14
N VAL A 171 47.17 -29.04 21.70
CA VAL A 171 46.50 -30.27 21.30
C VAL A 171 46.06 -30.26 19.85
N LEU A 172 45.57 -29.11 19.42
CA LEU A 172 45.09 -28.94 18.06
C LEU A 172 46.22 -29.06 17.03
N HIS A 173 47.41 -28.54 17.37
CA HIS A 173 48.57 -28.62 16.47
C HIS A 173 48.85 -30.09 16.07
N GLN A 174 48.18 -31.04 16.72
CA GLN A 174 48.41 -32.45 16.44
C GLN A 174 47.18 -33.20 15.92
N MET A 175 46.28 -32.46 15.29
CA MET A 175 45.08 -33.06 14.73
C MET A 175 44.86 -32.37 13.38
N PRO A 176 45.49 -32.91 12.31
CA PRO A 176 45.38 -32.37 10.96
C PRO A 176 43.92 -32.13 10.59
N LEU A 177 43.22 -33.20 10.26
CA LEU A 177 41.80 -33.10 9.93
C LEU A 177 41.10 -32.80 11.27
N LEU A 178 40.22 -31.81 11.30
CA LEU A 178 39.54 -31.45 12.53
C LEU A 178 38.54 -30.31 12.31
N ASN A 179 37.36 -30.68 11.80
CA ASN A 179 36.28 -29.75 11.51
C ASN A 179 35.66 -29.29 12.84
N LEU A 180 36.35 -28.42 13.59
CA LEU A 180 35.82 -27.98 14.88
C LEU A 180 35.08 -26.64 14.86
N SER A 181 33.83 -26.66 15.34
CA SER A 181 32.99 -25.45 15.44
C SER A 181 32.95 -25.07 16.94
N LEU A 182 33.60 -23.97 17.28
CA LEU A 182 33.72 -23.53 18.67
C LEU A 182 32.94 -22.26 19.06
N ASP A 183 32.30 -22.31 20.24
CA ASP A 183 31.54 -21.16 20.77
C ASP A 183 32.14 -20.74 22.10
N LEU A 184 32.64 -19.51 22.17
CA LEU A 184 33.24 -18.97 23.41
C LEU A 184 32.49 -17.76 23.95
N SER A 185 31.26 -17.55 23.48
CA SER A 185 30.45 -16.40 23.90
C SER A 185 30.23 -16.33 25.40
N LEU A 186 30.03 -15.11 25.89
CA LEU A 186 29.78 -14.83 27.30
C LEU A 186 30.87 -15.26 28.29
N ASN A 187 32.11 -15.35 27.82
CA ASN A 187 33.24 -15.68 28.69
C ASN A 187 33.92 -14.34 28.86
N PRO A 188 34.22 -13.95 30.11
CA PRO A 188 34.87 -12.67 30.40
C PRO A 188 36.34 -12.61 29.95
N MET A 189 36.52 -12.68 28.64
CA MET A 189 37.83 -12.66 28.02
C MET A 189 38.47 -11.28 28.13
N ASN A 190 39.78 -11.24 28.24
CA ASN A 190 40.49 -9.95 28.28
C ASN A 190 41.95 -10.07 27.88
N PHE A 191 42.34 -11.27 27.46
CA PHE A 191 43.70 -11.51 26.99
C PHE A 191 43.91 -12.82 26.24
N ILE A 192 44.36 -12.70 24.99
CA ILE A 192 44.67 -13.84 24.15
C ILE A 192 46.13 -13.59 23.75
N GLN A 193 47.03 -14.39 24.32
CA GLN A 193 48.47 -14.28 24.09
C GLN A 193 48.85 -14.30 22.61
N PRO A 194 49.49 -13.22 22.12
CA PRO A 194 49.89 -13.14 20.71
C PRO A 194 50.50 -14.42 20.14
N GLY A 195 50.17 -14.68 18.87
CA GLY A 195 50.69 -15.85 18.19
C GLY A 195 50.12 -17.17 18.69
N ALA A 196 49.14 -17.10 19.57
CA ALA A 196 48.54 -18.31 20.13
C ALA A 196 47.74 -19.10 19.09
N PHE A 197 47.22 -18.41 18.09
CA PHE A 197 46.43 -19.08 17.07
C PHE A 197 47.14 -19.37 15.75
N LYS A 198 48.44 -19.07 15.69
CA LYS A 198 49.21 -19.33 14.47
C LYS A 198 49.04 -20.77 14.00
N GLU A 199 48.63 -20.92 12.75
CA GLU A 199 48.41 -22.22 12.15
C GLU A 199 47.38 -23.10 12.83
N ILE A 200 46.32 -22.47 13.31
CA ILE A 200 45.24 -23.19 13.94
C ILE A 200 44.08 -23.05 12.96
N ARG A 201 43.23 -24.06 12.89
CA ARG A 201 42.11 -23.97 11.96
C ARG A 201 40.78 -24.43 12.53
N LEU A 202 39.85 -23.49 12.59
CA LEU A 202 38.51 -23.76 13.08
C LEU A 202 37.54 -23.65 11.92
N HIS A 203 36.40 -24.35 12.01
CA HIS A 203 35.40 -24.25 10.97
C HIS A 203 34.50 -23.04 11.26
N LYS A 204 34.16 -22.85 12.53
CA LYS A 204 33.34 -21.72 12.97
C LYS A 204 33.88 -21.27 14.34
N LEU A 205 33.78 -19.97 14.62
CA LEU A 205 34.22 -19.41 15.90
C LEU A 205 33.18 -18.34 16.22
N THR A 206 32.62 -18.39 17.41
CA THR A 206 31.64 -17.39 17.80
C THR A 206 32.16 -16.72 19.08
N LEU A 207 32.34 -15.42 19.02
CA LEU A 207 32.81 -14.64 20.16
C LEU A 207 31.87 -13.47 20.36
N ARG A 208 30.74 -13.75 20.99
CA ARG A 208 29.73 -12.75 21.27
C ARG A 208 29.69 -12.37 22.75
N ASN A 209 29.70 -11.07 23.02
CA ASN A 209 29.68 -10.55 24.38
C ASN A 209 30.86 -11.03 25.20
N ASN A 210 32.04 -11.00 24.59
CA ASN A 210 33.21 -11.46 25.31
C ASN A 210 34.06 -10.35 25.88
N PHE A 211 34.16 -9.23 25.16
CA PHE A 211 35.02 -8.17 25.61
C PHE A 211 34.35 -7.01 26.29
N ASP A 212 35.01 -6.55 27.36
CA ASP A 212 34.55 -5.45 28.19
C ASP A 212 34.56 -4.09 27.51
N SER A 213 35.73 -3.67 27.04
CA SER A 213 35.88 -2.39 26.35
C SER A 213 36.22 -2.64 24.89
N LEU A 214 36.33 -1.57 24.10
CA LEU A 214 36.69 -1.69 22.69
C LEU A 214 38.17 -2.06 22.61
N ASN A 215 38.93 -1.56 23.57
CA ASN A 215 40.37 -1.80 23.63
C ASN A 215 40.67 -3.23 24.01
N VAL A 216 39.85 -3.80 24.87
CA VAL A 216 40.03 -5.19 25.26
C VAL A 216 39.69 -6.07 24.07
N MET A 217 38.69 -5.65 23.29
CA MET A 217 38.32 -6.44 22.11
C MET A 217 39.42 -6.42 21.06
N LYS A 218 39.91 -5.23 20.73
CA LYS A 218 40.96 -5.09 19.73
C LYS A 218 42.20 -5.86 20.13
N THR A 219 42.49 -5.90 21.42
CA THR A 219 43.65 -6.63 21.92
C THR A 219 43.51 -8.11 21.68
N CYS A 220 42.36 -8.68 22.06
CA CYS A 220 42.12 -10.11 21.86
C CYS A 220 42.14 -10.51 20.40
N ILE A 221 41.47 -9.74 19.57
CA ILE A 221 41.43 -10.04 18.14
C ILE A 221 42.84 -10.09 17.55
N GLN A 222 43.81 -9.48 18.25
CA GLN A 222 45.19 -9.49 17.80
C GLN A 222 45.85 -10.82 18.11
N GLY A 223 45.47 -11.42 19.23
CA GLY A 223 46.04 -12.71 19.61
C GLY A 223 45.45 -13.78 18.71
N LEU A 224 44.35 -13.41 18.08
CA LEU A 224 43.63 -14.30 17.17
C LEU A 224 44.39 -14.37 15.86
N ALA A 225 45.29 -13.41 15.66
CA ALA A 225 46.10 -13.32 14.43
C ALA A 225 46.70 -14.65 13.99
N GLY A 226 46.53 -14.95 12.70
CA GLY A 226 47.06 -16.17 12.12
C GLY A 226 46.05 -17.28 12.01
N LEU A 227 44.89 -17.06 12.61
CA LEU A 227 43.82 -18.05 12.58
C LEU A 227 43.20 -18.20 11.21
N GLU A 228 42.64 -19.38 10.95
CA GLU A 228 41.94 -19.62 9.71
C GLU A 228 40.57 -20.17 10.11
N VAL A 229 39.52 -19.37 9.92
CA VAL A 229 38.15 -19.78 10.24
C VAL A 229 37.27 -19.74 9.01
N HIS A 230 36.39 -20.71 8.88
CA HIS A 230 35.52 -20.71 7.72
C HIS A 230 34.46 -19.63 7.92
N ARG A 231 33.85 -19.64 9.10
CA ARG A 231 32.81 -18.68 9.45
C ARG A 231 33.16 -18.08 10.82
N LEU A 232 33.19 -16.75 10.90
CA LEU A 232 33.51 -16.07 12.17
C LEU A 232 32.34 -15.19 12.59
N VAL A 233 31.85 -15.37 13.82
CA VAL A 233 30.72 -14.59 14.30
C VAL A 233 31.03 -13.74 15.54
N LEU A 234 30.94 -12.43 15.40
CA LEU A 234 31.19 -11.50 16.48
C LEU A 234 29.87 -10.81 16.87
N GLY A 235 29.94 -9.87 17.81
CA GLY A 235 28.73 -9.16 18.21
C GLY A 235 28.42 -9.38 19.69
N GLU A 236 27.24 -8.96 20.13
CA GLU A 236 26.84 -9.09 21.52
C GLU A 236 25.39 -9.52 21.67
N PHE A 237 24.93 -9.59 22.93
CA PHE A 237 23.55 -9.95 23.22
C PHE A 237 22.80 -8.73 23.70
N ARG A 238 21.59 -8.57 23.21
CA ARG A 238 20.72 -7.45 23.54
C ARG A 238 20.41 -7.30 25.03
N ASN A 239 20.35 -8.42 25.73
CA ASN A 239 20.03 -8.42 27.16
C ASN A 239 21.23 -8.59 28.08
N GLU A 240 22.40 -8.15 27.61
CA GLU A 240 23.63 -8.24 28.41
C GLU A 240 24.52 -7.01 28.22
N GLY A 241 25.69 -7.00 28.87
CA GLY A 241 26.61 -5.87 28.77
C GLY A 241 27.21 -5.61 27.40
N ASN A 242 26.92 -4.43 26.85
CA ASN A 242 27.38 -4.07 25.53
C ASN A 242 28.58 -3.10 25.50
N LEU A 243 29.26 -3.01 24.35
CA LEU A 243 30.40 -2.10 24.18
C LEU A 243 29.85 -0.69 24.07
N GLU A 244 30.53 0.29 24.65
CA GLU A 244 30.03 1.64 24.55
C GLU A 244 30.45 2.34 23.26
N LYS A 245 31.43 1.77 22.55
CA LYS A 245 31.84 2.35 21.27
C LYS A 245 32.30 1.28 20.31
N PHE A 246 32.11 1.56 19.02
CA PHE A 246 32.48 0.61 17.98
C PHE A 246 32.84 1.44 16.75
N ASP A 247 33.99 2.12 16.81
CA ASP A 247 34.45 2.97 15.71
C ASP A 247 35.21 2.22 14.62
N LYS A 248 35.58 2.95 13.57
CA LYS A 248 36.25 2.36 12.41
C LYS A 248 37.51 1.52 12.66
N SER A 249 37.91 1.36 13.91
CA SER A 249 39.11 0.57 14.17
C SER A 249 38.82 -0.75 14.90
N ALA A 250 37.61 -0.87 15.43
CA ALA A 250 37.23 -2.06 16.18
C ALA A 250 37.61 -3.37 15.51
N LEU A 251 37.53 -3.39 14.18
CA LEU A 251 37.82 -4.61 13.44
C LEU A 251 39.16 -4.69 12.71
N GLU A 252 40.09 -3.81 13.01
CA GLU A 252 41.41 -3.80 12.36
C GLU A 252 42.04 -5.18 12.30
N GLY A 253 42.13 -5.82 13.46
CA GLY A 253 42.75 -7.13 13.55
C GLY A 253 42.35 -8.22 12.59
N LEU A 254 41.09 -8.23 12.16
CA LEU A 254 40.57 -9.25 11.23
C LEU A 254 41.35 -9.33 9.93
N CYS A 255 42.18 -8.33 9.69
CA CYS A 255 43.00 -8.25 8.49
C CYS A 255 44.12 -9.30 8.51
N ASN A 256 44.50 -9.72 9.71
CA ASN A 256 45.53 -10.74 9.92
C ASN A 256 44.93 -12.09 10.23
N LEU A 257 43.75 -12.35 9.67
CA LEU A 257 43.03 -13.60 9.86
C LEU A 257 42.59 -14.04 8.46
N THR A 258 42.21 -15.29 8.31
CA THR A 258 41.73 -15.76 7.02
C THR A 258 40.29 -16.19 7.26
N ILE A 259 39.37 -15.33 6.85
CA ILE A 259 37.93 -15.56 7.02
C ILE A 259 37.22 -15.80 5.70
N GLU A 260 36.30 -16.75 5.69
CA GLU A 260 35.56 -17.05 4.48
C GLU A 260 34.17 -16.43 4.53
N GLU A 261 33.52 -16.57 5.68
CA GLU A 261 32.21 -15.99 5.89
C GLU A 261 32.21 -15.26 7.22
N PHE A 262 31.68 -14.05 7.22
CA PHE A 262 31.62 -13.21 8.41
C PHE A 262 30.20 -12.83 8.79
N ARG A 263 29.94 -12.65 10.09
CA ARG A 263 28.65 -12.21 10.60
C ARG A 263 28.77 -11.43 11.91
N LEU A 264 28.22 -10.22 11.92
CA LEU A 264 28.19 -9.42 13.14
C LEU A 264 26.73 -9.56 13.59
N ALA A 265 26.54 -10.24 14.73
CA ALA A 265 25.21 -10.47 15.29
C ALA A 265 24.78 -9.63 16.48
N TYR A 266 24.15 -8.49 16.19
CA TYR A 266 23.66 -7.53 17.19
C TYR A 266 24.70 -6.62 17.85
N LEU A 267 24.56 -5.33 17.61
CA LEU A 267 25.48 -4.36 18.17
C LEU A 267 24.63 -3.18 18.61
N ASP A 268 24.73 -2.82 19.89
CA ASP A 268 23.96 -1.71 20.49
C ASP A 268 24.35 -0.36 19.91
N TYR A 269 25.65 -0.14 19.77
CA TYR A 269 26.20 1.11 19.22
C TYR A 269 25.65 1.36 17.81
N TYR A 270 25.33 2.62 17.48
CA TYR A 270 24.83 2.94 16.14
C TYR A 270 26.01 3.13 15.21
N LEU A 271 26.15 2.26 14.21
CA LEU A 271 27.26 2.36 13.26
C LEU A 271 27.29 3.72 12.58
N ASP A 272 28.51 4.21 12.34
CA ASP A 272 28.76 5.50 11.69
C ASP A 272 29.09 5.27 10.23
N ASP A 273 30.23 4.62 10.01
CA ASP A 273 30.69 4.29 8.68
C ASP A 273 30.60 2.80 8.44
N ILE A 274 30.56 2.39 7.17
CA ILE A 274 30.47 0.98 6.86
C ILE A 274 31.68 0.51 6.04
N ILE A 275 32.26 1.43 5.27
CA ILE A 275 33.40 1.11 4.40
C ILE A 275 34.78 1.01 5.09
N ASP A 276 35.05 1.91 6.05
CA ASP A 276 36.32 1.89 6.79
C ASP A 276 36.25 0.82 7.86
N LEU A 277 35.03 0.54 8.29
CA LEU A 277 34.77 -0.43 9.32
C LEU A 277 34.98 -1.87 8.90
N PHE A 278 34.48 -2.22 7.72
CA PHE A 278 34.58 -3.61 7.26
C PHE A 278 35.57 -3.89 6.14
N ASN A 279 36.52 -3.01 5.88
CA ASN A 279 37.44 -3.29 4.77
C ASN A 279 38.42 -4.45 5.00
N CYS A 280 38.41 -5.02 6.19
CA CYS A 280 39.28 -6.15 6.45
C CYS A 280 38.56 -7.45 6.07
N LEU A 281 37.24 -7.33 5.87
CA LEU A 281 36.39 -8.45 5.47
C LEU A 281 36.04 -8.26 4.01
N THR A 282 36.84 -7.48 3.30
CA THR A 282 36.55 -7.26 1.90
C THR A 282 36.69 -8.53 1.03
N ASN A 283 37.68 -9.36 1.35
CA ASN A 283 37.93 -10.58 0.59
C ASN A 283 36.90 -11.66 0.94
N VAL A 284 36.20 -11.47 2.05
CA VAL A 284 35.19 -12.42 2.48
C VAL A 284 34.20 -12.75 1.37
N SER A 285 33.71 -13.98 1.32
CA SER A 285 32.75 -14.33 0.28
C SER A 285 31.29 -14.19 0.74
N SER A 286 31.04 -14.36 2.04
CA SER A 286 29.69 -14.20 2.57
C SER A 286 29.70 -13.19 3.72
N PHE A 287 29.01 -12.07 3.56
CA PHE A 287 28.97 -11.05 4.58
C PHE A 287 27.56 -10.87 5.18
N SER A 288 27.47 -10.93 6.51
CA SER A 288 26.19 -10.79 7.18
C SER A 288 26.13 -9.81 8.38
N LEU A 289 25.01 -9.08 8.46
CA LEU A 289 24.76 -8.13 9.54
C LEU A 289 23.35 -8.37 10.05
N VAL A 290 23.21 -8.95 11.24
CA VAL A 290 21.88 -9.18 11.77
C VAL A 290 21.69 -8.34 13.02
N SER A 291 20.58 -7.58 13.05
CA SER A 291 20.24 -6.69 14.16
C SER A 291 21.27 -5.61 14.47
N VAL A 292 21.60 -4.79 13.48
CA VAL A 292 22.55 -3.72 13.71
C VAL A 292 21.99 -2.47 13.04
N THR A 293 22.09 -1.32 13.72
CA THR A 293 21.57 -0.06 13.20
C THR A 293 22.57 0.62 12.27
N ILE A 294 22.15 0.90 11.04
CA ILE A 294 23.02 1.50 10.04
C ILE A 294 22.48 2.83 9.51
N GLU A 295 21.58 3.46 10.24
CA GLU A 295 21.00 4.74 9.79
C GLU A 295 22.12 5.74 9.53
N ARG A 296 23.02 5.86 10.50
CA ARG A 296 24.15 6.79 10.43
C ARG A 296 25.18 6.55 9.34
N VAL A 297 24.87 5.72 8.35
CA VAL A 297 25.82 5.45 7.27
C VAL A 297 25.37 6.20 6.03
N LYS A 298 26.27 7.03 5.52
CA LYS A 298 26.02 7.88 4.34
C LYS A 298 26.40 7.23 3.00
N ASP A 299 27.39 6.35 3.01
CA ASP A 299 27.83 5.71 1.77
C ASP A 299 27.79 4.18 1.78
N PHE A 300 26.95 3.63 0.91
CA PHE A 300 26.79 2.18 0.75
C PHE A 300 27.29 1.81 -0.66
N SER A 301 28.23 2.60 -1.17
CA SER A 301 28.77 2.43 -2.51
C SER A 301 30.06 1.62 -2.72
N TYR A 302 30.81 1.33 -1.65
CA TYR A 302 32.04 0.58 -1.84
C TYR A 302 31.86 -0.77 -2.51
N ASN A 303 32.84 -1.16 -3.32
CA ASN A 303 32.81 -2.42 -4.06
C ASN A 303 33.62 -3.53 -3.38
N PHE A 304 32.95 -4.22 -2.46
CA PHE A 304 33.54 -5.33 -1.73
C PHE A 304 33.48 -6.58 -2.63
N GLY A 305 34.33 -7.57 -2.37
CA GLY A 305 34.31 -8.76 -3.20
C GLY A 305 33.29 -9.78 -2.77
N TRP A 306 32.39 -9.37 -1.88
CA TRP A 306 31.35 -10.25 -1.34
C TRP A 306 30.46 -10.82 -2.43
N GLN A 307 30.06 -12.09 -2.26
CA GLN A 307 29.18 -12.76 -3.22
C GLN A 307 27.81 -13.01 -2.64
N HIS A 308 27.73 -13.04 -1.32
CA HIS A 308 26.47 -13.21 -0.61
C HIS A 308 26.40 -12.14 0.50
N LEU A 309 25.36 -11.30 0.47
CA LEU A 309 25.20 -10.27 1.48
C LEU A 309 23.85 -10.46 2.13
N GLU A 310 23.85 -10.55 3.46
CA GLU A 310 22.61 -10.75 4.21
C GLU A 310 22.40 -9.71 5.32
N LEU A 311 21.34 -8.92 5.16
CA LEU A 311 20.98 -7.91 6.14
C LEU A 311 19.60 -8.26 6.70
N VAL A 312 19.53 -8.70 7.96
CA VAL A 312 18.23 -9.02 8.53
C VAL A 312 18.02 -8.40 9.90
N ASN A 313 16.84 -7.82 10.08
CA ASN A 313 16.45 -7.16 11.32
C ASN A 313 17.32 -5.96 11.69
N CYS A 314 17.66 -5.14 10.70
CA CYS A 314 18.48 -3.98 10.95
C CYS A 314 17.63 -2.73 10.84
N LYS A 315 18.03 -1.66 11.52
CA LYS A 315 17.30 -0.38 11.41
C LYS A 315 18.08 0.42 10.36
N PHE A 316 17.40 0.92 9.34
CA PHE A 316 18.15 1.60 8.29
C PHE A 316 17.74 3.01 7.89
N GLY A 317 16.44 3.27 7.80
CA GLY A 317 15.99 4.60 7.39
C GLY A 317 15.98 4.75 5.88
N GLN A 318 17.06 5.27 5.30
CA GLN A 318 17.10 5.42 3.85
C GLN A 318 17.60 4.11 3.28
N PHE A 319 17.03 3.67 2.16
CA PHE A 319 17.45 2.40 1.55
C PHE A 319 18.90 2.38 1.09
N PRO A 320 19.66 1.37 1.51
CA PRO A 320 21.07 1.25 1.13
C PRO A 320 21.33 1.18 -0.36
N THR A 321 22.10 2.12 -0.89
CA THR A 321 22.44 2.15 -2.34
C THR A 321 23.63 1.24 -2.61
N LEU A 322 23.35 -0.05 -2.70
CA LEU A 322 24.33 -1.09 -2.94
C LEU A 322 24.83 -1.10 -4.37
N LYS A 323 26.14 -1.26 -4.52
CA LYS A 323 26.78 -1.30 -5.83
C LYS A 323 27.86 -2.37 -5.86
N LEU A 324 27.59 -3.49 -5.20
CA LEU A 324 28.52 -4.62 -5.13
C LEU A 324 28.49 -5.36 -6.46
N LYS A 325 29.56 -5.24 -7.25
CA LYS A 325 29.64 -5.87 -8.57
C LYS A 325 29.67 -7.39 -8.59
N SER A 326 30.36 -8.01 -7.63
CA SER A 326 30.50 -9.48 -7.60
C SER A 326 29.37 -10.22 -6.90
N LEU A 327 28.56 -9.49 -6.13
CA LEU A 327 27.45 -10.07 -5.40
C LEU A 327 26.51 -10.88 -6.32
N LYS A 328 26.19 -12.11 -5.90
CA LYS A 328 25.29 -12.99 -6.65
C LYS A 328 23.96 -13.18 -5.96
N ARG A 329 23.98 -13.23 -4.63
CA ARG A 329 22.75 -13.40 -3.83
C ARG A 329 22.65 -12.31 -2.78
N LEU A 330 21.47 -11.70 -2.65
CA LEU A 330 21.24 -10.67 -1.66
C LEU A 330 19.99 -10.99 -0.84
N THR A 331 20.14 -11.10 0.47
CA THR A 331 18.98 -11.36 1.31
C THR A 331 18.81 -10.15 2.23
N PHE A 332 17.81 -9.31 1.95
CA PHE A 332 17.53 -8.08 2.72
C PHE A 332 16.12 -8.20 3.28
N THR A 333 15.98 -8.89 4.41
CA THR A 333 14.64 -9.08 4.97
C THR A 333 14.41 -8.66 6.42
N SER A 334 13.13 -8.52 6.74
CA SER A 334 12.70 -8.15 8.08
C SER A 334 13.43 -6.99 8.70
N ASN A 335 13.70 -5.97 7.89
CA ASN A 335 14.40 -4.81 8.39
C ASN A 335 13.43 -3.70 8.80
N LYS A 336 13.60 -3.22 10.01
CA LYS A 336 12.76 -2.14 10.51
C LYS A 336 13.43 -0.83 10.11
N GLY A 337 12.84 -0.12 9.17
CA GLY A 337 13.46 1.13 8.76
C GLY A 337 12.56 2.04 7.96
N GLY A 338 13.03 2.43 6.78
CA GLY A 338 12.27 3.31 5.92
C GLY A 338 11.14 2.57 5.25
N ASN A 339 10.61 3.16 4.19
CA ASN A 339 9.51 2.55 3.46
C ASN A 339 9.60 2.87 1.99
N ALA A 340 10.79 3.23 1.51
CA ALA A 340 10.95 3.55 0.10
C ALA A 340 12.21 2.96 -0.49
N PHE A 341 11.99 2.09 -1.47
CA PHE A 341 13.06 1.41 -2.19
C PHE A 341 13.59 2.37 -3.24
N SER A 342 14.88 2.25 -3.54
CA SER A 342 15.50 3.06 -4.56
C SER A 342 16.38 2.09 -5.31
N GLU A 343 16.74 2.43 -6.54
CA GLU A 343 17.57 1.58 -7.37
C GLU A 343 18.86 1.10 -6.72
N VAL A 344 19.26 -0.10 -7.10
CA VAL A 344 20.51 -0.66 -6.64
C VAL A 344 21.21 -1.01 -7.96
N ASP A 345 22.50 -1.32 -7.90
CA ASP A 345 23.20 -1.65 -9.12
C ASP A 345 24.09 -2.85 -8.91
N LEU A 346 23.48 -4.02 -9.03
CA LEU A 346 24.15 -5.29 -8.80
C LEU A 346 24.23 -6.15 -10.07
N PRO A 347 25.17 -5.81 -10.98
CA PRO A 347 25.40 -6.49 -12.26
C PRO A 347 25.50 -8.01 -12.21
N SER A 348 25.96 -8.56 -11.09
CA SER A 348 26.10 -10.01 -10.95
C SER A 348 24.98 -10.72 -10.20
N LEU A 349 24.02 -9.95 -9.70
CA LEU A 349 22.93 -10.51 -8.93
C LEU A 349 22.08 -11.60 -9.60
N GLU A 350 21.82 -12.70 -8.88
CA GLU A 350 20.99 -13.78 -9.41
C GLU A 350 19.85 -14.12 -8.43
N PHE A 351 20.13 -14.02 -7.14
CA PHE A 351 19.13 -14.30 -6.13
C PHE A 351 18.79 -12.99 -5.42
N LEU A 352 17.51 -12.64 -5.32
CA LEU A 352 17.17 -11.39 -4.68
C LEU A 352 15.96 -11.48 -3.78
N ASP A 353 16.22 -11.55 -2.48
CA ASP A 353 15.12 -11.58 -1.52
C ASP A 353 15.12 -10.23 -0.81
N LEU A 354 14.00 -9.53 -0.96
CA LEU A 354 13.80 -8.21 -0.40
C LEU A 354 12.45 -8.21 0.28
N SER A 355 12.07 -9.35 0.83
CA SER A 355 10.78 -9.49 1.47
C SER A 355 10.67 -9.01 2.91
N ARG A 356 9.43 -8.74 3.33
CA ARG A 356 9.14 -8.32 4.70
C ARG A 356 9.81 -7.04 5.19
N ASN A 357 9.82 -6.01 4.36
CA ASN A 357 10.46 -4.76 4.76
C ASN A 357 9.48 -3.61 4.74
N GLY A 358 8.24 -3.86 4.33
CA GLY A 358 7.27 -2.78 4.29
C GLY A 358 7.63 -1.76 3.24
N LEU A 359 8.55 -2.13 2.34
CA LEU A 359 9.00 -1.25 1.27
C LEU A 359 7.94 -0.94 0.20
N SER A 360 8.08 0.21 -0.45
CA SER A 360 7.17 0.61 -1.52
C SER A 360 7.98 0.95 -2.77
N PHE A 361 7.61 0.33 -3.88
CA PHE A 361 8.29 0.54 -5.16
C PHE A 361 7.39 1.39 -6.02
N LYS A 362 7.90 2.46 -6.61
CA LYS A 362 7.03 3.31 -7.42
C LYS A 362 6.98 2.95 -8.92
N GLY A 363 7.74 1.95 -9.36
CA GLY A 363 7.70 1.55 -10.76
C GLY A 363 8.25 0.15 -11.01
N CYS A 364 7.40 -0.90 -11.13
CA CYS A 364 7.99 -2.22 -11.34
C CYS A 364 7.67 -2.58 -12.80
N CYS A 365 8.48 -3.39 -13.50
CA CYS A 365 9.74 -3.97 -13.05
C CYS A 365 10.66 -3.90 -14.25
N SER A 366 11.92 -3.52 -13.98
CA SER A 366 12.91 -3.34 -15.03
C SER A 366 14.28 -3.72 -14.55
N GLN A 367 15.24 -3.82 -15.47
CA GLN A 367 16.59 -4.19 -15.10
C GLN A 367 17.30 -3.01 -14.47
N SER A 368 16.77 -1.83 -14.72
CA SER A 368 17.32 -0.58 -14.20
C SER A 368 17.04 -0.39 -12.70
N ASP A 369 16.20 -1.27 -12.16
CA ASP A 369 15.86 -1.21 -10.75
C ASP A 369 16.88 -1.93 -9.90
N PHE A 370 17.42 -3.01 -10.48
CA PHE A 370 18.40 -3.83 -9.80
C PHE A 370 19.79 -3.76 -10.41
N GLY A 371 19.86 -3.40 -11.68
CA GLY A 371 21.16 -3.27 -12.33
C GLY A 371 21.71 -4.59 -12.82
N THR A 372 20.81 -5.57 -12.95
CA THR A 372 21.21 -6.88 -13.39
C THR A 372 20.31 -7.43 -14.50
N THR A 373 20.78 -8.46 -15.17
CA THR A 373 20.02 -9.11 -16.24
C THR A 373 20.19 -10.61 -16.09
N SER A 374 20.49 -11.04 -14.88
CA SER A 374 20.69 -12.45 -14.60
C SER A 374 19.79 -12.90 -13.48
N LEU A 375 18.96 -11.98 -12.98
CA LEU A 375 18.06 -12.30 -11.90
C LEU A 375 17.24 -13.51 -12.27
N LYS A 376 17.23 -14.52 -11.40
CA LYS A 376 16.45 -15.73 -11.63
C LYS A 376 15.39 -15.86 -10.56
N TYR A 377 15.66 -15.29 -9.39
CA TYR A 377 14.75 -15.35 -8.25
C TYR A 377 14.48 -13.94 -7.74
N LEU A 378 13.21 -13.61 -7.50
CA LEU A 378 12.85 -12.28 -7.01
C LEU A 378 11.67 -12.36 -6.04
N ASP A 379 11.95 -12.05 -4.78
CA ASP A 379 10.96 -12.11 -3.72
C ASP A 379 10.68 -10.72 -3.11
N LEU A 380 9.59 -10.08 -3.51
CA LEU A 380 9.21 -8.78 -2.98
C LEU A 380 7.91 -8.92 -2.19
N SER A 381 7.75 -10.03 -1.48
CA SER A 381 6.53 -10.25 -0.73
C SER A 381 6.54 -9.52 0.60
N PHE A 382 5.34 -9.30 1.15
CA PHE A 382 5.17 -8.61 2.42
C PHE A 382 5.78 -7.22 2.46
N ASN A 383 5.34 -6.35 1.56
CA ASN A 383 5.83 -4.99 1.52
C ASN A 383 4.63 -4.09 1.35
N GLY A 384 4.86 -2.82 1.09
CA GLY A 384 3.75 -1.90 0.94
C GLY A 384 3.19 -1.93 -0.46
N VAL A 385 3.09 -0.77 -1.09
CA VAL A 385 2.57 -0.69 -2.43
C VAL A 385 3.65 -0.92 -3.50
N ILE A 386 3.31 -1.66 -4.55
CA ILE A 386 4.22 -1.91 -5.66
C ILE A 386 3.48 -1.59 -6.95
N THR A 387 3.75 -0.42 -7.51
CA THR A 387 3.11 0.01 -8.74
C THR A 387 3.79 -0.59 -9.99
N MET A 388 3.00 -1.26 -10.82
CA MET A 388 3.53 -1.88 -12.03
C MET A 388 3.51 -0.90 -13.21
N SER A 389 4.67 -0.69 -13.81
CA SER A 389 4.75 0.24 -14.93
C SER A 389 5.73 -0.20 -15.97
N SER A 390 6.30 -1.39 -15.80
CA SER A 390 7.24 -1.94 -16.76
C SER A 390 7.16 -3.45 -16.68
N ASN A 391 6.94 -4.12 -17.82
CA ASN A 391 6.82 -5.58 -17.80
C ASN A 391 8.14 -6.36 -17.84
N PHE A 392 8.96 -6.12 -16.83
CA PHE A 392 10.23 -6.80 -16.69
C PHE A 392 11.23 -6.77 -17.86
N LEU A 393 11.38 -5.61 -18.50
CA LEU A 393 12.33 -5.50 -19.59
C LEU A 393 13.71 -5.73 -19.03
N GLY A 394 14.36 -6.83 -19.45
CA GLY A 394 15.70 -7.10 -18.98
C GLY A 394 15.79 -8.16 -17.90
N LEU A 395 14.64 -8.67 -17.48
CA LEU A 395 14.62 -9.71 -16.44
C LEU A 395 13.96 -10.94 -17.02
N GLU A 396 14.32 -11.24 -18.27
CA GLU A 396 13.76 -12.37 -19.01
C GLU A 396 13.96 -13.73 -18.34
N GLN A 397 15.07 -13.87 -17.64
CA GLN A 397 15.40 -15.13 -16.97
C GLN A 397 14.74 -15.42 -15.63
N LEU A 398 13.82 -14.60 -15.19
CA LEU A 398 13.17 -14.85 -13.90
C LEU A 398 12.43 -16.16 -13.90
N GLU A 399 12.80 -17.06 -12.99
CA GLU A 399 12.14 -18.35 -12.88
C GLU A 399 11.19 -18.33 -11.67
N HIS A 400 11.55 -17.55 -10.65
CA HIS A 400 10.76 -17.45 -9.43
C HIS A 400 10.44 -15.97 -9.13
N LEU A 401 9.17 -15.68 -8.82
CA LEU A 401 8.71 -14.32 -8.52
C LEU A 401 7.56 -14.34 -7.51
N ASP A 402 7.79 -13.79 -6.32
CA ASP A 402 6.79 -13.78 -5.24
C ASP A 402 6.37 -12.38 -4.71
N PHE A 403 5.20 -11.91 -5.12
CA PHE A 403 4.69 -10.60 -4.69
C PHE A 403 3.71 -10.75 -3.55
N GLN A 404 3.56 -11.97 -3.06
CA GLN A 404 2.62 -12.28 -1.98
C GLN A 404 2.47 -11.24 -0.86
N HIS A 405 1.23 -10.87 -0.56
CA HIS A 405 0.92 -9.92 0.51
C HIS A 405 1.40 -8.49 0.39
N SER A 406 1.62 -8.05 -0.84
CA SER A 406 2.04 -6.71 -1.08
C SER A 406 0.97 -6.08 -1.96
N ASN A 407 0.51 -4.90 -1.60
CA ASN A 407 -0.50 -4.23 -2.40
C ASN A 407 0.08 -3.97 -3.79
N LEU A 408 -0.43 -4.66 -4.81
CA LEU A 408 0.04 -4.46 -6.18
C LEU A 408 -0.98 -3.56 -6.90
N LYS A 409 -0.49 -2.66 -7.75
CA LYS A 409 -1.35 -1.75 -8.48
C LYS A 409 -1.02 -1.70 -9.95
N GLN A 410 -2.06 -1.46 -10.77
CA GLN A 410 -1.93 -1.38 -12.23
C GLN A 410 -1.74 -2.75 -12.87
N MET A 411 -2.26 -3.79 -12.23
CA MET A 411 -2.16 -5.18 -12.71
C MET A 411 -2.87 -5.41 -14.05
N SER A 412 -4.11 -4.91 -14.12
CA SER A 412 -4.95 -5.05 -15.31
C SER A 412 -4.91 -3.76 -16.11
N GLU A 413 -3.71 -3.31 -16.45
CA GLU A 413 -3.56 -2.07 -17.19
C GLU A 413 -2.72 -2.30 -18.43
N PHE A 414 -2.17 -3.51 -18.51
CA PHE A 414 -1.35 -3.99 -19.62
C PHE A 414 -0.81 -5.35 -19.20
N SER A 415 0.02 -5.98 -20.04
CA SER A 415 0.57 -7.28 -19.68
C SER A 415 1.88 -7.09 -18.90
N VAL A 416 1.75 -7.01 -17.58
CA VAL A 416 2.91 -6.79 -16.72
C VAL A 416 3.95 -7.91 -16.75
N PHE A 417 3.51 -9.13 -17.06
CA PHE A 417 4.41 -10.28 -17.11
C PHE A 417 4.80 -10.70 -18.53
N LEU A 418 4.49 -9.87 -19.51
CA LEU A 418 4.80 -10.17 -20.91
C LEU A 418 6.21 -10.64 -21.27
N SER A 419 7.21 -10.30 -20.47
CA SER A 419 8.59 -10.70 -20.79
C SER A 419 9.05 -11.97 -20.11
N LEU A 420 8.33 -12.39 -19.08
CA LEU A 420 8.69 -13.57 -18.31
C LEU A 420 8.39 -14.91 -18.99
N ARG A 421 9.06 -15.14 -20.13
CA ARG A 421 8.86 -16.37 -20.89
C ARG A 421 9.38 -17.60 -20.17
N ASN A 422 10.24 -17.42 -19.17
CA ASN A 422 10.79 -18.57 -18.44
C ASN A 422 10.28 -18.71 -17.01
N LEU A 423 9.43 -17.79 -16.58
CA LEU A 423 8.91 -17.83 -15.21
C LEU A 423 8.21 -19.16 -14.94
N ILE A 424 8.64 -19.85 -13.88
CA ILE A 424 8.07 -21.13 -13.50
C ILE A 424 7.14 -21.04 -12.27
N TYR A 425 7.51 -20.20 -11.30
CA TYR A 425 6.71 -20.02 -10.07
C TYR A 425 6.23 -18.56 -9.98
N LEU A 426 4.98 -18.37 -9.55
CA LEU A 426 4.42 -17.02 -9.43
C LEU A 426 3.30 -16.99 -8.38
N ASP A 427 3.53 -16.24 -7.31
CA ASP A 427 2.60 -16.09 -6.22
C ASP A 427 2.21 -14.61 -6.10
N ILE A 428 0.93 -14.30 -6.30
CA ILE A 428 0.43 -12.93 -6.18
C ILE A 428 -0.79 -13.02 -5.29
N SER A 429 -0.72 -13.91 -4.32
CA SER A 429 -1.83 -14.12 -3.38
C SER A 429 -2.00 -12.90 -2.50
N HIS A 430 -3.25 -12.52 -2.25
CA HIS A 430 -3.55 -11.38 -1.39
C HIS A 430 -2.78 -10.11 -1.72
N THR A 431 -2.67 -9.80 -3.01
CA THR A 431 -1.97 -8.60 -3.42
C THR A 431 -2.99 -7.55 -3.83
N HIS A 432 -4.23 -7.78 -3.42
CA HIS A 432 -5.33 -6.87 -3.73
C HIS A 432 -5.51 -6.61 -5.20
N THR A 433 -5.30 -7.63 -6.03
CA THR A 433 -5.50 -7.49 -7.46
C THR A 433 -7.00 -7.59 -7.77
N ARG A 434 -7.42 -6.99 -8.88
CA ARG A 434 -8.80 -6.99 -9.34
C ARG A 434 -8.69 -7.26 -10.83
N VAL A 435 -8.56 -8.53 -11.20
CA VAL A 435 -8.40 -8.90 -12.60
C VAL A 435 -9.49 -8.30 -13.47
N ALA A 436 -9.07 -7.59 -14.51
CA ALA A 436 -10.02 -6.95 -15.40
C ALA A 436 -9.40 -6.76 -16.78
N PHE A 437 -8.57 -7.72 -17.16
CA PHE A 437 -7.93 -7.70 -18.46
C PHE A 437 -7.55 -9.12 -18.81
N ASN A 438 -8.16 -9.65 -19.87
CA ASN A 438 -7.92 -11.01 -20.28
C ASN A 438 -6.53 -11.26 -20.87
N GLY A 439 -5.64 -10.30 -20.68
CA GLY A 439 -4.26 -10.44 -21.14
C GLY A 439 -3.35 -10.34 -19.95
N ILE A 440 -3.95 -10.42 -18.76
CA ILE A 440 -3.22 -10.30 -17.52
C ILE A 440 -2.05 -11.25 -17.38
N PHE A 441 -2.14 -12.43 -17.99
CA PHE A 441 -1.05 -13.39 -17.88
C PHE A 441 -0.28 -13.72 -19.15
N ASN A 442 -0.45 -12.91 -20.19
CA ASN A 442 0.26 -13.17 -21.44
C ASN A 442 1.77 -13.12 -21.31
N GLY A 443 2.44 -14.19 -21.75
CA GLY A 443 3.88 -14.27 -21.68
C GLY A 443 4.31 -15.42 -20.79
N LEU A 444 3.45 -15.75 -19.83
CA LEU A 444 3.73 -16.83 -18.88
C LEU A 444 3.59 -18.26 -19.43
N SER A 445 4.36 -18.59 -20.47
CA SER A 445 4.34 -19.90 -21.09
C SER A 445 4.78 -21.00 -20.13
N SER A 446 6.05 -20.99 -19.78
CA SER A 446 6.64 -21.98 -18.90
C SER A 446 6.00 -22.11 -17.52
N LEU A 447 5.19 -21.13 -17.14
CA LEU A 447 4.56 -21.13 -15.81
C LEU A 447 4.04 -22.50 -15.40
N GLU A 448 4.40 -22.92 -14.18
CA GLU A 448 3.95 -24.21 -13.65
C GLU A 448 3.13 -24.07 -12.37
N VAL A 449 3.40 -23.04 -11.58
CA VAL A 449 2.65 -22.80 -10.36
C VAL A 449 2.08 -21.40 -10.49
N LEU A 450 0.94 -21.17 -9.87
CA LEU A 450 0.29 -19.87 -9.94
C LEU A 450 -0.61 -19.70 -8.72
N LYS A 451 -0.16 -18.95 -7.73
CA LYS A 451 -0.97 -18.75 -6.54
C LYS A 451 -1.58 -17.36 -6.55
N MET A 452 -2.87 -17.26 -6.86
CA MET A 452 -3.49 -15.96 -6.84
C MET A 452 -4.69 -15.93 -5.93
N ALA A 453 -4.54 -16.57 -4.77
CA ALA A 453 -5.61 -16.59 -3.78
C ALA A 453 -5.86 -15.20 -3.21
N GLY A 454 -6.91 -15.08 -2.41
CA GLY A 454 -7.27 -13.82 -1.76
C GLY A 454 -7.65 -12.58 -2.58
N ASN A 455 -7.67 -12.67 -3.91
CA ASN A 455 -8.00 -11.49 -4.70
C ASN A 455 -9.47 -11.35 -5.09
N SER A 456 -9.70 -11.02 -6.35
CA SER A 456 -11.05 -10.84 -6.89
C SER A 456 -11.05 -10.61 -8.39
N PHE A 457 -12.21 -10.82 -9.00
CA PHE A 457 -12.33 -10.63 -10.43
C PHE A 457 -13.46 -9.67 -10.72
N GLN A 458 -13.38 -9.07 -11.91
CA GLN A 458 -14.39 -8.13 -12.37
C GLN A 458 -15.67 -8.92 -12.58
N GLU A 459 -16.74 -8.48 -11.93
CA GLU A 459 -18.04 -9.12 -12.06
C GLU A 459 -18.07 -10.49 -11.37
N ASN A 460 -16.97 -10.88 -10.76
CA ASN A 460 -16.91 -12.17 -10.08
C ASN A 460 -17.03 -13.34 -11.05
N PHE A 461 -16.78 -13.07 -12.32
CA PHE A 461 -16.83 -14.08 -13.35
C PHE A 461 -15.39 -14.39 -13.73
N LEU A 462 -15.02 -15.67 -13.74
CA LEU A 462 -13.66 -16.06 -14.08
C LEU A 462 -13.46 -16.21 -15.58
N PRO A 463 -12.76 -15.25 -16.22
CA PRO A 463 -12.49 -15.28 -17.66
C PRO A 463 -11.50 -16.31 -18.18
N ASP A 464 -11.26 -16.24 -19.50
CA ASP A 464 -10.35 -17.12 -20.22
C ASP A 464 -8.94 -16.54 -20.26
N ILE A 465 -8.31 -16.48 -19.10
CA ILE A 465 -6.98 -15.90 -18.97
C ILE A 465 -5.84 -16.92 -18.87
N PHE A 466 -6.19 -18.20 -18.83
CA PHE A 466 -5.19 -19.25 -18.67
C PHE A 466 -4.81 -19.97 -19.97
N THR A 467 -5.42 -19.54 -21.06
CA THR A 467 -5.21 -20.14 -22.37
C THR A 467 -3.76 -20.24 -22.91
N GLU A 468 -2.82 -19.57 -22.25
CA GLU A 468 -1.43 -19.61 -22.70
C GLU A 468 -0.54 -20.40 -21.74
N LEU A 469 -1.03 -20.57 -20.51
CA LEU A 469 -0.32 -21.29 -19.45
C LEU A 469 -0.42 -22.81 -19.62
N ARG A 470 0.42 -23.36 -20.51
CA ARG A 470 0.40 -24.80 -20.78
C ARG A 470 0.89 -25.74 -19.68
N ASN A 471 2.19 -25.69 -19.38
CA ASN A 471 2.79 -26.56 -18.36
C ASN A 471 2.20 -26.32 -16.96
N LEU A 472 1.23 -25.42 -16.88
CA LEU A 472 0.60 -25.09 -15.60
C LEU A 472 0.15 -26.35 -14.84
N THR A 473 0.82 -26.67 -13.72
CA THR A 473 0.49 -27.85 -12.92
C THR A 473 -0.22 -27.58 -11.58
N PHE A 474 -0.14 -26.35 -11.07
CA PHE A 474 -0.78 -25.99 -9.80
C PHE A 474 -1.52 -24.67 -10.01
N LEU A 475 -2.62 -24.44 -9.29
CA LEU A 475 -3.35 -23.21 -9.47
C LEU A 475 -4.33 -22.94 -8.33
N ASP A 476 -3.89 -22.10 -7.38
CA ASP A 476 -4.73 -21.74 -6.26
C ASP A 476 -5.59 -20.60 -6.79
N LEU A 477 -6.88 -20.60 -6.43
CA LEU A 477 -7.83 -19.58 -6.88
C LEU A 477 -8.85 -19.40 -5.78
N SER A 478 -8.45 -19.65 -4.54
CA SER A 478 -9.36 -19.53 -3.42
C SER A 478 -9.57 -18.11 -2.98
N GLN A 479 -10.52 -17.91 -2.07
CA GLN A 479 -10.86 -16.60 -1.53
C GLN A 479 -11.01 -15.46 -2.54
N CYS A 480 -11.22 -15.79 -3.82
CA CYS A 480 -11.39 -14.77 -4.85
C CYS A 480 -12.82 -14.31 -5.12
N GLN A 481 -13.72 -14.56 -4.15
CA GLN A 481 -15.12 -14.16 -4.29
C GLN A 481 -15.77 -14.55 -5.63
N LEU A 482 -15.23 -15.57 -6.28
CA LEU A 482 -15.75 -16.06 -7.55
C LEU A 482 -17.16 -16.60 -7.41
N GLU A 483 -18.03 -16.30 -8.39
CA GLU A 483 -19.41 -16.76 -8.40
C GLU A 483 -19.73 -17.52 -9.69
N GLN A 484 -19.61 -16.85 -10.83
CA GLN A 484 -19.84 -17.48 -12.12
C GLN A 484 -18.56 -18.16 -12.57
N LEU A 485 -18.54 -18.65 -13.80
CA LEU A 485 -17.35 -19.33 -14.31
C LEU A 485 -17.44 -19.57 -15.82
N SER A 486 -16.39 -19.21 -16.54
CA SER A 486 -16.35 -19.41 -17.98
C SER A 486 -16.08 -20.89 -18.22
N PRO A 487 -16.93 -21.54 -19.03
CA PRO A 487 -16.77 -22.96 -19.32
C PRO A 487 -15.50 -23.30 -20.09
N THR A 488 -14.92 -22.30 -20.78
CA THR A 488 -13.71 -22.54 -21.57
C THR A 488 -12.40 -22.26 -20.84
N ALA A 489 -12.50 -21.74 -19.61
CA ALA A 489 -11.34 -21.41 -18.78
C ALA A 489 -10.19 -22.42 -18.81
N PHE A 490 -10.27 -23.41 -17.94
CA PHE A 490 -9.26 -24.44 -17.78
C PHE A 490 -8.99 -25.34 -19.00
N ASN A 491 -9.84 -25.24 -20.02
CA ASN A 491 -9.73 -26.09 -21.23
C ASN A 491 -8.39 -26.33 -21.93
N SER A 492 -7.35 -25.60 -21.55
CA SER A 492 -6.05 -25.80 -22.18
C SER A 492 -5.01 -26.32 -21.18
N LEU A 493 -5.43 -26.39 -19.92
CA LEU A 493 -4.58 -26.86 -18.82
C LEU A 493 -4.55 -28.39 -18.73
N SER A 494 -3.87 -29.01 -19.70
CA SER A 494 -3.77 -30.46 -19.76
C SER A 494 -2.94 -31.04 -18.60
N SER A 495 -1.82 -30.38 -18.28
CA SER A 495 -0.94 -30.84 -17.22
C SER A 495 -1.40 -30.48 -15.80
N LEU A 496 -2.41 -29.62 -15.70
CA LEU A 496 -2.91 -29.20 -14.39
C LEU A 496 -3.26 -30.41 -13.52
N GLN A 497 -2.71 -30.44 -12.30
CA GLN A 497 -2.92 -31.53 -11.35
C GLN A 497 -3.79 -31.08 -10.16
N VAL A 498 -3.40 -29.99 -9.51
CA VAL A 498 -4.19 -29.49 -8.37
C VAL A 498 -4.96 -28.26 -8.86
N LEU A 499 -6.02 -27.91 -8.13
CA LEU A 499 -6.82 -26.75 -8.51
C LEU A 499 -7.70 -26.35 -7.32
N ASN A 500 -7.22 -25.40 -6.54
CA ASN A 500 -7.91 -24.92 -5.36
C ASN A 500 -8.96 -23.92 -5.82
N MET A 501 -10.18 -24.05 -5.28
CA MET A 501 -11.29 -23.15 -5.59
C MET A 501 -12.03 -23.02 -4.29
N SER A 502 -11.30 -23.25 -3.20
CA SER A 502 -11.85 -23.16 -1.87
C SER A 502 -12.41 -21.81 -1.50
N HIS A 503 -12.95 -21.73 -0.29
CA HIS A 503 -13.54 -20.52 0.27
C HIS A 503 -13.96 -19.40 -0.70
N ASN A 504 -14.69 -19.75 -1.76
CA ASN A 504 -15.19 -18.78 -2.73
C ASN A 504 -16.67 -18.52 -2.47
N ASN A 505 -17.38 -18.09 -3.50
CA ASN A 505 -18.81 -17.82 -3.37
C ASN A 505 -19.64 -18.48 -4.46
N PHE A 506 -19.37 -19.76 -4.70
CA PHE A 506 -20.12 -20.54 -5.67
C PHE A 506 -21.34 -21.09 -4.97
N PHE A 507 -22.45 -21.19 -5.70
CA PHE A 507 -23.69 -21.74 -5.15
C PHE A 507 -24.08 -23.02 -5.88
N SER A 508 -23.57 -23.18 -7.10
CA SER A 508 -23.88 -24.34 -7.93
C SER A 508 -22.69 -25.07 -8.55
N LEU A 509 -22.23 -26.15 -7.90
CA LEU A 509 -21.11 -26.93 -8.42
C LEU A 509 -21.44 -27.45 -9.82
N ASP A 510 -20.50 -27.32 -10.74
CA ASP A 510 -20.67 -27.78 -12.11
C ASP A 510 -19.67 -28.88 -12.39
N THR A 511 -19.56 -29.29 -13.65
CA THR A 511 -18.62 -30.34 -14.03
C THR A 511 -18.16 -30.26 -15.48
N PHE A 512 -18.73 -29.35 -16.25
CA PHE A 512 -18.36 -29.24 -17.66
C PHE A 512 -16.96 -28.69 -17.94
N PRO A 513 -16.59 -27.55 -17.30
CA PRO A 513 -15.26 -26.98 -17.53
C PRO A 513 -14.08 -27.94 -17.32
N TYR A 514 -14.21 -28.83 -16.33
CA TYR A 514 -13.16 -29.78 -15.99
C TYR A 514 -13.05 -31.00 -16.92
N LYS A 515 -13.87 -31.02 -17.96
CA LYS A 515 -13.89 -32.11 -18.92
C LYS A 515 -12.53 -32.49 -19.49
N CYS A 516 -11.72 -31.48 -19.83
CA CYS A 516 -10.42 -31.74 -20.42
C CYS A 516 -9.19 -31.71 -19.50
N LEU A 517 -9.40 -31.74 -18.18
CA LEU A 517 -8.27 -31.71 -17.26
C LEU A 517 -7.62 -33.09 -17.07
N ASN A 518 -7.01 -33.57 -18.15
CA ASN A 518 -6.34 -34.87 -18.19
C ASN A 518 -5.68 -35.28 -16.89
N SER A 519 -4.66 -34.53 -16.50
CA SER A 519 -3.88 -34.82 -15.32
C SER A 519 -4.51 -34.43 -13.99
N LEU A 520 -5.62 -33.68 -14.02
CA LEU A 520 -6.25 -33.25 -12.78
C LEU A 520 -6.39 -34.35 -11.73
N GLN A 521 -5.70 -34.19 -10.60
CA GLN A 521 -5.75 -35.16 -9.52
C GLN A 521 -6.54 -34.64 -8.32
N VAL A 522 -6.31 -33.38 -7.97
CA VAL A 522 -7.01 -32.78 -6.84
C VAL A 522 -7.93 -31.65 -7.27
N LEU A 523 -8.97 -31.41 -6.50
CA LEU A 523 -9.91 -30.35 -6.79
C LEU A 523 -10.67 -29.92 -5.54
N ASP A 524 -10.08 -29.02 -4.76
CA ASP A 524 -10.74 -28.53 -3.56
C ASP A 524 -11.90 -27.64 -4.00
N TYR A 525 -13.01 -27.69 -3.26
CA TYR A 525 -14.20 -26.89 -3.55
C TYR A 525 -14.89 -26.58 -2.22
N SER A 526 -14.17 -26.80 -1.14
CA SER A 526 -14.69 -26.59 0.21
C SER A 526 -15.06 -25.15 0.56
N LEU A 527 -15.51 -24.98 1.80
CA LEU A 527 -15.93 -23.68 2.32
C LEU A 527 -16.69 -22.73 1.38
N ASN A 528 -17.42 -23.29 0.41
CA ASN A 528 -18.21 -22.46 -0.50
C ASN A 528 -19.65 -22.35 0.00
N HIS A 529 -20.58 -22.14 -0.92
CA HIS A 529 -21.99 -22.03 -0.60
C HIS A 529 -22.79 -22.85 -1.61
N ILE A 530 -22.20 -23.98 -2.04
CA ILE A 530 -22.82 -24.88 -3.02
C ILE A 530 -23.95 -25.70 -2.41
N MET A 531 -24.88 -26.13 -3.27
CA MET A 531 -26.03 -26.92 -2.86
C MET A 531 -26.77 -27.42 -4.09
N THR A 532 -26.78 -26.57 -5.12
CA THR A 532 -27.47 -26.88 -6.38
C THR A 532 -26.57 -27.60 -7.38
N SER A 533 -26.94 -27.53 -8.66
CA SER A 533 -26.22 -28.15 -9.76
C SER A 533 -27.02 -27.83 -11.02
N LYS A 534 -26.76 -26.67 -11.60
CA LYS A 534 -27.49 -26.18 -12.79
C LYS A 534 -27.31 -26.97 -14.10
N LYS A 535 -26.81 -28.20 -13.99
CA LYS A 535 -26.62 -29.09 -15.14
C LYS A 535 -26.16 -30.48 -14.66
N GLN A 536 -27.05 -31.45 -14.74
CA GLN A 536 -26.78 -32.82 -14.30
C GLN A 536 -25.83 -33.62 -15.19
N GLU A 537 -24.79 -32.97 -15.69
CA GLU A 537 -23.79 -33.63 -16.53
C GLU A 537 -22.62 -33.94 -15.60
N LEU A 538 -22.99 -34.35 -14.39
CA LEU A 538 -22.07 -34.67 -13.31
C LEU A 538 -21.09 -35.82 -13.56
N GLN A 539 -20.97 -36.27 -14.81
CA GLN A 539 -20.04 -37.37 -15.10
C GLN A 539 -18.69 -36.88 -15.60
N HIS A 540 -18.66 -35.67 -16.14
CA HIS A 540 -17.45 -35.08 -16.69
C HIS A 540 -16.33 -34.69 -15.72
N PHE A 541 -15.84 -35.66 -14.93
CA PHE A 541 -14.73 -35.44 -13.99
C PHE A 541 -13.58 -36.31 -14.52
N PRO A 542 -12.46 -35.71 -14.92
CA PRO A 542 -11.28 -36.41 -15.43
C PRO A 542 -11.03 -37.81 -14.89
N SER A 543 -10.55 -38.68 -15.77
CA SER A 543 -10.26 -40.08 -15.43
C SER A 543 -9.19 -40.28 -14.37
N SER A 544 -8.33 -39.28 -14.17
CA SER A 544 -7.26 -39.39 -13.18
C SER A 544 -7.65 -38.78 -11.83
N LEU A 545 -8.67 -37.93 -11.84
CA LEU A 545 -9.15 -37.26 -10.63
C LEU A 545 -9.29 -38.21 -9.44
N ALA A 546 -8.37 -38.13 -8.48
CA ALA A 546 -8.41 -38.98 -7.31
C ALA A 546 -9.17 -38.31 -6.19
N PHE A 547 -8.62 -37.24 -5.64
CA PHE A 547 -9.28 -36.52 -4.56
C PHE A 547 -10.24 -35.44 -5.04
N LEU A 548 -11.24 -35.11 -4.22
CA LEU A 548 -12.22 -34.09 -4.54
C LEU A 548 -12.89 -33.58 -3.28
N ASN A 549 -12.22 -32.67 -2.58
CA ASN A 549 -12.74 -32.10 -1.36
C ASN A 549 -14.04 -31.36 -1.71
N LEU A 550 -15.01 -31.41 -0.82
CA LEU A 550 -16.30 -30.74 -1.00
C LEU A 550 -16.81 -30.46 0.39
N THR A 551 -15.93 -30.63 1.36
CA THR A 551 -16.24 -30.44 2.76
C THR A 551 -16.75 -29.06 3.11
N GLN A 552 -17.61 -29.01 4.13
CA GLN A 552 -18.18 -27.77 4.62
C GLN A 552 -18.84 -26.91 3.54
N ASN A 553 -20.16 -26.95 3.48
CA ASN A 553 -20.93 -26.19 2.51
C ASN A 553 -22.33 -25.95 3.06
N ASP A 554 -23.24 -25.57 2.18
CA ASP A 554 -24.61 -25.31 2.59
C ASP A 554 -25.55 -26.11 1.69
N PHE A 555 -25.36 -27.42 1.71
CA PHE A 555 -26.15 -28.35 0.90
C PHE A 555 -27.65 -28.19 1.13
N ALA A 556 -28.43 -28.70 0.19
CA ALA A 556 -29.88 -28.67 0.26
C ALA A 556 -30.38 -30.11 0.48
N CYS A 557 -30.66 -30.46 1.73
CA CYS A 557 -31.12 -31.82 2.05
C CYS A 557 -32.64 -31.94 2.12
N THR A 558 -33.31 -31.60 1.02
CA THR A 558 -34.75 -31.70 0.87
C THR A 558 -34.92 -32.42 -0.46
N CYS A 559 -35.99 -33.21 -0.62
CA CYS A 559 -36.16 -33.95 -1.88
C CYS A 559 -36.00 -33.07 -3.12
N GLU A 560 -36.13 -31.76 -2.96
CA GLU A 560 -35.99 -30.83 -4.06
C GLU A 560 -34.74 -31.10 -4.90
N HIS A 561 -33.68 -31.54 -4.23
CA HIS A 561 -32.42 -31.82 -4.91
C HIS A 561 -31.97 -33.26 -4.66
N GLN A 562 -32.87 -34.20 -4.93
CA GLN A 562 -32.58 -35.62 -4.76
C GLN A 562 -31.60 -36.05 -5.84
N SER A 563 -31.72 -35.44 -7.01
CA SER A 563 -30.88 -35.75 -8.16
C SER A 563 -29.40 -35.46 -7.92
N PHE A 564 -29.10 -34.36 -7.25
CA PHE A 564 -27.72 -33.98 -6.96
C PHE A 564 -27.17 -34.56 -5.66
N LEU A 565 -28.01 -34.58 -4.62
CA LEU A 565 -27.59 -35.11 -3.32
C LEU A 565 -27.25 -36.59 -3.43
N GLN A 566 -27.77 -37.23 -4.48
CA GLN A 566 -27.53 -38.65 -4.73
C GLN A 566 -26.16 -38.84 -5.39
N TRP A 567 -25.86 -38.00 -6.37
CA TRP A 567 -24.57 -38.06 -7.08
C TRP A 567 -23.39 -38.01 -6.11
N ILE A 568 -23.59 -37.34 -4.98
CA ILE A 568 -22.56 -37.20 -3.96
C ILE A 568 -22.28 -38.59 -3.38
N LYS A 569 -23.35 -39.33 -3.11
CA LYS A 569 -23.23 -40.68 -2.56
C LYS A 569 -22.61 -41.59 -3.61
N ASP A 570 -23.16 -41.54 -4.82
CA ASP A 570 -22.71 -42.36 -5.94
C ASP A 570 -21.20 -42.50 -6.10
N GLN A 571 -20.46 -41.44 -5.78
CA GLN A 571 -19.01 -41.50 -5.90
C GLN A 571 -18.30 -40.98 -4.67
N ARG A 572 -18.48 -41.67 -3.55
CA ARG A 572 -17.85 -41.30 -2.31
C ARG A 572 -16.47 -41.94 -2.28
N GLN A 573 -16.00 -42.35 -3.46
CA GLN A 573 -14.69 -42.94 -3.60
C GLN A 573 -13.73 -41.91 -4.14
N LEU A 574 -14.18 -40.66 -4.17
CA LEU A 574 -13.38 -39.52 -4.64
C LEU A 574 -13.35 -38.46 -3.55
N LEU A 575 -14.41 -38.38 -2.76
CA LEU A 575 -14.52 -37.40 -1.69
C LEU A 575 -13.43 -37.46 -0.63
N VAL A 576 -13.63 -36.70 0.44
CA VAL A 576 -12.69 -36.63 1.55
C VAL A 576 -13.46 -36.62 2.87
N GLU A 577 -12.96 -35.89 3.86
CA GLU A 577 -13.60 -35.81 5.17
C GLU A 577 -15.12 -35.71 5.11
N VAL A 578 -15.81 -36.83 5.25
CA VAL A 578 -17.27 -36.84 5.19
C VAL A 578 -17.98 -36.39 6.47
N GLU A 579 -17.30 -36.46 7.61
CA GLU A 579 -17.91 -36.03 8.88
C GLU A 579 -17.97 -34.50 8.99
N ARG A 580 -17.66 -33.83 7.89
CA ARG A 580 -17.68 -32.37 7.83
C ARG A 580 -18.52 -31.88 6.66
N MET A 581 -19.34 -32.76 6.10
CA MET A 581 -20.21 -32.41 4.99
C MET A 581 -21.66 -32.28 5.45
N GLU A 582 -21.83 -31.81 6.68
CA GLU A 582 -23.15 -31.62 7.29
C GLU A 582 -24.15 -30.87 6.41
N CYS A 583 -25.43 -31.18 6.59
CA CYS A 583 -26.49 -30.53 5.82
C CYS A 583 -26.63 -29.09 6.31
N ALA A 584 -27.56 -28.35 5.70
CA ALA A 584 -27.77 -26.97 6.10
C ALA A 584 -29.22 -26.49 5.99
N THR A 585 -29.95 -26.97 4.99
CA THR A 585 -31.33 -26.52 4.79
C THR A 585 -32.44 -27.02 5.74
N PRO A 586 -32.49 -28.31 6.07
CA PRO A 586 -33.56 -28.72 6.98
C PRO A 586 -33.34 -28.15 8.39
N SER A 587 -34.17 -27.19 8.79
CA SER A 587 -34.04 -26.57 10.11
C SER A 587 -34.21 -27.61 11.21
N ASP A 588 -34.58 -28.82 10.81
CA ASP A 588 -34.80 -29.94 11.73
C ASP A 588 -33.75 -31.03 11.47
N LYS A 589 -33.28 -31.12 10.23
CA LYS A 589 -32.27 -32.12 9.87
C LYS A 589 -31.00 -31.43 9.33
N GLN A 590 -30.17 -30.95 10.25
CA GLN A 590 -28.93 -30.27 9.92
C GLN A 590 -27.79 -30.80 10.79
N GLY A 591 -26.73 -31.30 10.15
CA GLY A 591 -25.60 -31.82 10.89
C GLY A 591 -25.37 -33.31 10.66
N MET A 592 -26.26 -33.91 9.88
CA MET A 592 -26.17 -35.33 9.57
C MET A 592 -25.42 -35.47 8.24
N PRO A 593 -24.46 -36.41 8.16
CA PRO A 593 -23.70 -36.60 6.92
C PRO A 593 -24.59 -36.82 5.68
N VAL A 594 -24.32 -36.03 4.64
CA VAL A 594 -25.07 -36.11 3.39
C VAL A 594 -25.01 -37.50 2.76
N LEU A 595 -23.93 -38.23 3.05
CA LEU A 595 -23.77 -39.59 2.53
C LEU A 595 -24.54 -40.56 3.40
N SER A 596 -25.60 -40.07 4.05
CA SER A 596 -26.44 -40.87 4.95
C SER A 596 -27.82 -40.24 5.15
N LEU A 597 -28.66 -40.26 4.12
CA LEU A 597 -29.99 -39.67 4.21
C LEU A 597 -31.14 -40.53 3.69
N ASN A 598 -32.27 -40.48 4.38
CA ASN A 598 -33.48 -41.21 3.98
C ASN A 598 -34.07 -40.48 2.78
N ILE A 599 -33.70 -40.94 1.59
CA ILE A 599 -34.17 -40.32 0.34
C ILE A 599 -35.65 -40.64 0.09
N THR A 600 -36.48 -40.32 1.07
CA THR A 600 -37.93 -40.56 0.98
C THR A 600 -38.70 -39.36 0.40
N CYS A 601 -39.24 -39.55 -0.80
CA CYS A 601 -40.01 -38.51 -1.49
C CYS A 601 -41.44 -38.97 -1.75
N GLU B 1 -37.38 25.09 -38.63
CA GLU B 1 -36.73 25.04 -37.28
C GLU B 1 -35.74 23.87 -37.19
N PRO B 2 -34.80 23.76 -38.14
CA PRO B 2 -33.88 22.63 -38.00
C PRO B 2 -33.06 22.76 -36.71
N CYS B 3 -33.32 23.84 -35.96
CA CYS B 3 -32.64 24.14 -34.69
C CYS B 3 -32.93 23.08 -33.65
N VAL B 4 -32.22 23.17 -32.54
CA VAL B 4 -32.42 22.24 -31.42
C VAL B 4 -32.99 23.05 -30.27
N GLU B 5 -34.15 22.63 -29.79
CA GLU B 5 -34.82 23.30 -28.68
C GLU B 5 -34.34 22.67 -27.37
N VAL B 6 -33.36 23.31 -26.71
CA VAL B 6 -32.83 22.78 -25.46
C VAL B 6 -33.78 22.99 -24.29
N VAL B 7 -34.24 24.22 -24.11
CA VAL B 7 -35.17 24.55 -23.05
C VAL B 7 -36.33 25.28 -23.73
N PRO B 8 -37.48 24.58 -23.93
CA PRO B 8 -38.63 25.20 -24.59
C PRO B 8 -38.93 26.63 -24.15
N ASN B 9 -39.29 27.46 -25.14
CA ASN B 9 -39.61 28.86 -24.92
C ASN B 9 -38.45 29.64 -24.27
N ILE B 10 -37.30 29.00 -24.07
CA ILE B 10 -36.16 29.66 -23.41
C ILE B 10 -34.76 29.61 -24.07
N THR B 11 -34.26 28.42 -24.40
CA THR B 11 -32.93 28.27 -25.01
C THR B 11 -32.86 27.43 -26.30
N TYR B 12 -32.35 28.02 -27.37
CA TYR B 12 -32.21 27.34 -28.67
C TYR B 12 -30.78 27.40 -29.23
N GLN B 13 -30.30 26.27 -29.74
CA GLN B 13 -28.96 26.18 -30.32
C GLN B 13 -29.03 25.82 -31.79
N CYS B 14 -28.97 26.83 -32.64
CA CYS B 14 -29.02 26.62 -34.08
C CYS B 14 -27.58 26.69 -34.60
N MET B 15 -26.72 25.83 -34.07
CA MET B 15 -25.32 25.81 -34.46
C MET B 15 -24.99 24.97 -35.68
N GLU B 16 -24.27 25.59 -36.60
CA GLU B 16 -23.82 24.93 -37.83
C GLU B 16 -24.92 24.23 -38.62
N LEU B 17 -25.85 25.02 -39.14
CA LEU B 17 -26.97 24.52 -39.92
C LEU B 17 -27.12 25.32 -41.22
N ASN B 18 -26.01 25.86 -41.70
CA ASN B 18 -25.97 26.64 -42.93
C ASN B 18 -26.93 27.80 -43.00
N PHE B 19 -27.10 28.52 -41.89
CA PHE B 19 -27.98 29.68 -41.90
C PHE B 19 -27.24 30.87 -42.50
N TYR B 20 -27.80 31.44 -43.57
CA TYR B 20 -27.19 32.59 -44.22
C TYR B 20 -27.85 33.87 -43.69
N LYS B 21 -28.95 33.66 -42.97
CA LYS B 21 -29.73 34.74 -42.37
C LYS B 21 -30.30 34.28 -41.02
N ILE B 22 -30.39 35.21 -40.06
CA ILE B 22 -30.89 34.92 -38.73
C ILE B 22 -32.29 34.28 -38.76
N PRO B 23 -32.48 33.19 -38.00
CA PRO B 23 -33.81 32.57 -38.03
C PRO B 23 -34.87 33.53 -37.48
N ASP B 24 -36.13 33.16 -37.67
CA ASP B 24 -37.25 33.98 -37.23
C ASP B 24 -38.35 33.08 -36.69
N ASN B 25 -38.28 31.81 -37.08
CA ASN B 25 -39.26 30.84 -36.65
C ASN B 25 -39.09 30.42 -35.20
N LEU B 26 -38.45 31.28 -34.41
CA LEU B 26 -38.21 30.99 -33.00
C LEU B 26 -38.96 31.94 -32.08
N PRO B 27 -39.38 31.45 -30.91
CA PRO B 27 -40.12 32.22 -29.90
C PRO B 27 -39.54 33.61 -29.57
N PHE B 28 -40.37 34.48 -29.01
CA PHE B 28 -39.95 35.83 -28.63
C PHE B 28 -39.35 35.83 -27.24
N SER B 29 -39.76 34.84 -26.45
CA SER B 29 -39.30 34.69 -25.07
C SER B 29 -37.86 34.22 -24.94
N THR B 30 -37.28 33.80 -26.06
CA THR B 30 -35.90 33.31 -26.10
C THR B 30 -34.90 34.20 -25.36
N LYS B 31 -34.11 33.58 -24.49
CA LYS B 31 -33.11 34.28 -23.69
C LYS B 31 -31.66 33.90 -24.05
N ASN B 32 -31.49 32.69 -24.58
CA ASN B 32 -30.17 32.19 -24.97
C ASN B 32 -30.18 31.62 -26.39
N LEU B 33 -29.45 32.26 -27.29
CA LEU B 33 -29.39 31.83 -28.68
C LEU B 33 -27.96 31.63 -29.15
N ASP B 34 -27.70 30.46 -29.71
CA ASP B 34 -26.37 30.10 -30.23
C ASP B 34 -26.46 29.99 -31.76
N LEU B 35 -25.80 30.89 -32.48
CA LEU B 35 -25.82 30.87 -33.94
C LEU B 35 -24.42 30.67 -34.48
N SER B 36 -23.63 29.90 -33.74
CA SER B 36 -22.25 29.60 -34.09
C SER B 36 -22.11 28.76 -35.36
N PHE B 37 -20.95 28.89 -35.98
CA PHE B 37 -20.62 28.16 -37.19
C PHE B 37 -21.65 28.20 -38.30
N ASN B 38 -22.15 29.41 -38.57
CA ASN B 38 -23.12 29.64 -39.64
C ASN B 38 -22.59 30.82 -40.42
N PRO B 39 -22.67 30.77 -41.76
CA PRO B 39 -22.16 31.87 -42.60
C PRO B 39 -23.09 33.09 -42.67
N LEU B 40 -23.02 33.96 -41.66
CA LEU B 40 -23.88 35.13 -41.63
C LEU B 40 -23.22 36.16 -42.54
N ARG B 41 -21.98 36.52 -42.22
CA ARG B 41 -21.17 37.43 -43.02
C ARG B 41 -21.55 38.91 -43.17
N HIS B 42 -22.73 39.31 -42.69
CA HIS B 42 -23.15 40.71 -42.82
C HIS B 42 -24.13 40.92 -41.69
N LEU B 43 -23.71 41.69 -40.70
CA LEU B 43 -24.57 42.00 -39.57
C LEU B 43 -25.08 43.42 -39.80
N GLY B 44 -26.31 43.53 -40.29
CA GLY B 44 -26.90 44.83 -40.58
C GLY B 44 -27.74 45.38 -39.45
N SER B 45 -28.28 46.59 -39.66
CA SER B 45 -29.11 47.25 -38.65
C SER B 45 -30.32 46.44 -38.22
N TYR B 46 -30.58 46.45 -36.91
CA TYR B 46 -31.69 45.72 -36.34
C TYR B 46 -31.76 44.27 -36.82
N SER B 47 -30.60 43.62 -36.88
CA SER B 47 -30.49 42.22 -37.31
C SER B 47 -31.25 41.31 -36.37
N PHE B 48 -31.21 41.65 -35.09
CA PHE B 48 -31.92 40.87 -34.08
C PHE B 48 -33.05 41.74 -33.60
N PHE B 49 -34.26 41.25 -33.78
CA PHE B 49 -35.45 41.96 -33.33
C PHE B 49 -36.46 40.88 -32.93
N SER B 50 -36.30 39.71 -33.52
CA SER B 50 -37.19 38.59 -33.23
C SER B 50 -36.96 38.10 -31.80
N PHE B 51 -35.91 38.61 -31.17
CA PHE B 51 -35.54 38.24 -29.79
C PHE B 51 -35.30 39.48 -28.97
N PRO B 52 -36.36 40.08 -28.42
CA PRO B 52 -36.18 41.30 -27.63
C PRO B 52 -35.79 40.99 -26.20
N GLU B 53 -36.01 39.74 -25.78
CA GLU B 53 -35.71 39.37 -24.40
C GLU B 53 -34.43 38.52 -24.24
N LEU B 54 -33.50 38.69 -25.18
CA LEU B 54 -32.21 37.95 -25.18
C LEU B 54 -31.17 38.41 -24.15
N GLN B 55 -30.53 37.43 -23.52
CA GLN B 55 -29.51 37.68 -22.51
C GLN B 55 -28.13 37.19 -22.95
N VAL B 56 -28.09 36.09 -23.70
CA VAL B 56 -26.84 35.50 -24.17
C VAL B 56 -26.82 35.20 -25.67
N LEU B 57 -25.91 35.83 -26.41
CA LEU B 57 -25.81 35.63 -27.86
C LEU B 57 -24.45 35.11 -28.31
N ASP B 58 -24.42 33.93 -28.94
CA ASP B 58 -23.17 33.32 -29.43
C ASP B 58 -23.02 33.37 -30.97
N LEU B 59 -22.15 34.24 -31.45
CA LEU B 59 -21.91 34.37 -32.88
C LEU B 59 -20.50 33.91 -33.23
N SER B 60 -20.05 32.87 -32.56
CA SER B 60 -18.73 32.31 -32.77
C SER B 60 -18.53 31.76 -34.19
N ARG B 61 -17.41 32.12 -34.80
CA ARG B 61 -17.05 31.64 -36.14
C ARG B 61 -18.19 31.73 -37.14
N CYS B 62 -18.68 32.94 -37.39
CA CYS B 62 -19.78 33.13 -38.33
C CYS B 62 -19.40 33.93 -39.56
N GLU B 63 -18.12 33.93 -39.88
CA GLU B 63 -17.64 34.66 -41.05
C GLU B 63 -18.08 36.11 -41.05
N ILE B 64 -18.52 36.64 -39.91
CA ILE B 64 -18.95 38.04 -39.87
C ILE B 64 -17.80 38.98 -40.28
N GLN B 65 -18.00 39.67 -41.40
CA GLN B 65 -17.00 40.57 -41.94
C GLN B 65 -17.23 42.05 -41.63
N THR B 66 -18.50 42.44 -41.53
CA THR B 66 -18.87 43.82 -41.24
C THR B 66 -20.13 43.92 -40.38
N ILE B 67 -20.03 44.71 -39.31
CA ILE B 67 -21.15 44.94 -38.41
C ILE B 67 -21.44 46.42 -38.56
N GLU B 68 -22.70 46.75 -38.82
CA GLU B 68 -23.11 48.13 -39.04
C GLU B 68 -23.73 48.78 -37.80
N ASP B 69 -24.06 50.06 -37.92
CA ASP B 69 -24.65 50.82 -36.83
C ASP B 69 -25.93 50.19 -36.32
N GLY B 70 -26.02 50.03 -35.00
CA GLY B 70 -27.19 49.44 -34.39
C GLY B 70 -27.63 48.10 -34.94
N ALA B 71 -26.76 47.10 -34.81
CA ALA B 71 -27.09 45.76 -35.29
C ALA B 71 -27.85 45.05 -34.16
N TYR B 72 -27.52 45.41 -32.92
CA TYR B 72 -28.17 44.82 -31.76
C TYR B 72 -28.97 45.90 -31.04
N GLN B 73 -29.44 46.88 -31.79
CA GLN B 73 -30.18 48.00 -31.21
C GLN B 73 -31.33 47.64 -30.27
N SER B 74 -31.99 46.52 -30.52
CA SER B 74 -33.13 46.14 -29.69
C SER B 74 -32.86 45.08 -28.62
N LEU B 75 -31.61 44.96 -28.20
CA LEU B 75 -31.25 43.94 -27.19
C LEU B 75 -30.82 44.59 -25.86
N SER B 76 -31.79 45.19 -25.17
CA SER B 76 -31.54 45.87 -23.92
C SER B 76 -31.21 44.93 -22.76
N HIS B 77 -31.63 43.67 -22.87
CA HIS B 77 -31.38 42.71 -21.80
C HIS B 77 -30.11 41.85 -22.01
N LEU B 78 -29.58 41.86 -23.23
CA LEU B 78 -28.38 41.09 -23.54
C LEU B 78 -27.21 41.47 -22.64
N SER B 79 -26.65 40.48 -21.97
CA SER B 79 -25.50 40.69 -21.06
C SER B 79 -24.20 40.05 -21.57
N THR B 80 -24.33 39.09 -22.47
CA THR B 80 -23.20 38.39 -23.04
C THR B 80 -23.27 38.29 -24.57
N LEU B 81 -22.21 38.75 -25.22
CA LEU B 81 -22.10 38.73 -26.67
C LEU B 81 -20.75 38.11 -27.00
N ILE B 82 -20.77 37.03 -27.77
CA ILE B 82 -19.56 36.31 -28.16
C ILE B 82 -19.35 36.39 -29.67
N LEU B 83 -18.23 36.97 -30.08
CA LEU B 83 -17.95 37.11 -31.51
C LEU B 83 -16.64 36.43 -31.86
N THR B 84 -16.25 35.44 -31.07
CA THR B 84 -15.00 34.71 -31.28
C THR B 84 -14.80 34.20 -32.73
N GLY B 85 -13.60 34.46 -33.25
CA GLY B 85 -13.24 34.00 -34.58
C GLY B 85 -13.92 34.56 -35.81
N ASN B 86 -14.23 35.85 -35.79
CA ASN B 86 -14.85 36.45 -36.94
C ASN B 86 -13.89 37.39 -37.62
N PRO B 87 -13.75 37.26 -38.95
CA PRO B 87 -12.85 38.12 -39.73
C PRO B 87 -13.45 39.50 -39.94
N ILE B 88 -13.40 40.33 -38.91
CA ILE B 88 -13.97 41.66 -39.03
C ILE B 88 -13.10 42.65 -39.81
N GLN B 89 -13.73 43.30 -40.79
CA GLN B 89 -13.08 44.28 -41.64
C GLN B 89 -13.60 45.67 -41.32
N SER B 90 -14.91 45.78 -41.15
CA SER B 90 -15.54 47.07 -40.86
C SER B 90 -16.45 46.97 -39.64
N LEU B 91 -16.16 47.83 -38.66
CA LEU B 91 -16.91 47.87 -37.42
C LEU B 91 -17.48 49.27 -37.23
N ALA B 92 -18.77 49.43 -37.51
CA ALA B 92 -19.47 50.72 -37.40
C ALA B 92 -19.28 51.44 -36.07
N LEU B 93 -19.09 52.75 -36.15
CA LEU B 93 -18.88 53.61 -34.99
C LEU B 93 -19.89 53.34 -33.86
N GLY B 94 -21.08 52.87 -34.22
CA GLY B 94 -22.08 52.57 -33.21
C GLY B 94 -22.68 51.19 -33.37
N ALA B 95 -21.81 50.20 -33.54
CA ALA B 95 -22.25 48.83 -33.73
C ALA B 95 -22.82 48.23 -32.45
N PHE B 96 -22.25 48.61 -31.32
CA PHE B 96 -22.69 48.07 -30.04
C PHE B 96 -23.69 48.94 -29.27
N SER B 97 -24.43 49.76 -30.01
CA SER B 97 -25.42 50.63 -29.40
C SER B 97 -26.72 49.82 -29.15
N GLY B 98 -27.27 49.96 -27.94
CA GLY B 98 -28.49 49.26 -27.57
C GLY B 98 -28.26 48.26 -26.45
N LEU B 99 -27.03 47.78 -26.31
CA LEU B 99 -26.67 46.81 -25.28
C LEU B 99 -26.42 47.53 -23.95
N SER B 100 -27.50 48.07 -23.40
CA SER B 100 -27.45 48.81 -22.14
C SER B 100 -27.22 47.93 -20.93
N SER B 101 -27.13 46.62 -21.16
CA SER B 101 -26.94 45.65 -20.08
C SER B 101 -25.77 44.70 -20.31
N LEU B 102 -24.97 44.97 -21.33
CA LEU B 102 -23.85 44.08 -21.63
C LEU B 102 -22.81 44.08 -20.53
N GLN B 103 -22.55 42.90 -20.01
CA GLN B 103 -21.55 42.70 -18.96
C GLN B 103 -20.29 42.00 -19.48
N LYS B 104 -20.48 41.06 -20.41
CA LYS B 104 -19.39 40.30 -20.98
C LYS B 104 -19.31 40.40 -22.51
N LEU B 105 -18.19 40.92 -23.00
CA LEU B 105 -17.97 41.05 -24.45
C LEU B 105 -16.75 40.21 -24.86
N VAL B 106 -16.97 39.21 -25.69
CA VAL B 106 -15.89 38.34 -26.14
C VAL B 106 -15.54 38.57 -27.60
N ALA B 107 -14.39 39.19 -27.85
CA ALA B 107 -13.95 39.46 -29.21
C ALA B 107 -12.57 38.82 -29.49
N VAL B 108 -12.44 37.54 -29.13
CA VAL B 108 -11.20 36.81 -29.33
C VAL B 108 -11.03 36.48 -30.79
N GLU B 109 -9.82 36.70 -31.31
CA GLU B 109 -9.49 36.45 -32.71
C GLU B 109 -10.57 37.02 -33.60
N THR B 110 -10.66 38.36 -33.60
CA THR B 110 -11.64 39.10 -34.42
C THR B 110 -10.91 40.15 -35.26
N ASN B 111 -9.65 39.87 -35.57
CA ASN B 111 -8.84 40.75 -36.40
C ASN B 111 -8.65 42.15 -35.82
N LEU B 112 -9.04 42.32 -34.57
CA LEU B 112 -8.93 43.60 -33.90
C LEU B 112 -7.47 44.05 -33.84
N ALA B 113 -7.16 45.19 -34.44
CA ALA B 113 -5.79 45.71 -34.47
C ALA B 113 -5.46 46.79 -33.43
N SER B 114 -6.46 47.48 -32.91
CA SER B 114 -6.23 48.52 -31.93
C SER B 114 -7.42 48.71 -31.02
N LEU B 115 -7.13 48.87 -29.73
CA LEU B 115 -8.17 49.06 -28.73
C LEU B 115 -8.73 50.48 -28.87
N GLU B 116 -7.95 51.35 -29.53
CA GLU B 116 -8.30 52.76 -29.75
C GLU B 116 -9.62 53.03 -30.42
N ASN B 117 -9.88 52.32 -31.50
CA ASN B 117 -11.12 52.56 -32.23
C ASN B 117 -12.26 51.58 -31.96
N PHE B 118 -12.09 50.69 -30.99
CA PHE B 118 -13.14 49.72 -30.63
C PHE B 118 -14.30 50.53 -29.99
N PRO B 119 -15.46 50.61 -30.68
CA PRO B 119 -16.65 51.35 -30.21
C PRO B 119 -17.43 50.79 -29.02
N ILE B 120 -16.81 50.75 -27.85
CA ILE B 120 -17.46 50.23 -26.64
C ILE B 120 -17.52 51.22 -25.48
N GLY B 121 -16.85 52.37 -25.65
CA GLY B 121 -16.80 53.38 -24.61
C GLY B 121 -18.07 53.81 -23.89
N HIS B 122 -19.23 53.34 -24.34
CA HIS B 122 -20.49 53.70 -23.70
C HIS B 122 -21.12 52.58 -22.88
N LEU B 123 -20.56 51.38 -22.98
CA LEU B 123 -21.06 50.23 -22.24
C LEU B 123 -20.54 50.30 -20.81
N LYS B 124 -21.23 51.06 -19.96
CA LYS B 124 -20.83 51.25 -18.57
C LYS B 124 -20.98 50.01 -17.71
N THR B 125 -21.92 49.15 -18.07
CA THR B 125 -22.17 47.93 -17.31
C THR B 125 -21.17 46.79 -17.56
N LEU B 126 -20.28 46.99 -18.53
CA LEU B 126 -19.27 46.00 -18.93
C LEU B 126 -18.39 45.55 -17.77
N LYS B 127 -18.49 44.26 -17.41
CA LYS B 127 -17.69 43.69 -16.33
C LYS B 127 -16.39 43.09 -16.87
N GLU B 128 -16.48 42.34 -17.96
CA GLU B 128 -15.30 41.73 -18.56
C GLU B 128 -15.21 41.87 -20.10
N LEU B 129 -14.02 42.20 -20.56
CA LEU B 129 -13.75 42.41 -21.97
C LEU B 129 -12.58 41.53 -22.40
N ASN B 130 -12.88 40.50 -23.19
CA ASN B 130 -11.87 39.55 -23.68
C ASN B 130 -11.48 39.79 -25.14
N VAL B 131 -10.27 40.31 -25.36
CA VAL B 131 -9.80 40.59 -26.69
C VAL B 131 -8.45 39.91 -26.94
N ALA B 132 -8.37 38.63 -26.57
CA ALA B 132 -7.14 37.85 -26.74
C ALA B 132 -7.04 37.26 -28.13
N HIS B 133 -5.81 36.97 -28.54
CA HIS B 133 -5.54 36.41 -29.86
C HIS B 133 -5.89 37.43 -30.95
N ASN B 134 -5.33 38.63 -30.81
CA ASN B 134 -5.56 39.70 -31.77
C ASN B 134 -4.27 40.45 -32.12
N LEU B 135 -4.37 41.41 -33.01
CA LEU B 135 -3.19 42.15 -33.51
C LEU B 135 -2.77 43.43 -32.78
N ILE B 136 -3.18 43.58 -31.53
CA ILE B 136 -2.84 44.76 -30.77
C ILE B 136 -1.35 44.89 -30.48
N GLN B 137 -0.78 46.06 -30.74
CA GLN B 137 0.65 46.30 -30.53
C GLN B 137 0.99 47.24 -29.38
N SER B 138 0.01 48.05 -28.98
CA SER B 138 0.22 49.02 -27.91
C SER B 138 -0.57 48.66 -26.67
N PHE B 139 -0.02 49.02 -25.51
CA PHE B 139 -0.71 48.76 -24.24
C PHE B 139 -1.44 50.03 -23.77
N LYS B 140 -1.24 51.12 -24.49
CA LYS B 140 -1.87 52.39 -24.16
C LYS B 140 -3.41 52.25 -24.16
N LEU B 141 -3.98 52.18 -22.96
CA LEU B 141 -5.42 52.05 -22.79
C LEU B 141 -6.13 53.29 -23.30
N PRO B 142 -7.24 53.11 -24.04
CA PRO B 142 -7.97 54.24 -24.59
C PRO B 142 -8.53 55.16 -23.51
N GLU B 143 -8.89 56.38 -23.90
CA GLU B 143 -9.44 57.34 -22.94
C GLU B 143 -10.83 56.93 -22.49
N TYR B 144 -11.60 56.32 -23.40
CA TYR B 144 -12.95 55.91 -23.07
C TYR B 144 -13.03 54.93 -21.91
N PHE B 145 -11.89 54.41 -21.47
CA PHE B 145 -11.87 53.47 -20.36
C PHE B 145 -12.45 54.07 -19.07
N SER B 146 -12.56 55.39 -19.02
CA SER B 146 -13.11 56.06 -17.87
C SER B 146 -14.59 55.68 -17.74
N ASN B 147 -15.37 55.90 -18.78
CA ASN B 147 -16.79 55.56 -18.72
C ASN B 147 -17.00 54.08 -18.39
N LEU B 148 -15.95 53.27 -18.60
CA LEU B 148 -16.02 51.83 -18.32
C LEU B 148 -15.70 51.63 -16.84
N THR B 149 -16.65 51.99 -15.98
CA THR B 149 -16.44 51.93 -14.54
C THR B 149 -16.71 50.60 -13.83
N ASN B 150 -17.24 49.61 -14.53
CA ASN B 150 -17.54 48.32 -13.91
C ASN B 150 -16.64 47.21 -14.45
N LEU B 151 -15.60 47.60 -15.17
CA LEU B 151 -14.69 46.61 -15.75
C LEU B 151 -13.79 45.98 -14.70
N GLU B 152 -13.77 44.65 -14.64
CA GLU B 152 -12.94 43.93 -13.68
C GLU B 152 -11.99 42.96 -14.37
N HIS B 153 -12.34 42.55 -15.58
CA HIS B 153 -11.53 41.59 -16.31
C HIS B 153 -11.13 42.05 -17.72
N LEU B 154 -9.84 42.08 -17.98
CA LEU B 154 -9.32 42.45 -19.30
C LEU B 154 -8.32 41.40 -19.77
N ASP B 155 -8.61 40.76 -20.90
CA ASP B 155 -7.74 39.74 -21.47
C ASP B 155 -7.04 40.27 -22.73
N LEU B 156 -5.75 40.57 -22.62
CA LEU B 156 -4.95 41.07 -23.74
C LEU B 156 -3.88 40.02 -24.09
N SER B 157 -4.06 38.80 -23.60
CA SER B 157 -3.11 37.72 -23.86
C SER B 157 -3.11 37.31 -25.33
N SER B 158 -1.95 36.83 -25.79
CA SER B 158 -1.75 36.39 -27.16
C SER B 158 -1.97 37.51 -28.17
N ASN B 159 -1.29 38.62 -27.97
CA ASN B 159 -1.41 39.74 -28.91
C ASN B 159 0.00 40.12 -29.34
N LYS B 160 0.20 41.34 -29.81
CA LYS B 160 1.52 41.74 -30.28
C LYS B 160 2.19 42.85 -29.50
N ILE B 161 1.82 43.04 -28.25
CA ILE B 161 2.46 44.08 -27.45
C ILE B 161 3.92 43.70 -27.22
N GLN B 162 4.83 44.66 -27.43
CA GLN B 162 6.26 44.41 -27.26
C GLN B 162 6.91 45.33 -26.24
N SER B 163 6.18 46.37 -25.84
CA SER B 163 6.71 47.31 -24.86
C SER B 163 5.64 48.16 -24.16
N ILE B 164 5.95 48.57 -22.94
CA ILE B 164 5.03 49.39 -22.16
C ILE B 164 5.73 50.69 -21.74
N TYR B 165 5.19 51.82 -22.21
CA TYR B 165 5.73 53.13 -21.89
C TYR B 165 4.84 53.77 -20.85
N CYS B 166 5.42 54.62 -20.03
CA CYS B 166 4.68 55.30 -18.97
C CYS B 166 3.31 55.87 -19.37
N THR B 167 3.26 56.59 -20.48
CA THR B 167 2.01 57.20 -20.93
C THR B 167 0.86 56.21 -21.18
N ASP B 168 1.20 54.95 -21.43
CA ASP B 168 0.20 53.91 -21.69
C ASP B 168 -0.80 53.72 -20.54
N LEU B 169 -0.29 53.85 -19.32
CA LEU B 169 -1.09 53.69 -18.10
C LEU B 169 -1.74 54.96 -17.55
N ARG B 170 -1.54 56.09 -18.22
CA ARG B 170 -2.10 57.35 -17.76
C ARG B 170 -3.59 57.30 -17.46
N VAL B 171 -4.32 56.45 -18.17
CA VAL B 171 -5.76 56.35 -17.96
C VAL B 171 -6.08 55.85 -16.56
N LEU B 172 -5.30 54.89 -16.11
CA LEU B 172 -5.49 54.29 -14.79
C LEU B 172 -5.26 55.29 -13.66
N HIS B 173 -4.26 56.15 -13.82
CA HIS B 173 -3.97 57.17 -12.80
C HIS B 173 -5.23 58.00 -12.48
N GLN B 174 -6.27 57.86 -13.28
CA GLN B 174 -7.50 58.64 -13.08
C GLN B 174 -8.74 57.80 -12.77
N MET B 175 -8.53 56.63 -12.18
CA MET B 175 -9.62 55.76 -11.81
C MET B 175 -9.25 55.18 -10.45
N PRO B 176 -9.59 55.90 -9.37
CA PRO B 176 -9.30 55.46 -8.00
C PRO B 176 -9.73 54.01 -7.79
N LEU B 177 -11.03 53.79 -7.61
CA LEU B 177 -11.56 52.44 -7.44
C LEU B 177 -11.44 51.79 -8.83
N LEU B 178 -10.90 50.59 -8.89
CA LEU B 178 -10.72 49.91 -10.17
C LEU B 178 -10.13 48.53 -9.98
N ASN B 179 -10.99 47.58 -9.64
CA ASN B 179 -10.64 46.17 -9.40
C ASN B 179 -10.34 45.51 -10.76
N LEU B 180 -9.17 45.82 -11.36
CA LEU B 180 -8.82 45.26 -12.67
C LEU B 180 -7.91 44.02 -12.62
N SER B 181 -8.38 42.93 -13.26
CA SER B 181 -7.63 41.67 -13.36
C SER B 181 -7.14 41.58 -14.80
N LEU B 182 -5.83 41.74 -14.99
CA LEU B 182 -5.22 41.77 -16.31
C LEU B 182 -4.35 40.56 -16.71
N ASP B 183 -4.54 40.08 -17.94
CA ASP B 183 -3.75 38.96 -18.48
C ASP B 183 -2.97 39.42 -19.72
N LEU B 184 -1.63 39.36 -19.63
CA LEU B 184 -0.75 39.76 -20.74
C LEU B 184 0.09 38.62 -21.26
N SER B 185 -0.28 37.39 -20.93
CA SER B 185 0.46 36.20 -21.37
C SER B 185 0.60 36.07 -22.88
N LEU B 186 1.70 35.43 -23.29
CA LEU B 186 2.00 35.20 -24.70
C LEU B 186 2.16 36.44 -25.58
N ASN B 187 2.55 37.55 -24.96
CA ASN B 187 2.81 38.77 -25.72
C ASN B 187 4.33 38.84 -25.72
N PRO B 188 4.95 39.02 -26.90
CA PRO B 188 6.42 39.10 -27.03
C PRO B 188 7.03 40.35 -26.39
N MET B 189 6.88 40.45 -25.07
CA MET B 189 7.37 41.59 -24.31
C MET B 189 8.89 41.59 -24.25
N ASN B 190 9.49 42.78 -24.18
CA ASN B 190 10.94 42.88 -24.05
C ASN B 190 11.38 44.21 -23.49
N PHE B 191 10.41 45.05 -23.14
CA PHE B 191 10.72 46.35 -22.53
C PHE B 191 9.52 47.03 -21.86
N ILE B 192 9.68 47.31 -20.57
CA ILE B 192 8.67 48.01 -19.78
C ILE B 192 9.43 49.19 -19.20
N GLN B 193 9.16 50.38 -19.73
CA GLN B 193 9.82 51.61 -19.31
C GLN B 193 9.79 51.84 -17.81
N PRO B 194 10.97 51.93 -17.15
CA PRO B 194 11.04 52.15 -15.70
C PRO B 194 10.09 53.20 -15.15
N GLY B 195 9.56 52.94 -13.96
CA GLY B 195 8.64 53.86 -13.31
C GLY B 195 7.27 53.93 -13.96
N ALA B 196 7.02 53.08 -14.95
CA ALA B 196 5.74 53.08 -15.66
C ALA B 196 4.59 52.59 -14.79
N PHE B 197 4.89 51.77 -13.80
CA PHE B 197 3.84 51.27 -12.93
C PHE B 197 3.72 51.94 -11.59
N LYS B 198 4.52 52.97 -11.35
CA LYS B 198 4.47 53.69 -10.08
C LYS B 198 3.03 54.10 -9.73
N GLU B 199 2.59 53.71 -8.54
CA GLU B 199 1.25 54.02 -8.05
C GLU B 199 0.10 53.52 -8.93
N ILE B 200 0.30 52.33 -9.48
CA ILE B 200 -0.73 51.68 -10.30
C ILE B 200 -1.18 50.49 -9.44
N ARG B 201 -2.46 50.15 -9.53
CA ARG B 201 -2.95 49.05 -8.74
C ARG B 201 -3.86 48.07 -9.48
N LEU B 202 -3.39 46.84 -9.58
CA LEU B 202 -4.11 45.78 -10.25
C LEU B 202 -4.54 44.76 -9.20
N HIS B 203 -5.63 44.04 -9.48
CA HIS B 203 -6.07 43.02 -8.55
C HIS B 203 -5.32 41.72 -8.84
N LYS B 204 -5.13 41.44 -10.13
CA LYS B 204 -4.39 40.25 -10.57
C LYS B 204 -3.62 40.65 -11.84
N LEU B 205 -2.45 40.04 -12.04
CA LEU B 205 -1.63 40.28 -13.21
C LEU B 205 -1.06 38.91 -13.57
N THR B 206 -1.21 38.50 -14.82
CA THR B 206 -0.65 37.23 -15.27
C THR B 206 0.29 37.53 -16.43
N LEU B 207 1.56 37.14 -16.26
CA LEU B 207 2.60 37.32 -17.25
C LEU B 207 3.28 35.98 -17.47
N ARG B 208 2.64 35.12 -18.27
CA ARG B 208 3.18 33.82 -18.57
C ARG B 208 3.67 33.75 -20.01
N ASN B 209 4.88 33.22 -20.20
CA ASN B 209 5.49 33.08 -21.51
C ASN B 209 5.64 34.40 -22.21
N ASN B 210 6.09 35.41 -21.47
CA ASN B 210 6.25 36.72 -22.06
C ASN B 210 7.67 37.06 -22.45
N PHE B 211 8.62 36.63 -21.63
CA PHE B 211 9.99 37.00 -21.91
C PHE B 211 10.84 35.95 -22.60
N ASP B 212 11.66 36.44 -23.53
CA ASP B 212 12.56 35.61 -24.34
C ASP B 212 13.70 35.00 -23.53
N SER B 213 14.51 35.85 -22.91
CA SER B 213 15.64 35.39 -22.12
C SER B 213 15.38 35.68 -20.65
N LEU B 214 16.33 35.31 -19.79
CA LEU B 214 16.18 35.57 -18.36
C LEU B 214 16.46 37.05 -18.14
N ASN B 215 17.34 37.58 -18.95
CA ASN B 215 17.72 38.99 -18.86
C ASN B 215 16.58 39.89 -19.30
N VAL B 216 15.85 39.45 -20.31
CA VAL B 216 14.72 40.23 -20.77
C VAL B 216 13.65 40.22 -19.68
N MET B 217 13.52 39.07 -19.00
CA MET B 217 12.53 38.99 -17.94
C MET B 217 12.88 39.90 -16.79
N LYS B 218 14.11 39.80 -16.31
CA LYS B 218 14.55 40.61 -15.20
C LYS B 218 14.40 42.11 -15.50
N THR B 219 14.62 42.47 -16.75
CA THR B 219 14.50 43.86 -17.16
C THR B 219 13.07 44.33 -17.04
N CYS B 220 12.13 43.57 -17.59
CA CYS B 220 10.73 43.95 -17.53
C CYS B 220 10.20 44.03 -16.11
N ILE B 221 10.52 43.03 -15.31
CA ILE B 221 10.07 43.01 -13.92
C ILE B 221 10.56 44.25 -13.16
N GLN B 222 11.57 44.93 -13.71
CA GLN B 222 12.08 46.16 -13.10
C GLN B 222 11.19 47.35 -13.44
N GLY B 223 10.63 47.34 -14.63
CA GLY B 223 9.74 48.41 -15.04
C GLY B 223 8.43 48.27 -14.29
N LEU B 224 8.21 47.06 -13.78
CA LEU B 224 7.03 46.72 -13.02
C LEU B 224 7.11 47.35 -11.64
N ALA B 225 8.33 47.73 -11.24
CA ALA B 225 8.61 48.35 -9.94
C ALA B 225 7.61 49.43 -9.50
N GLY B 226 7.13 49.30 -8.27
CA GLY B 226 6.19 50.24 -7.72
C GLY B 226 4.74 49.79 -7.81
N LEU B 227 4.52 48.70 -8.54
CA LEU B 227 3.18 48.14 -8.71
C LEU B 227 2.63 47.55 -7.44
N GLU B 228 1.30 47.51 -7.34
CA GLU B 228 0.63 46.88 -6.21
C GLU B 228 -0.38 45.91 -6.80
N VAL B 229 -0.10 44.61 -6.67
CA VAL B 229 -1.00 43.58 -7.18
C VAL B 229 -1.46 42.68 -6.05
N HIS B 230 -2.71 42.26 -6.10
CA HIS B 230 -3.19 41.39 -5.05
C HIS B 230 -2.63 39.99 -5.29
N ARG B 231 -2.75 39.53 -6.54
CA ARG B 231 -2.28 38.20 -6.95
C ARG B 231 -1.43 38.37 -8.21
N LEU B 232 -0.21 37.86 -8.19
CA LEU B 232 0.69 37.95 -9.35
C LEU B 232 1.04 36.55 -9.84
N VAL B 233 0.80 36.29 -11.13
CA VAL B 233 1.10 34.97 -11.70
C VAL B 233 2.14 34.99 -12.81
N LEU B 234 3.26 34.32 -12.57
CA LEU B 234 4.37 34.22 -13.53
C LEU B 234 4.50 32.77 -14.01
N GLY B 235 5.47 32.50 -14.88
CA GLY B 235 5.65 31.14 -15.38
C GLY B 235 5.49 31.09 -16.89
N GLU B 236 5.44 29.89 -17.44
CA GLU B 236 5.30 29.68 -18.88
C GLU B 236 4.36 28.55 -19.25
N PHE B 237 4.25 28.27 -20.54
CA PHE B 237 3.39 27.19 -21.00
C PHE B 237 4.23 26.04 -21.49
N ARG B 238 3.80 24.83 -21.15
CA ARG B 238 4.49 23.60 -21.48
C ARG B 238 4.68 23.37 -22.97
N ASN B 239 3.72 23.85 -23.76
CA ASN B 239 3.76 23.68 -25.21
C ASN B 239 4.21 24.90 -26.00
N GLU B 240 5.04 25.74 -25.39
CA GLU B 240 5.57 26.93 -26.04
C GLU B 240 7.02 27.21 -25.64
N GLY B 241 7.58 28.31 -26.15
CA GLY B 241 8.97 28.65 -25.86
C GLY B 241 9.30 28.97 -24.42
N ASN B 242 10.18 28.19 -23.82
CA ASN B 242 10.55 28.36 -22.42
C ASN B 242 11.91 29.03 -22.18
N LEU B 243 12.14 29.49 -20.95
CA LEU B 243 13.40 30.14 -20.59
C LEU B 243 14.44 29.06 -20.43
N GLU B 244 15.68 29.31 -20.86
CA GLU B 244 16.69 28.29 -20.72
C GLU B 244 17.34 28.28 -19.34
N LYS B 245 17.16 29.35 -18.58
CA LYS B 245 17.71 29.38 -17.23
C LYS B 245 16.81 30.17 -16.28
N PHE B 246 16.83 29.78 -15.00
CA PHE B 246 16.00 30.43 -14.00
C PHE B 246 16.76 30.33 -12.68
N ASP B 247 17.86 31.06 -12.56
CA ASP B 247 18.68 31.05 -11.35
C ASP B 247 18.19 31.97 -10.25
N LYS B 248 18.88 31.92 -9.11
CA LYS B 248 18.50 32.70 -7.95
C LYS B 248 18.28 34.19 -8.10
N SER B 249 18.45 34.73 -9.29
CA SER B 249 18.25 36.16 -9.47
C SER B 249 17.05 36.51 -10.32
N ALA B 250 16.50 35.52 -11.01
CA ALA B 250 15.35 35.72 -11.89
C ALA B 250 14.22 36.55 -11.28
N LEU B 251 14.03 36.43 -9.96
CA LEU B 251 12.95 37.13 -9.28
C LEU B 251 13.33 38.31 -8.39
N GLU B 252 14.57 38.80 -8.52
CA GLU B 252 15.03 39.94 -7.71
C GLU B 252 14.03 41.07 -7.69
N GLY B 253 13.61 41.50 -8.87
CA GLY B 253 12.69 42.61 -9.01
C GLY B 253 11.43 42.66 -8.17
N LEU B 254 10.85 41.50 -7.91
CA LEU B 254 9.63 41.40 -7.12
C LEU B 254 9.74 42.05 -5.74
N CYS B 255 10.96 42.33 -5.33
CA CYS B 255 11.21 42.96 -4.03
C CYS B 255 10.74 44.42 -4.01
N ASN B 256 10.64 45.03 -5.19
CA ASN B 256 10.19 46.40 -5.34
C ASN B 256 8.74 46.43 -5.82
N LEU B 257 7.97 45.44 -5.42
CA LEU B 257 6.56 45.33 -5.78
C LEU B 257 5.83 45.02 -4.49
N THR B 258 4.52 45.22 -4.48
CA THR B 258 3.73 44.89 -3.29
C THR B 258 2.80 43.77 -3.71
N ILE B 259 3.15 42.54 -3.33
CA ILE B 259 2.38 41.35 -3.70
C ILE B 259 1.71 40.71 -2.50
N GLU B 260 0.46 40.27 -2.67
CA GLU B 260 -0.25 39.63 -1.57
C GLU B 260 -0.26 38.12 -1.74
N GLU B 261 -0.49 37.69 -2.97
CA GLU B 261 -0.51 36.27 -3.27
C GLU B 261 0.30 36.08 -4.55
N PHE B 262 1.18 35.09 -4.52
CA PHE B 262 2.04 34.77 -5.66
C PHE B 262 1.86 33.32 -6.16
N ARG B 263 2.08 33.12 -7.45
CA ARG B 263 2.01 31.79 -8.05
C ARG B 263 2.91 31.67 -9.28
N LEU B 264 3.79 30.67 -9.26
CA LEU B 264 4.63 30.38 -10.40
C LEU B 264 3.94 29.17 -11.08
N ALA B 265 3.38 29.37 -12.26
CA ALA B 265 2.68 28.32 -12.98
C ALA B 265 3.40 27.66 -14.16
N TYR B 266 4.12 26.57 -13.86
CA TYR B 266 4.89 25.81 -14.85
C TYR B 266 6.24 26.41 -15.29
N LEU B 267 7.33 25.71 -15.00
CA LEU B 267 8.65 26.20 -15.37
C LEU B 267 9.41 24.97 -15.82
N ASP B 268 9.92 25.01 -17.05
CA ASP B 268 10.67 23.89 -17.65
C ASP B 268 11.99 23.62 -16.92
N TYR B 269 12.71 24.70 -16.62
CA TYR B 269 14.00 24.64 -15.92
C TYR B 269 13.85 23.92 -14.57
N TYR B 270 14.81 23.10 -14.19
CA TYR B 270 14.74 22.41 -12.90
C TYR B 270 15.30 23.31 -11.82
N LEU B 271 14.45 23.75 -10.88
CA LEU B 271 14.91 24.64 -9.82
C LEU B 271 16.06 24.04 -9.04
N ASP B 272 16.96 24.92 -8.61
CA ASP B 272 18.16 24.54 -7.85
C ASP B 272 17.92 24.83 -6.37
N ASP B 273 17.76 26.10 -6.07
CA ASP B 273 17.52 26.55 -4.71
C ASP B 273 16.11 27.08 -4.60
N ILE B 274 15.57 27.11 -3.40
CA ILE B 274 14.23 27.61 -3.20
C ILE B 274 14.20 28.84 -2.29
N ILE B 275 15.17 28.94 -1.38
CA ILE B 275 15.25 30.05 -0.41
C ILE B 275 15.82 31.38 -0.95
N ASP B 276 16.85 31.32 -1.80
CA ASP B 276 17.44 32.52 -2.38
C ASP B 276 16.55 32.99 -3.52
N LEU B 277 15.86 32.04 -4.11
CA LEU B 277 15.00 32.29 -5.24
C LEU B 277 13.74 33.06 -4.91
N PHE B 278 13.06 32.68 -3.83
CA PHE B 278 11.82 33.32 -3.47
C PHE B 278 11.84 34.24 -2.26
N ASN B 279 12.99 34.72 -1.82
CA ASN B 279 12.99 35.57 -0.64
C ASN B 279 12.37 36.95 -0.84
N CYS B 280 11.99 37.28 -2.07
CA CYS B 280 11.34 38.56 -2.31
C CYS B 280 9.85 38.43 -2.13
N LEU B 281 9.38 37.18 -2.06
CA LEU B 281 7.98 36.87 -1.85
C LEU B 281 7.83 36.36 -0.43
N THR B 282 8.79 36.67 0.43
CA THR B 282 8.70 36.20 1.80
C THR B 282 7.51 36.82 2.58
N ASN B 283 7.21 38.09 2.33
CA ASN B 283 6.12 38.77 3.02
C ASN B 283 4.76 38.33 2.48
N VAL B 284 4.76 37.71 1.31
CA VAL B 284 3.54 37.24 0.68
C VAL B 284 2.71 36.37 1.64
N SER B 285 1.39 36.44 1.55
CA SER B 285 0.55 35.64 2.44
C SER B 285 0.15 34.28 1.85
N SER B 286 0.06 34.21 0.52
CA SER B 286 -0.31 32.98 -0.15
C SER B 286 0.74 32.66 -1.22
N PHE B 287 1.45 31.56 -1.03
CA PHE B 287 2.48 31.16 -1.98
C PHE B 287 2.13 29.87 -2.75
N SER B 288 2.21 29.91 -4.08
CA SER B 288 1.88 28.75 -4.90
C SER B 288 2.85 28.36 -6.01
N LEU B 289 3.07 27.05 -6.15
CA LEU B 289 3.93 26.50 -7.19
C LEU B 289 3.20 25.38 -7.88
N VAL B 290 2.75 25.58 -9.11
CA VAL B 290 2.08 24.50 -9.81
C VAL B 290 2.91 24.06 -11.01
N SER B 291 3.14 22.75 -11.10
CA SER B 291 3.92 22.14 -12.16
C SER B 291 5.34 22.65 -12.27
N VAL B 292 6.12 22.53 -11.21
CA VAL B 292 7.51 22.97 -11.26
C VAL B 292 8.32 21.88 -10.55
N THR B 293 9.47 21.52 -11.15
CA THR B 293 10.33 20.47 -10.58
C THR B 293 11.25 21.04 -9.51
N ILE B 294 11.19 20.45 -8.32
CA ILE B 294 11.99 20.91 -7.18
C ILE B 294 12.91 19.82 -6.62
N GLU B 295 13.19 18.79 -7.40
CA GLU B 295 14.08 17.71 -6.93
C GLU B 295 15.41 18.26 -6.45
N ARG B 296 16.01 19.10 -7.30
CA ARG B 296 17.30 19.73 -7.04
C ARG B 296 17.38 20.69 -5.85
N VAL B 297 16.37 20.68 -4.98
CA VAL B 297 16.40 21.57 -3.82
C VAL B 297 16.74 20.76 -2.59
N LYS B 298 17.81 21.18 -1.93
CA LYS B 298 18.32 20.51 -0.72
C LYS B 298 17.74 21.03 0.61
N ASP B 299 17.36 22.31 0.66
CA ASP B 299 16.82 22.88 1.89
C ASP B 299 15.44 23.49 1.76
N PHE B 300 14.48 22.89 2.48
CA PHE B 300 13.09 23.37 2.51
C PHE B 300 12.79 23.86 3.93
N SER B 301 13.85 24.33 4.61
CA SER B 301 13.74 24.79 5.99
C SER B 301 13.53 26.28 6.27
N TYR B 302 13.66 27.15 5.27
CA TYR B 302 13.48 28.57 5.55
C TYR B 302 12.10 28.92 6.08
N ASN B 303 12.07 29.90 7.00
CA ASN B 303 10.84 30.35 7.64
C ASN B 303 10.24 31.61 6.99
N PHE B 304 9.46 31.36 5.94
CA PHE B 304 8.77 32.42 5.21
C PHE B 304 7.53 32.82 6.02
N GLY B 305 7.02 34.02 5.78
CA GLY B 305 5.84 34.45 6.53
C GLY B 305 4.56 33.99 5.88
N TRP B 306 4.66 33.07 4.92
CA TRP B 306 3.50 32.55 4.20
C TRP B 306 2.47 31.91 5.13
N GLN B 307 1.19 32.09 4.82
CA GLN B 307 0.12 31.50 5.62
C GLN B 307 -0.60 30.40 4.88
N HIS B 308 -0.51 30.46 3.55
CA HIS B 308 -1.11 29.44 2.69
C HIS B 308 -0.04 29.01 1.67
N LEU B 309 0.29 27.73 1.63
CA LEU B 309 1.28 27.20 0.68
C LEU B 309 0.62 26.12 -0.14
N GLU B 310 0.71 26.24 -1.47
CA GLU B 310 0.08 25.28 -2.34
C GLU B 310 1.05 24.72 -3.38
N LEU B 311 1.28 23.41 -3.32
CA LEU B 311 2.17 22.75 -4.25
C LEU B 311 1.37 21.69 -4.98
N VAL B 312 1.07 21.88 -6.26
CA VAL B 312 0.32 20.87 -7.00
C VAL B 312 0.97 20.54 -8.32
N ASN B 313 1.01 19.25 -8.61
CA ASN B 313 1.59 18.73 -9.84
C ASN B 313 3.09 19.02 -10.03
N CYS B 314 3.86 18.91 -8.95
CA CYS B 314 5.28 19.17 -8.99
C CYS B 314 6.05 17.87 -8.89
N LYS B 315 7.27 17.83 -9.44
CA LYS B 315 8.10 16.63 -9.34
C LYS B 315 9.00 16.92 -8.16
N PHE B 316 9.07 16.03 -7.18
CA PHE B 316 9.87 16.34 -6.02
C PHE B 316 10.93 15.33 -5.56
N GLY B 317 10.62 14.05 -5.60
CA GLY B 317 11.60 13.06 -5.14
C GLY B 317 11.54 12.87 -3.62
N GLN B 318 12.41 13.56 -2.89
CA GLN B 318 12.40 13.46 -1.43
C GLN B 318 11.34 14.41 -0.92
N PHE B 319 10.59 14.01 0.10
CA PHE B 319 9.52 14.85 0.65
C PHE B 319 10.05 16.14 1.29
N PRO B 320 9.48 17.30 0.89
CA PRO B 320 9.91 18.60 1.42
C PRO B 320 9.78 18.76 2.93
N THR B 321 10.90 19.00 3.61
CA THR B 321 10.91 19.18 5.07
C THR B 321 10.54 20.62 5.42
N LEU B 322 9.24 20.89 5.36
CA LEU B 322 8.69 22.20 5.64
C LEU B 322 8.74 22.56 7.10
N LYS B 323 9.12 23.81 7.39
CA LYS B 323 9.19 24.31 8.76
C LYS B 323 8.67 25.75 8.83
N LEU B 324 7.62 26.02 8.08
CA LEU B 324 6.99 27.33 8.04
C LEU B 324 6.15 27.52 9.30
N LYS B 325 6.61 28.38 10.20
CA LYS B 325 5.92 28.62 11.47
C LYS B 325 4.55 29.30 11.38
N SER B 326 4.39 30.26 10.47
CA SER B 326 3.13 30.98 10.34
C SER B 326 2.07 30.34 9.47
N LEU B 327 2.47 29.34 8.68
CA LEU B 327 1.57 28.64 7.78
C LEU B 327 0.35 28.06 8.51
N LYS B 328 -0.84 28.33 7.97
CA LYS B 328 -2.09 27.83 8.54
C LYS B 328 -2.73 26.75 7.69
N ARG B 329 -2.62 26.89 6.36
CA ARG B 329 -3.19 25.92 5.42
C ARG B 329 -2.13 25.46 4.44
N LEU B 330 -2.04 24.14 4.23
CA LEU B 330 -1.08 23.58 3.28
C LEU B 330 -1.77 22.64 2.32
N THR B 331 -1.67 22.91 1.03
CA THR B 331 -2.29 22.03 0.05
C THR B 331 -1.15 21.45 -0.79
N PHE B 332 -0.85 20.17 -0.56
CA PHE B 332 0.23 19.47 -1.26
C PHE B 332 -0.40 18.29 -1.99
N THR B 333 -0.97 18.53 -3.17
CA THR B 333 -1.62 17.44 -3.91
C THR B 333 -1.17 17.15 -5.34
N SER B 334 -1.52 15.95 -5.80
CA SER B 334 -1.21 15.50 -7.15
C SER B 334 0.23 15.71 -7.58
N ASN B 335 1.17 15.49 -6.68
CA ASN B 335 2.55 15.66 -7.03
C ASN B 335 3.19 14.35 -7.46
N LYS B 336 3.85 14.38 -8.61
CA LYS B 336 4.53 13.19 -9.11
C LYS B 336 5.94 13.21 -8.56
N GLY B 337 6.24 12.33 -7.62
CA GLY B 337 7.58 12.33 -7.06
C GLY B 337 7.95 11.09 -6.29
N GLY B 338 8.33 11.28 -5.03
CA GLY B 338 8.71 10.15 -4.21
C GLY B 338 7.50 9.37 -3.73
N ASN B 339 7.71 8.56 -2.70
CA ASN B 339 6.62 7.75 -2.14
C ASN B 339 6.77 7.60 -0.64
N ALA B 340 7.53 8.49 -0.01
CA ALA B 340 7.71 8.39 1.43
C ALA B 340 7.64 9.74 2.12
N PHE B 341 6.65 9.85 3.00
CA PHE B 341 6.40 11.04 3.79
C PHE B 341 7.37 11.05 4.94
N SER B 342 7.76 12.23 5.37
CA SER B 342 8.64 12.37 6.52
C SER B 342 8.04 13.52 7.31
N GLU B 343 8.36 13.63 8.59
CA GLU B 343 7.83 14.67 9.45
C GLU B 343 8.00 16.08 8.93
N VAL B 344 7.03 16.91 9.26
CA VAL B 344 7.08 18.32 8.90
C VAL B 344 6.91 19.00 10.24
N ASP B 345 7.19 20.28 10.32
CA ASP B 345 7.02 20.97 11.58
C ASP B 345 6.32 22.29 11.39
N LEU B 346 5.00 22.22 11.34
CA LEU B 346 4.15 23.39 11.10
C LEU B 346 3.28 23.74 12.30
N PRO B 347 3.87 24.37 13.34
CA PRO B 347 3.18 24.77 14.59
C PRO B 347 1.85 25.48 14.44
N SER B 348 1.67 26.23 13.35
CA SER B 348 0.43 26.99 13.12
C SER B 348 -0.58 26.32 12.20
N LEU B 349 -0.24 25.17 11.65
CA LEU B 349 -1.09 24.46 10.72
C LEU B 349 -2.50 24.12 11.20
N GLU B 350 -3.51 24.41 10.38
CA GLU B 350 -4.89 24.09 10.71
C GLU B 350 -5.55 23.28 9.59
N PHE B 351 -5.19 23.57 8.35
CA PHE B 351 -5.76 22.86 7.21
C PHE B 351 -4.62 22.05 6.58
N LEU B 352 -4.82 20.75 6.38
CA LEU B 352 -3.75 19.94 5.80
C LEU B 352 -4.24 18.97 4.75
N ASP B 353 -4.06 19.32 3.47
CA ASP B 353 -4.43 18.44 2.37
C ASP B 353 -3.13 17.90 1.79
N LEU B 354 -2.98 16.58 1.84
CA LEU B 354 -1.78 15.90 1.38
C LEU B 354 -2.28 14.72 0.54
N SER B 355 -3.40 14.92 -0.14
CA SER B 355 -3.99 13.86 -0.93
C SER B 355 -3.43 13.65 -2.32
N ARG B 356 -3.65 12.46 -2.87
CA ARG B 356 -3.23 12.09 -4.23
C ARG B 356 -1.72 12.19 -4.53
N ASN B 357 -0.87 11.74 -3.63
CA ASN B 357 0.54 11.81 -3.86
C ASN B 357 1.18 10.44 -3.90
N GLY B 358 0.40 9.40 -3.64
CA GLY B 358 0.96 8.05 -3.62
C GLY B 358 1.91 7.88 -2.45
N LEU B 359 1.84 8.79 -1.48
CA LEU B 359 2.70 8.76 -0.32
C LEU B 359 2.43 7.59 0.64
N SER B 360 3.46 7.19 1.40
CA SER B 360 3.32 6.12 2.38
C SER B 360 3.81 6.61 3.73
N PHE B 361 2.97 6.46 4.75
CA PHE B 361 3.29 6.89 6.11
C PHE B 361 3.58 5.64 6.93
N LYS B 362 4.69 5.60 7.64
CA LYS B 362 5.01 4.41 8.41
C LYS B 362 4.54 4.41 9.84
N GLY B 363 3.91 5.50 10.30
CA GLY B 363 3.45 5.53 11.68
C GLY B 363 2.49 6.67 11.87
N CYS B 364 1.22 6.40 11.72
CA CYS B 364 0.25 7.49 11.81
C CYS B 364 -0.41 7.24 13.18
N CYS B 365 -0.91 8.26 13.88
CA CYS B 365 -0.84 9.68 13.55
C CYS B 365 -0.58 10.38 14.86
N SER B 366 0.29 11.36 14.87
CA SER B 366 0.58 11.99 16.14
C SER B 366 0.84 13.42 15.79
N GLN B 367 1.05 14.25 16.80
CA GLN B 367 1.31 15.65 16.56
C GLN B 367 2.74 15.84 16.11
N SER B 368 3.57 14.85 16.41
CA SER B 368 4.99 14.86 16.04
C SER B 368 5.19 14.63 14.53
N ASP B 369 4.13 14.28 13.82
CA ASP B 369 4.21 14.04 12.40
C ASP B 369 4.05 15.34 11.62
N PHE B 370 3.25 16.24 12.19
CA PHE B 370 2.99 17.50 11.55
C PHE B 370 3.55 18.69 12.32
N GLY B 371 3.76 18.50 13.60
CA GLY B 371 4.33 19.56 14.42
C GLY B 371 3.31 20.59 14.86
N THR B 372 2.04 20.20 14.80
CA THR B 372 0.96 21.09 15.19
C THR B 372 -0.01 20.41 16.14
N THR B 373 -0.83 21.22 16.80
CA THR B 373 -1.86 20.73 17.72
C THR B 373 -3.13 21.53 17.48
N SER B 374 -3.25 22.07 16.28
CA SER B 374 -4.41 22.87 15.94
C SER B 374 -5.06 22.31 14.69
N LEU B 375 -4.49 21.23 14.16
CA LEU B 375 -5.03 20.61 12.97
C LEU B 375 -6.52 20.37 13.15
N LYS B 376 -7.34 20.86 12.21
CA LYS B 376 -8.79 20.66 12.25
C LYS B 376 -9.22 19.82 11.04
N TYR B 377 -8.45 19.91 9.96
CA TYR B 377 -8.75 19.19 8.73
C TYR B 377 -7.51 18.39 8.29
N LEU B 378 -7.70 17.12 7.94
CA LEU B 378 -6.59 16.27 7.52
C LEU B 378 -7.05 15.31 6.41
N ASP B 379 -6.52 15.50 5.22
CA ASP B 379 -6.88 14.70 4.05
C ASP B 379 -5.68 13.92 3.52
N LEU B 380 -5.59 12.65 3.85
CA LEU B 380 -4.52 11.80 3.38
C LEU B 380 -5.07 10.75 2.43
N SER B 381 -6.07 11.10 1.63
CA SER B 381 -6.66 10.13 0.73
C SER B 381 -5.83 9.93 -0.52
N PHE B 382 -6.07 8.80 -1.19
CA PHE B 382 -5.37 8.44 -2.43
C PHE B 382 -3.88 8.43 -2.32
N ASN B 383 -3.36 7.60 -1.42
CA ASN B 383 -1.95 7.48 -1.23
C ASN B 383 -1.64 6.01 -1.13
N GLY B 384 -0.43 5.66 -0.73
CA GLY B 384 -0.07 4.26 -0.63
C GLY B 384 -0.47 3.66 0.70
N VAL B 385 0.45 3.03 1.38
CA VAL B 385 0.15 2.43 2.65
C VAL B 385 0.27 3.43 3.78
N ILE B 386 -0.65 3.35 4.74
CA ILE B 386 -0.64 4.20 5.94
C ILE B 386 -0.79 3.30 7.16
N THR B 387 0.32 3.01 7.82
CA THR B 387 0.31 2.16 9.00
C THR B 387 -0.13 2.92 10.26
N MET B 388 -1.17 2.44 10.95
CA MET B 388 -1.64 3.08 12.17
C MET B 388 -0.90 2.57 13.41
N SER B 389 -0.31 3.49 14.15
CA SER B 389 0.44 3.09 15.32
C SER B 389 0.33 4.08 16.46
N SER B 390 -0.48 5.11 16.26
CA SER B 390 -0.71 6.13 17.29
C SER B 390 -2.11 6.71 17.09
N ASN B 391 -2.94 6.69 18.12
CA ASN B 391 -4.31 7.19 17.99
C ASN B 391 -4.47 8.70 18.13
N PHE B 392 -3.80 9.43 17.24
CA PHE B 392 -3.87 10.88 17.20
C PHE B 392 -3.56 11.67 18.45
N LEU B 393 -2.51 11.27 19.19
CA LEU B 393 -2.16 12.01 20.40
C LEU B 393 -1.74 13.40 20.00
N GLY B 394 -2.49 14.41 20.43
CA GLY B 394 -2.13 15.77 20.07
C GLY B 394 -2.92 16.37 18.94
N LEU B 395 -3.83 15.59 18.35
CA LEU B 395 -4.65 16.08 17.25
C LEU B 395 -6.10 15.96 17.65
N GLU B 396 -6.37 16.28 18.91
CA GLU B 396 -7.71 16.21 19.49
C GLU B 396 -8.78 17.02 18.75
N GLN B 397 -8.35 18.13 18.16
CA GLN B 397 -9.28 19.01 17.47
C GLN B 397 -9.68 18.64 16.04
N LEU B 398 -9.24 17.49 15.56
CA LEU B 398 -9.59 17.11 14.21
C LEU B 398 -11.08 17.00 14.00
N GLU B 399 -11.64 17.81 13.10
CA GLU B 399 -13.06 17.76 12.80
C GLU B 399 -13.30 16.98 11.48
N HIS B 400 -12.32 17.03 10.58
CA HIS B 400 -12.42 16.37 9.28
C HIS B 400 -11.18 15.47 9.06
N LEU B 401 -11.39 14.24 8.60
CA LEU B 401 -10.30 13.28 8.36
C LEU B 401 -10.70 12.32 7.23
N ASP B 402 -9.96 12.35 6.13
CA ASP B 402 -10.26 11.55 4.95
C ASP B 402 -9.13 10.61 4.49
N PHE B 403 -9.23 9.33 4.80
CA PHE B 403 -8.22 8.34 4.41
C PHE B 403 -8.62 7.59 3.15
N GLN B 404 -9.73 8.01 2.56
CA GLN B 404 -10.26 7.37 1.37
C GLN B 404 -9.25 6.87 0.33
N HIS B 405 -9.40 5.62 -0.11
CA HIS B 405 -8.54 5.02 -1.14
C HIS B 405 -7.07 4.86 -0.84
N SER B 406 -6.72 4.76 0.43
CA SER B 406 -5.34 4.59 0.80
C SER B 406 -5.30 3.31 1.60
N ASN B 407 -4.39 2.41 1.27
CA ASN B 407 -4.30 1.16 2.00
C ASN B 407 -3.93 1.43 3.46
N LEU B 408 -4.90 1.27 4.36
CA LEU B 408 -4.70 1.46 5.79
C LEU B 408 -4.40 0.11 6.45
N LYS B 409 -3.49 0.09 7.42
CA LYS B 409 -3.10 -1.14 8.11
C LYS B 409 -3.10 -0.97 9.61
N GLN B 410 -3.41 -2.06 10.31
CA GLN B 410 -3.45 -2.07 11.78
C GLN B 410 -4.69 -1.38 12.35
N MET B 411 -5.76 -1.37 11.57
CA MET B 411 -7.01 -0.72 11.95
C MET B 411 -7.67 -1.35 13.17
N SER B 412 -7.75 -2.68 13.16
CA SER B 412 -8.38 -3.48 14.22
C SER B 412 -7.29 -4.04 15.11
N GLU B 413 -6.42 -3.18 15.61
CA GLU B 413 -5.32 -3.62 16.44
C GLU B 413 -5.33 -2.86 17.74
N PHE B 414 -6.21 -1.87 17.80
CA PHE B 414 -6.42 -1.01 18.97
C PHE B 414 -7.39 0.09 18.52
N SER B 415 -7.71 1.05 19.40
CA SER B 415 -8.63 2.13 19.01
C SER B 415 -7.83 3.27 18.41
N VAL B 416 -7.66 3.23 17.08
CA VAL B 416 -6.88 4.23 16.39
C VAL B 416 -7.47 5.64 16.46
N PHE B 417 -8.78 5.73 16.62
CA PHE B 417 -9.44 7.03 16.69
C PHE B 417 -9.82 7.46 18.11
N LEU B 418 -9.29 6.77 19.10
CA LEU B 418 -9.61 7.07 20.49
C LEU B 418 -9.51 8.51 20.98
N SER B 419 -8.69 9.34 20.33
CA SER B 419 -8.53 10.72 20.79
C SER B 419 -9.41 11.73 20.08
N LEU B 420 -9.97 11.33 18.94
CA LEU B 420 -10.80 12.22 18.14
C LEU B 420 -12.21 12.46 18.69
N ARG B 421 -12.27 13.08 19.87
CA ARG B 421 -13.55 13.36 20.51
C ARG B 421 -14.38 14.40 19.75
N ASN B 422 -13.74 15.15 18.87
CA ASN B 422 -14.45 16.19 18.13
C ASN B 422 -14.62 15.90 16.65
N LEU B 423 -14.09 14.78 16.19
CA LEU B 423 -14.20 14.43 14.77
C LEU B 423 -15.67 14.38 14.32
N ILE B 424 -15.98 15.12 13.25
CA ILE B 424 -17.34 15.17 12.72
C ILE B 424 -17.50 14.41 11.39
N TYR B 425 -16.47 14.45 10.55
CA TYR B 425 -16.49 13.75 9.26
C TYR B 425 -15.37 12.69 9.24
N LEU B 426 -15.66 11.51 8.68
CA LEU B 426 -14.66 10.46 8.60
C LEU B 426 -14.95 9.51 7.43
N ASP B 427 -14.05 9.49 6.45
CA ASP B 427 -14.21 8.66 5.26
C ASP B 427 -13.02 7.70 5.22
N ILE B 428 -13.28 6.39 5.30
CA ILE B 428 -12.23 5.37 5.22
C ILE B 428 -12.69 4.37 4.17
N SER B 429 -13.39 4.87 3.17
CA SER B 429 -13.91 4.04 2.10
C SER B 429 -12.76 3.44 1.31
N HIS B 430 -12.92 2.18 0.92
CA HIS B 430 -11.92 1.48 0.12
C HIS B 430 -10.49 1.63 0.63
N THR B 431 -10.32 1.49 1.94
CA THR B 431 -9.00 1.57 2.53
C THR B 431 -8.52 0.18 2.90
N HIS B 432 -9.18 -0.82 2.33
CA HIS B 432 -8.84 -2.21 2.57
C HIS B 432 -8.85 -2.60 4.03
N THR B 433 -9.79 -2.04 4.78
CA THR B 433 -9.90 -2.39 6.19
C THR B 433 -10.66 -3.72 6.32
N ARG B 434 -10.40 -4.42 7.42
CA ARG B 434 -11.03 -5.70 7.71
C ARG B 434 -11.40 -5.60 9.17
N VAL B 435 -12.53 -4.96 9.46
CA VAL B 435 -12.98 -4.77 10.84
C VAL B 435 -12.98 -6.08 11.62
N ALA B 436 -12.28 -6.09 12.75
CA ALA B 436 -12.19 -7.28 13.58
C ALA B 436 -11.92 -6.91 15.02
N PHE B 437 -12.50 -5.78 15.43
CA PHE B 437 -12.36 -5.31 16.80
C PHE B 437 -13.55 -4.39 17.05
N ASN B 438 -14.38 -4.79 18.00
CA ASN B 438 -15.57 -4.03 18.33
C ASN B 438 -15.28 -2.72 19.05
N GLY B 439 -14.02 -2.32 19.05
CA GLY B 439 -13.65 -1.06 19.67
C GLY B 439 -13.03 -0.15 18.61
N ILE B 440 -13.20 -0.59 17.36
CA ILE B 440 -12.66 0.11 16.22
C ILE B 440 -13.02 1.60 16.14
N PHE B 441 -14.19 1.98 16.65
CA PHE B 441 -14.60 3.38 16.58
C PHE B 441 -14.73 4.11 17.92
N ASN B 442 -14.20 3.54 18.99
CA ASN B 442 -14.29 4.19 20.29
C ASN B 442 -13.61 5.55 20.34
N GLY B 443 -14.36 6.55 20.76
CA GLY B 443 -13.82 7.89 20.87
C GLY B 443 -14.56 8.83 19.95
N LEU B 444 -15.13 8.27 18.88
CA LEU B 444 -15.86 9.05 17.90
C LEU B 444 -17.27 9.48 18.31
N SER B 445 -17.35 10.25 19.39
CA SER B 445 -18.63 10.75 19.91
C SER B 445 -19.35 11.68 18.94
N SER B 446 -18.75 12.84 18.73
CA SER B 446 -19.31 13.87 17.85
C SER B 446 -19.54 13.43 16.40
N LEU B 447 -18.94 12.31 16.00
CA LEU B 447 -19.06 11.84 14.62
C LEU B 447 -20.46 11.98 14.04
N GLU B 448 -20.56 12.56 12.85
CA GLU B 448 -21.85 12.74 12.18
C GLU B 448 -21.92 12.06 10.83
N VAL B 449 -20.77 11.92 10.16
CA VAL B 449 -20.71 11.24 8.88
C VAL B 449 -19.69 10.11 9.01
N LEU B 450 -19.91 9.02 8.30
CA LEU B 450 -19.03 7.88 8.39
C LEU B 450 -19.11 7.10 7.08
N LYS B 451 -18.10 7.25 6.22
CA LYS B 451 -18.12 6.53 4.96
C LYS B 451 -17.11 5.39 5.00
N MET B 452 -17.59 4.17 5.16
CA MET B 452 -16.66 3.05 5.19
C MET B 452 -17.01 2.02 4.13
N ALA B 453 -17.42 2.50 2.97
CA ALA B 453 -17.76 1.63 1.86
C ALA B 453 -16.54 0.85 1.39
N GLY B 454 -16.76 -0.09 0.47
CA GLY B 454 -15.70 -0.89 -0.11
C GLY B 454 -14.83 -1.81 0.73
N ASN B 455 -15.06 -1.91 2.04
CA ASN B 455 -14.23 -2.75 2.87
C ASN B 455 -14.75 -4.16 3.10
N SER B 456 -14.68 -4.60 4.35
CA SER B 456 -15.14 -5.93 4.73
C SER B 456 -15.11 -6.13 6.24
N PHE B 457 -15.85 -7.14 6.70
CA PHE B 457 -15.90 -7.45 8.11
C PHE B 457 -15.51 -8.90 8.35
N GLN B 458 -15.11 -9.17 9.58
CA GLN B 458 -14.71 -10.49 9.99
C GLN B 458 -15.98 -11.34 10.00
N GLU B 459 -15.95 -12.45 9.25
CA GLU B 459 -17.07 -13.35 9.17
C GLU B 459 -18.24 -12.76 8.40
N ASN B 460 -18.08 -11.56 7.89
CA ASN B 460 -19.12 -10.92 7.13
C ASN B 460 -20.35 -10.61 7.98
N PHE B 461 -20.15 -10.59 9.29
CA PHE B 461 -21.22 -10.28 10.22
C PHE B 461 -20.94 -8.87 10.74
N LEU B 462 -21.94 -8.00 10.71
CA LEU B 462 -21.78 -6.62 11.17
C LEU B 462 -22.00 -6.46 12.67
N PRO B 463 -20.92 -6.31 13.45
CA PRO B 463 -20.99 -6.17 14.90
C PRO B 463 -21.57 -4.86 15.47
N ASP B 464 -21.58 -4.79 16.80
CA ASP B 464 -22.08 -3.66 17.56
C ASP B 464 -20.99 -2.61 17.81
N ILE B 465 -20.53 -1.99 16.73
CA ILE B 465 -19.44 -1.01 16.79
C ILE B 465 -19.87 0.45 16.74
N PHE B 466 -21.17 0.69 16.56
CA PHE B 466 -21.69 2.05 16.46
C PHE B 466 -22.36 2.59 17.72
N THR B 467 -22.35 1.78 18.77
CA THR B 467 -22.97 2.12 20.04
C THR B 467 -22.52 3.42 20.74
N GLU B 468 -21.46 4.05 20.25
CA GLU B 468 -20.96 5.28 20.87
C GLU B 468 -21.20 6.49 19.95
N LEU B 469 -21.40 6.21 18.66
CA LEU B 469 -21.63 7.23 17.65
C LEU B 469 -23.05 7.78 17.68
N ARG B 470 -23.31 8.69 18.63
CA ARG B 470 -24.65 9.27 18.79
C ARG B 470 -25.18 10.18 17.68
N ASN B 471 -24.58 11.36 17.54
CA ASN B 471 -25.00 12.34 16.54
C ASN B 471 -24.85 11.82 15.11
N LEU B 472 -24.41 10.58 14.97
CA LEU B 472 -24.22 9.96 13.65
C LEU B 472 -25.46 10.12 12.74
N THR B 473 -25.35 10.95 11.69
CA THR B 473 -26.46 11.21 10.77
C THR B 473 -26.35 10.57 9.38
N PHE B 474 -25.16 10.16 8.99
CA PHE B 474 -24.95 9.51 7.68
C PHE B 474 -24.08 8.27 7.90
N LEU B 475 -24.26 7.23 7.09
CA LEU B 475 -23.46 6.03 7.26
C LEU B 475 -23.49 5.14 6.04
N ASP B 476 -22.42 5.23 5.23
CA ASP B 476 -22.30 4.41 4.04
C ASP B 476 -21.68 3.12 4.53
N LEU B 477 -22.20 1.99 4.04
CA LEU B 477 -21.70 0.67 4.44
C LEU B 477 -21.83 -0.24 3.25
N SER B 478 -21.77 0.33 2.05
CA SER B 478 -21.91 -0.47 0.84
C SER B 478 -20.64 -1.25 0.49
N GLN B 479 -20.77 -2.12 -0.50
CA GLN B 479 -19.66 -2.94 -0.97
C GLN B 479 -18.80 -3.63 0.10
N CYS B 480 -19.33 -3.78 1.32
CA CYS B 480 -18.59 -4.45 2.39
C CYS B 480 -18.79 -5.96 2.55
N GLN B 481 -19.23 -6.63 1.48
CA GLN B 481 -19.44 -8.08 1.51
C GLN B 481 -20.29 -8.60 2.69
N LEU B 482 -21.03 -7.69 3.35
CA LEU B 482 -21.88 -8.05 4.49
C LEU B 482 -22.94 -9.08 4.12
N GLU B 483 -23.13 -10.06 5.00
CA GLU B 483 -24.12 -11.13 4.82
C GLU B 483 -25.09 -11.17 6.00
N GLN B 484 -24.57 -11.42 7.19
CA GLN B 484 -25.39 -11.47 8.41
C GLN B 484 -25.50 -10.05 8.95
N LEU B 485 -26.07 -9.91 10.14
CA LEU B 485 -26.26 -8.60 10.73
C LEU B 485 -26.69 -8.68 12.19
N SER B 486 -26.03 -7.92 13.05
CA SER B 486 -26.37 -7.91 14.46
C SER B 486 -27.62 -7.07 14.62
N PRO B 487 -28.65 -7.63 15.27
CA PRO B 487 -29.90 -6.90 15.47
C PRO B 487 -29.78 -5.68 16.38
N THR B 488 -28.73 -5.63 17.19
CA THR B 488 -28.55 -4.50 18.11
C THR B 488 -27.67 -3.37 17.55
N ALA B 489 -27.09 -3.58 16.37
CA ALA B 489 -26.22 -2.61 15.71
C ALA B 489 -26.64 -1.16 15.79
N PHE B 490 -27.48 -0.75 14.85
CA PHE B 490 -27.97 0.62 14.74
C PHE B 490 -28.83 1.15 15.90
N ASN B 491 -29.21 0.26 16.81
CA ASN B 491 -30.08 0.62 17.94
C ASN B 491 -29.82 1.88 18.77
N SER B 492 -28.68 2.54 18.57
CA SER B 492 -28.39 3.74 19.34
C SER B 492 -28.34 4.97 18.45
N LEU B 493 -28.41 4.72 17.14
CA LEU B 493 -28.35 5.78 16.12
C LEU B 493 -29.70 6.46 15.92
N SER B 494 -30.10 7.25 16.91
CA SER B 494 -31.37 7.96 16.87
C SER B 494 -31.41 9.03 15.78
N SER B 495 -30.33 9.79 15.65
CA SER B 495 -30.29 10.86 14.65
C SER B 495 -29.98 10.40 13.22
N LEU B 496 -29.60 9.13 13.08
CA LEU B 496 -29.27 8.61 11.75
C LEU B 496 -30.39 8.88 10.76
N GLN B 497 -30.04 9.48 9.61
CA GLN B 497 -30.99 9.79 8.54
C GLN B 497 -30.82 8.93 7.30
N VAL B 498 -29.60 8.85 6.78
CA VAL B 498 -29.35 8.01 5.61
C VAL B 498 -28.61 6.76 6.08
N LEU B 499 -28.67 5.71 5.28
CA LEU B 499 -27.99 4.48 5.64
C LEU B 499 -27.86 3.61 4.39
N ASN B 500 -26.70 3.69 3.75
CA ASN B 500 -26.43 2.94 2.54
C ASN B 500 -25.99 1.53 2.94
N MET B 501 -26.54 0.53 2.26
CA MET B 501 -26.23 -0.87 2.51
C MET B 501 -26.24 -1.50 1.14
N SER B 502 -26.05 -0.65 0.14
CA SER B 502 -26.05 -1.09 -1.23
C SER B 502 -25.00 -2.15 -1.55
N HIS B 503 -24.99 -2.56 -2.80
CA HIS B 503 -24.08 -3.57 -3.35
C HIS B 503 -23.36 -4.50 -2.36
N ASN B 504 -24.11 -5.08 -1.43
CA ASN B 504 -23.56 -6.02 -0.45
C ASN B 504 -23.89 -7.47 -0.87
N ASN B 505 -23.91 -8.37 0.11
CA ASN B 505 -24.24 -9.76 -0.16
C ASN B 505 -25.30 -10.32 0.78
N PHE B 506 -26.38 -9.54 0.95
CA PHE B 506 -27.50 -9.97 1.77
C PHE B 506 -28.43 -10.79 0.89
N PHE B 507 -29.06 -11.80 1.48
CA PHE B 507 -30.00 -12.66 0.75
C PHE B 507 -31.42 -12.53 1.33
N SER B 508 -31.49 -12.08 2.59
CA SER B 508 -32.77 -11.93 3.27
C SER B 508 -33.01 -10.60 3.97
N LEU B 509 -33.71 -9.69 3.30
CA LEU B 509 -34.02 -8.39 3.90
C LEU B 509 -34.79 -8.57 5.22
N ASP B 510 -34.40 -7.82 6.24
CA ASP B 510 -35.05 -7.91 7.54
C ASP B 510 -35.65 -6.55 7.86
N THR B 511 -36.12 -6.37 9.09
CA THR B 511 -36.72 -5.10 9.49
C THR B 511 -36.64 -4.81 10.99
N PHE B 512 -36.13 -5.77 11.76
CA PHE B 512 -36.05 -5.58 13.19
C PHE B 512 -35.02 -4.57 13.67
N PRO B 513 -33.76 -4.66 13.16
CA PRO B 513 -32.73 -3.72 13.59
C PRO B 513 -33.07 -2.22 13.44
N TYR B 514 -33.80 -1.89 12.38
CA TYR B 514 -34.19 -0.51 12.08
C TYR B 514 -35.35 0.02 12.94
N LYS B 515 -35.83 -0.80 13.85
CA LYS B 515 -36.93 -0.43 14.74
C LYS B 515 -36.78 0.93 15.43
N CYS B 516 -35.59 1.21 15.94
CA CYS B 516 -35.36 2.44 16.66
C CYS B 516 -34.71 3.61 15.89
N LEU B 517 -34.68 3.52 14.56
CA LEU B 517 -34.07 4.60 13.77
C LEU B 517 -35.03 5.77 13.56
N ASN B 518 -35.35 6.43 14.67
CA ASN B 518 -36.26 7.59 14.68
C ASN B 518 -36.20 8.47 13.44
N SER B 519 -35.06 9.11 13.24
CA SER B 519 -34.88 10.03 12.12
C SER B 519 -34.62 9.39 10.77
N LEU B 520 -34.39 8.07 10.74
CA LEU B 520 -34.10 7.42 9.46
C LEU B 520 -35.03 7.83 8.33
N GLN B 521 -34.47 8.47 7.30
CA GLN B 521 -35.24 8.91 6.15
C GLN B 521 -34.95 8.09 4.91
N VAL B 522 -33.69 7.76 4.68
CA VAL B 522 -33.31 6.96 3.51
C VAL B 522 -32.69 5.64 3.92
N LEU B 523 -32.82 4.64 3.04
CA LEU B 523 -32.29 3.32 3.31
C LEU B 523 -32.09 2.54 2.03
N ASP B 524 -30.95 2.76 1.39
CA ASP B 524 -30.65 2.04 0.16
C ASP B 524 -30.36 0.58 0.52
N TYR B 525 -30.77 -0.34 -0.34
CA TYR B 525 -30.56 -1.78 -0.12
C TYR B 525 -30.41 -2.44 -1.48
N SER B 526 -30.19 -1.60 -2.49
CA SER B 526 -30.06 -2.06 -3.88
C SER B 526 -28.88 -2.99 -4.17
N LEU B 527 -28.76 -3.38 -5.43
CA LEU B 527 -27.70 -4.27 -5.90
C LEU B 527 -27.27 -5.41 -4.98
N ASN B 528 -28.19 -5.92 -4.15
CA ASN B 528 -27.87 -7.04 -3.27
C ASN B 528 -28.31 -8.34 -3.94
N HIS B 529 -28.59 -9.35 -3.11
CA HIS B 529 -29.04 -10.64 -3.58
C HIS B 529 -30.23 -11.10 -2.72
N ILE B 530 -31.05 -10.13 -2.31
CA ILE B 530 -32.24 -10.38 -1.48
C ILE B 530 -33.38 -11.01 -2.29
N MET B 531 -34.24 -11.73 -1.58
CA MET B 531 -35.39 -12.40 -2.18
C MET B 531 -36.28 -12.96 -1.07
N THR B 532 -35.64 -13.40 0.00
CA THR B 532 -36.33 -13.98 1.15
C THR B 532 -36.75 -12.93 2.18
N SER B 533 -36.96 -13.40 3.41
CA SER B 533 -37.36 -12.57 4.54
C SER B 533 -37.54 -13.53 5.72
N LYS B 534 -36.46 -13.82 6.42
CA LYS B 534 -36.45 -14.76 7.54
C LYS B 534 -37.24 -14.37 8.80
N LYS B 535 -38.14 -13.40 8.66
CA LYS B 535 -39.00 -12.92 9.75
C LYS B 535 -40.01 -11.90 9.23
N GLN B 536 -41.28 -12.30 9.13
CA GLN B 536 -42.35 -11.45 8.63
C GLN B 536 -42.79 -10.33 9.57
N GLU B 537 -41.83 -9.69 10.24
CA GLU B 537 -42.11 -8.57 11.13
C GLU B 537 -41.80 -7.32 10.33
N LEU B 538 -42.19 -7.39 9.05
CA LEU B 538 -41.97 -6.33 8.07
C LEU B 538 -42.64 -4.98 8.34
N GLN B 539 -43.14 -4.77 9.55
CA GLN B 539 -43.78 -3.50 9.86
C GLN B 539 -42.85 -2.53 10.55
N HIS B 540 -41.79 -3.05 11.18
CA HIS B 540 -40.82 -2.23 11.92
C HIS B 540 -39.88 -1.31 11.11
N PHE B 541 -40.46 -0.42 10.30
CA PHE B 541 -39.72 0.58 9.52
C PHE B 541 -40.09 1.95 10.07
N PRO B 542 -39.13 2.67 10.67
CA PRO B 542 -39.34 4.01 11.26
C PRO B 542 -40.43 4.85 10.65
N SER B 543 -41.11 5.60 11.52
CA SER B 543 -42.23 6.46 11.14
C SER B 543 -41.85 7.60 10.17
N SER B 544 -40.58 7.97 10.16
CA SER B 544 -40.11 9.06 9.28
C SER B 544 -39.56 8.54 7.95
N LEU B 545 -39.23 7.26 7.90
CA LEU B 545 -38.70 6.64 6.69
C LEU B 545 -39.48 7.01 5.43
N ALA B 546 -38.91 7.87 4.62
CA ALA B 546 -39.55 8.28 3.37
C ALA B 546 -39.14 7.38 2.21
N PHE B 547 -37.87 7.47 1.80
CA PHE B 547 -37.37 6.65 0.69
C PHE B 547 -36.85 5.30 1.15
N LEU B 548 -36.85 4.32 0.23
CA LEU B 548 -36.38 2.98 0.53
C LEU B 548 -36.04 2.24 -0.75
N ASN B 549 -34.88 2.54 -1.29
CA ASN B 549 -34.43 1.90 -2.52
C ASN B 549 -34.34 0.40 -2.25
N LEU B 550 -34.67 -0.41 -3.27
CA LEU B 550 -34.61 -1.87 -3.18
C LEU B 550 -34.40 -2.36 -4.59
N THR B 551 -34.09 -1.40 -5.46
CA THR B 551 -33.88 -1.68 -6.87
C THR B 551 -32.81 -2.71 -7.17
N GLN B 552 -32.99 -3.40 -8.28
CA GLN B 552 -32.05 -4.40 -8.73
C GLN B 552 -31.67 -5.42 -7.66
N ASN B 553 -32.26 -6.61 -7.77
CA ASN B 553 -32.00 -7.70 -6.84
C ASN B 553 -32.29 -9.03 -7.54
N ASP B 554 -32.42 -10.09 -6.74
CA ASP B 554 -32.71 -11.40 -7.29
C ASP B 554 -33.92 -11.98 -6.56
N PHE B 555 -35.04 -11.25 -6.65
CA PHE B 555 -36.28 -11.64 -6.02
C PHE B 555 -36.74 -13.05 -6.42
N ALA B 556 -37.62 -13.61 -5.61
CA ALA B 556 -38.19 -14.94 -5.84
C ALA B 556 -39.66 -14.76 -6.22
N CYS B 557 -39.95 -14.77 -7.52
CA CYS B 557 -41.32 -14.59 -8.00
C CYS B 557 -42.05 -15.90 -8.27
N THR B 558 -42.16 -16.72 -7.22
CA THR B 558 -42.87 -18.00 -7.24
C THR B 558 -43.75 -17.94 -5.99
N CYS B 559 -44.92 -18.59 -6.01
CA CYS B 559 -45.80 -18.53 -4.84
C CYS B 559 -45.08 -18.84 -3.52
N GLU B 560 -43.93 -19.50 -3.61
CA GLU B 560 -43.16 -19.86 -2.42
C GLU B 560 -42.98 -18.67 -1.47
N HIS B 561 -42.86 -17.48 -2.04
CA HIS B 561 -42.69 -16.26 -1.25
C HIS B 561 -43.77 -15.23 -1.55
N GLN B 562 -45.02 -15.68 -1.45
CA GLN B 562 -46.17 -14.81 -1.69
C GLN B 562 -46.28 -13.82 -0.54
N SER B 563 -45.91 -14.28 0.66
CA SER B 563 -45.98 -13.47 1.86
C SER B 563 -45.09 -12.22 1.82
N PHE B 564 -43.88 -12.37 1.28
CA PHE B 564 -42.93 -11.26 1.19
C PHE B 564 -43.09 -10.43 -0.10
N LEU B 565 -43.33 -11.10 -1.23
CA LEU B 565 -43.49 -10.40 -2.51
C LEU B 565 -44.71 -9.49 -2.47
N GLN B 566 -45.61 -9.76 -1.54
CA GLN B 566 -46.82 -8.97 -1.35
C GLN B 566 -46.49 -7.70 -0.57
N TRP B 567 -45.73 -7.84 0.50
CA TRP B 567 -45.33 -6.72 1.36
C TRP B 567 -44.69 -5.60 0.53
N ILE B 568 -44.03 -5.98 -0.55
CA ILE B 568 -43.38 -5.03 -1.45
C ILE B 568 -44.45 -4.14 -2.09
N LYS B 569 -45.53 -4.78 -2.54
CA LYS B 569 -46.64 -4.07 -3.17
C LYS B 569 -47.33 -3.19 -2.13
N ASP B 570 -47.65 -3.80 -0.98
CA ASP B 570 -48.34 -3.14 0.12
C ASP B 570 -47.86 -1.73 0.45
N GLN B 571 -46.56 -1.47 0.30
CA GLN B 571 -46.03 -0.14 0.57
C GLN B 571 -45.11 0.37 -0.53
N ARG B 572 -45.69 0.58 -1.70
CA ARG B 572 -44.95 1.09 -2.84
C ARG B 572 -44.95 2.61 -2.75
N GLN B 573 -45.27 3.10 -1.57
CA GLN B 573 -45.29 4.54 -1.31
C GLN B 573 -44.01 4.93 -0.60
N LEU B 574 -43.07 3.99 -0.52
CA LEU B 574 -41.79 4.21 0.12
C LEU B 574 -40.67 3.88 -0.88
N LEU B 575 -40.96 2.94 -1.78
CA LEU B 575 -39.99 2.51 -2.78
C LEU B 575 -39.47 3.60 -3.71
N VAL B 576 -38.74 3.17 -4.74
CA VAL B 576 -38.16 4.07 -5.72
C VAL B 576 -38.32 3.46 -7.11
N GLU B 577 -37.34 3.70 -7.98
CA GLU B 577 -37.38 3.18 -9.35
C GLU B 577 -37.91 1.75 -9.45
N VAL B 578 -39.19 1.60 -9.77
CA VAL B 578 -39.82 0.28 -9.87
C VAL B 578 -39.54 -0.45 -11.18
N GLU B 579 -39.20 0.28 -12.24
CA GLU B 579 -38.91 -0.35 -13.54
C GLU B 579 -37.55 -1.05 -13.54
N ARG B 580 -36.95 -1.13 -12.36
CA ARG B 580 -35.65 -1.77 -12.20
C ARG B 580 -35.69 -2.83 -11.10
N MET B 581 -36.89 -3.24 -10.72
CA MET B 581 -37.05 -4.25 -9.69
C MET B 581 -37.47 -5.59 -10.30
N GLU B 582 -36.98 -5.84 -11.50
CA GLU B 582 -37.27 -7.06 -12.25
C GLU B 582 -37.11 -8.36 -11.43
N CYS B 583 -37.89 -9.38 -11.78
CA CYS B 583 -37.83 -10.67 -11.11
C CYS B 583 -36.54 -11.36 -11.48
N ALA B 584 -36.32 -12.55 -10.93
CA ALA B 584 -35.11 -13.30 -11.24
C ALA B 584 -35.28 -14.81 -11.26
N THR B 585 -36.15 -15.35 -10.40
CA THR B 585 -36.33 -16.80 -10.32
C THR B 585 -37.12 -17.52 -11.43
N PRO B 586 -38.28 -16.99 -11.86
CA PRO B 586 -38.98 -17.72 -12.93
C PRO B 586 -38.21 -17.66 -14.26
N SER B 587 -37.64 -18.79 -14.68
CA SER B 587 -36.87 -18.83 -15.94
C SER B 587 -37.75 -18.47 -17.13
N ASP B 588 -39.05 -18.33 -16.86
CA ASP B 588 -40.03 -17.97 -17.88
C ASP B 588 -40.62 -16.57 -17.59
N LYS B 589 -40.66 -16.21 -16.30
CA LYS B 589 -41.18 -14.90 -15.89
C LYS B 589 -40.11 -14.09 -15.16
N GLN B 590 -39.22 -13.48 -15.93
CA GLN B 590 -38.13 -12.65 -15.41
C GLN B 590 -38.04 -11.35 -16.18
N GLY B 591 -38.13 -10.22 -15.46
CA GLY B 591 -38.05 -8.93 -16.11
C GLY B 591 -39.32 -8.12 -15.96
N MET B 592 -40.32 -8.72 -15.33
CA MET B 592 -41.60 -8.07 -15.10
C MET B 592 -41.58 -7.44 -13.72
N PRO B 593 -42.04 -6.18 -13.60
CA PRO B 593 -42.05 -5.50 -12.30
C PRO B 593 -42.74 -6.30 -11.20
N VAL B 594 -42.05 -6.47 -10.08
CA VAL B 594 -42.57 -7.20 -8.93
C VAL B 594 -43.87 -6.59 -8.41
N LEU B 595 -44.07 -5.30 -8.63
CA LEU B 595 -45.28 -4.63 -8.19
C LEU B 595 -46.39 -4.83 -9.23
N SER B 596 -46.30 -5.96 -9.94
CA SER B 596 -47.27 -6.31 -10.99
C SER B 596 -47.25 -7.81 -11.31
N LEU B 597 -47.72 -8.64 -10.38
CA LEU B 597 -47.73 -10.09 -10.58
C LEU B 597 -49.05 -10.80 -10.25
N ASN B 598 -49.38 -11.79 -11.07
CA ASN B 598 -50.59 -12.60 -10.87
C ASN B 598 -50.30 -13.53 -9.69
N ILE B 599 -50.71 -13.10 -8.50
CA ILE B 599 -50.49 -13.87 -7.28
C ILE B 599 -51.41 -15.10 -7.22
N THR B 600 -51.35 -15.92 -8.27
CA THR B 600 -52.17 -17.13 -8.38
C THR B 600 -51.48 -18.37 -7.79
N CYS B 601 -52.00 -18.88 -6.68
CA CYS B 601 -51.46 -20.05 -6.02
C CYS B 601 -52.50 -21.17 -5.95
N GLN C 1 -4.42 -21.65 41.35
CA GLN C 1 -5.54 -20.67 41.43
C GLN C 1 -5.09 -19.33 42.02
N LYS C 2 -4.01 -19.36 42.78
CA LYS C 2 -3.47 -18.16 43.41
C LYS C 2 -3.15 -17.07 42.39
N GLN C 3 -3.50 -15.84 42.75
CA GLN C 3 -3.21 -14.70 41.90
C GLN C 3 -1.89 -14.11 42.39
N TYR C 4 -0.95 -13.87 41.47
CA TYR C 4 0.33 -13.29 41.84
C TYR C 4 0.36 -11.81 41.49
N TRP C 5 0.88 -11.00 42.41
CA TRP C 5 0.94 -9.56 42.21
C TRP C 5 2.29 -9.06 41.72
N VAL C 6 2.31 -8.56 40.49
CA VAL C 6 3.55 -8.04 39.96
C VAL C 6 3.79 -6.66 40.58
N CYS C 7 3.00 -5.66 40.19
CA CYS C 7 3.17 -4.31 40.75
C CYS C 7 2.06 -3.33 40.43
N ASN C 8 2.17 -2.14 41.02
CA ASN C 8 1.23 -1.03 40.82
C ASN C 8 2.03 0.25 40.53
N SER C 9 1.52 1.07 39.61
CA SER C 9 2.16 2.33 39.26
C SER C 9 1.18 3.43 39.64
N SER C 10 0.91 4.32 38.71
CA SER C 10 -0.04 5.40 38.95
C SER C 10 -1.08 5.29 37.85
N ASP C 11 -0.78 4.42 36.90
CA ASP C 11 -1.62 4.17 35.75
C ASP C 11 -2.27 2.82 35.89
N ALA C 12 -1.51 1.87 36.39
CA ALA C 12 -2.01 0.51 36.50
C ALA C 12 -1.61 -0.37 37.66
N SER C 13 -2.27 -1.53 37.66
CA SER C 13 -2.11 -2.59 38.64
C SER C 13 -2.00 -3.88 37.81
N ILE C 14 -0.86 -4.57 37.92
CA ILE C 14 -0.61 -5.78 37.15
C ILE C 14 -0.49 -7.06 37.97
N SER C 15 -1.23 -8.08 37.58
CA SER C 15 -1.22 -9.38 38.25
C SER C 15 -1.42 -10.49 37.22
N TYR C 16 -1.12 -11.73 37.60
CA TYR C 16 -1.27 -12.86 36.70
C TYR C 16 -1.63 -14.19 37.41
N THR C 17 -2.20 -15.10 36.63
CA THR C 17 -2.58 -16.42 37.11
C THR C 17 -2.03 -17.36 36.03
N TYR C 18 -2.34 -18.65 36.10
CA TYR C 18 -1.86 -19.56 35.08
C TYR C 18 -3.07 -19.99 34.26
N CYS C 19 -2.83 -20.39 33.02
CA CYS C 19 -3.91 -20.86 32.16
C CYS C 19 -3.51 -22.18 31.54
N ASP C 20 -2.55 -22.86 32.17
CA ASP C 20 -2.10 -24.15 31.68
C ASP C 20 -2.17 -25.19 32.79
N LYS C 21 -2.18 -26.47 32.41
CA LYS C 21 -2.24 -27.57 33.36
C LYS C 21 -1.08 -27.53 34.37
N MET C 22 0.14 -27.80 33.89
CA MET C 22 1.34 -27.77 34.74
C MET C 22 1.60 -26.31 35.12
N GLN C 23 1.81 -26.02 36.39
CA GLN C 23 2.01 -24.63 36.77
C GLN C 23 3.41 -24.29 37.25
N TYR C 24 4.39 -24.57 36.41
CA TYR C 24 5.79 -24.29 36.72
C TYR C 24 5.96 -22.83 37.16
N PRO C 25 6.58 -22.61 38.33
CA PRO C 25 6.81 -21.27 38.89
C PRO C 25 7.74 -20.32 38.11
N ILE C 26 7.42 -19.02 38.14
CA ILE C 26 8.23 -18.00 37.47
C ILE C 26 8.39 -16.80 38.38
N SER C 27 9.53 -16.13 38.24
CA SER C 27 9.80 -14.93 39.00
C SER C 27 9.72 -13.75 38.02
N ILE C 28 8.86 -12.78 38.29
CA ILE C 28 8.68 -11.65 37.38
C ILE C 28 8.71 -10.29 38.07
N ASN C 29 9.74 -9.51 37.81
CA ASN C 29 9.87 -8.18 38.41
C ASN C 29 9.95 -7.10 37.35
N VAL C 30 9.30 -5.98 37.60
CA VAL C 30 9.28 -4.89 36.66
C VAL C 30 9.72 -3.63 37.40
N ASN C 31 10.84 -3.04 36.97
CA ASN C 31 11.36 -1.83 37.62
C ASN C 31 11.78 -0.71 36.69
N PRO C 32 11.08 0.43 36.75
CA PRO C 32 9.93 0.75 37.60
C PRO C 32 8.67 0.10 37.05
N CYS C 33 7.56 0.20 37.77
CA CYS C 33 6.34 -0.43 37.29
C CYS C 33 5.79 0.23 36.04
N ILE C 34 5.25 -0.60 35.14
CA ILE C 34 4.68 -0.16 33.89
C ILE C 34 3.68 0.97 34.07
N GLU C 35 3.70 1.92 33.15
CA GLU C 35 2.75 3.02 33.14
C GLU C 35 2.25 3.05 31.72
N LEU C 36 0.95 2.81 31.54
CA LEU C 36 0.39 2.79 30.20
C LEU C 36 0.47 4.11 29.45
N LYS C 37 0.82 5.18 30.15
CA LYS C 37 0.97 6.48 29.51
C LYS C 37 2.34 6.53 28.83
N GLY C 38 3.11 5.47 29.02
CA GLY C 38 4.44 5.40 28.44
C GLY C 38 5.46 5.24 29.55
N SER C 39 6.30 4.22 29.44
CA SER C 39 7.35 3.95 30.43
C SER C 39 8.51 3.17 29.85
N LYS C 40 9.58 3.06 30.61
CA LYS C 40 10.74 2.31 30.17
C LYS C 40 11.51 1.85 31.40
N GLY C 41 11.69 0.55 31.54
CA GLY C 41 12.40 0.00 32.68
C GLY C 41 13.03 -1.34 32.38
N LEU C 42 13.39 -2.07 33.44
CA LEU C 42 14.01 -3.39 33.32
C LEU C 42 13.07 -4.47 33.82
N LEU C 43 12.96 -5.54 33.05
CA LEU C 43 12.10 -6.68 33.38
C LEU C 43 12.98 -7.85 33.77
N HIS C 44 13.07 -8.15 35.06
CA HIS C 44 13.90 -9.25 35.51
C HIS C 44 13.11 -10.54 35.66
N ILE C 45 13.58 -11.60 35.01
CA ILE C 45 12.91 -12.90 35.09
C ILE C 45 13.87 -13.97 35.56
N PHE C 46 13.33 -14.96 36.26
CA PHE C 46 14.08 -16.10 36.75
C PHE C 46 13.18 -17.25 36.46
N TYR C 47 13.67 -18.23 35.70
CA TYR C 47 12.86 -19.36 35.31
C TYR C 47 13.80 -20.49 35.04
N ILE C 48 13.24 -21.70 34.98
CA ILE C 48 13.98 -22.91 34.71
C ILE C 48 12.97 -23.65 33.85
N PRO C 49 13.05 -23.46 32.51
CA PRO C 49 12.16 -24.08 31.52
C PRO C 49 12.08 -25.60 31.57
N ARG C 50 11.11 -26.18 30.85
CA ARG C 50 10.95 -27.63 30.81
C ARG C 50 11.09 -28.04 29.34
N ARG C 51 11.48 -27.06 28.54
CA ARG C 51 11.71 -27.24 27.11
C ARG C 51 12.82 -26.27 26.76
N ASP C 52 13.29 -26.32 25.52
CA ASP C 52 14.34 -25.41 25.08
C ASP C 52 13.71 -24.10 24.62
N LEU C 53 14.33 -22.97 24.94
CA LEU C 53 13.77 -21.68 24.53
C LEU C 53 14.01 -21.39 23.05
N LYS C 54 14.65 -22.33 22.38
CA LYS C 54 14.96 -22.28 20.95
C LYS C 54 13.73 -21.81 20.16
N GLN C 55 13.84 -20.68 19.46
CA GLN C 55 12.73 -20.15 18.66
C GLN C 55 11.45 -19.87 19.44
N LEU C 56 11.59 -19.18 20.58
CA LEU C 56 10.47 -18.80 21.46
C LEU C 56 9.54 -17.83 20.74
N TYR C 57 8.31 -17.70 21.22
CA TYR C 57 7.36 -16.75 20.68
C TYR C 57 6.08 -16.80 21.49
N PHE C 58 5.46 -15.64 21.70
CA PHE C 58 4.24 -15.57 22.46
C PHE C 58 3.05 -15.45 21.53
N ASN C 59 1.91 -15.95 21.94
CA ASN C 59 0.70 -15.79 21.17
C ASN C 59 -0.06 -14.91 22.13
N LEU C 60 -0.50 -13.75 21.70
CA LEU C 60 -1.18 -12.88 22.63
C LEU C 60 -2.66 -12.73 22.37
N TYR C 61 -3.44 -12.95 23.42
CA TYR C 61 -4.89 -12.82 23.33
C TYR C 61 -5.32 -11.69 24.27
N ILE C 62 -5.38 -10.47 23.73
CA ILE C 62 -5.74 -9.30 24.51
C ILE C 62 -7.25 -9.10 24.56
N THR C 63 -7.70 -8.45 25.61
CA THR C 63 -9.11 -8.17 25.83
C THR C 63 -9.30 -6.82 26.55
N VAL C 64 -10.11 -5.97 25.91
CA VAL C 64 -10.43 -4.64 26.44
C VAL C 64 -11.90 -4.62 26.91
N ASN C 65 -12.12 -4.55 28.20
CA ASN C 65 -13.47 -4.51 28.76
C ASN C 65 -14.44 -5.36 27.93
N THR C 66 -14.24 -6.68 27.94
CA THR C 66 -15.10 -7.64 27.21
C THR C 66 -14.80 -7.75 25.71
N MET C 67 -14.16 -6.72 25.15
CA MET C 67 -13.84 -6.71 23.72
C MET C 67 -12.60 -7.54 23.40
N ASN C 68 -12.62 -8.20 22.25
CA ASN C 68 -11.51 -9.05 21.84
C ASN C 68 -10.75 -8.54 20.62
N LEU C 69 -9.44 -8.51 20.72
CA LEU C 69 -8.56 -8.06 19.66
C LEU C 69 -8.03 -9.32 18.99
N PRO C 70 -7.68 -9.24 17.70
CA PRO C 70 -7.15 -10.41 17.00
C PRO C 70 -5.93 -11.01 17.72
N LYS C 71 -5.54 -12.21 17.32
CA LYS C 71 -4.39 -12.84 17.95
C LYS C 71 -3.19 -12.03 17.55
N ARG C 72 -2.14 -12.09 18.35
CA ARG C 72 -0.89 -11.39 18.05
C ARG C 72 0.23 -12.38 18.20
N LYS C 73 1.08 -12.49 17.18
CA LYS C 73 2.23 -13.37 17.29
C LYS C 73 3.44 -12.46 17.47
N GLU C 74 4.09 -12.55 18.62
CA GLU C 74 5.27 -11.76 18.91
C GLU C 74 6.42 -12.74 19.03
N VAL C 75 7.42 -12.58 18.17
CA VAL C 75 8.57 -13.49 18.18
C VAL C 75 9.76 -13.02 19.01
N ILE C 76 10.24 -13.87 19.89
CA ILE C 76 11.42 -13.58 20.68
C ILE C 76 12.27 -14.72 20.16
N CYS C 77 13.44 -14.45 19.61
CA CYS C 77 14.28 -15.54 19.06
C CYS C 77 13.78 -16.10 17.73
N ARG C 78 14.45 -15.74 16.63
CA ARG C 78 14.06 -16.28 15.33
C ARG C 78 14.71 -17.66 15.17
N GLY C 79 15.85 -17.89 15.84
CA GLY C 79 16.49 -19.19 15.75
C GLY C 79 17.97 -19.31 15.41
N SER C 80 18.58 -18.23 14.94
CA SER C 80 20.00 -18.29 14.59
C SER C 80 20.72 -17.01 14.99
N ASP C 81 21.69 -17.14 15.89
CA ASP C 81 22.45 -15.98 16.37
C ASP C 81 21.44 -14.91 16.78
N ASP C 82 20.59 -15.25 17.75
CA ASP C 82 19.54 -14.36 18.23
C ASP C 82 19.99 -13.19 19.08
N ASP C 83 19.10 -12.23 19.24
CA ASP C 83 19.37 -11.02 20.01
C ASP C 83 19.56 -11.31 21.48
N TYR C 84 18.62 -12.06 22.06
CA TYR C 84 18.68 -12.40 23.49
C TYR C 84 19.54 -13.62 23.80
N SER C 85 20.21 -13.60 24.94
CA SER C 85 21.09 -14.70 25.32
C SER C 85 20.31 -15.90 25.84
N PHE C 86 19.10 -15.67 26.33
CA PHE C 86 18.32 -16.77 26.87
C PHE C 86 17.70 -17.69 25.80
N CYS C 87 17.82 -17.31 24.54
CA CYS C 87 17.28 -18.15 23.47
C CYS C 87 18.07 -19.46 23.44
N ARG C 88 19.35 -19.36 23.75
CA ARG C 88 20.25 -20.51 23.76
C ARG C 88 19.94 -21.49 24.90
N ALA C 89 19.13 -21.07 25.86
CA ALA C 89 18.80 -21.93 27.01
C ALA C 89 18.21 -23.30 26.68
N LEU C 90 18.67 -24.32 27.40
CA LEU C 90 18.21 -25.70 27.22
C LEU C 90 17.16 -26.13 28.25
N LYS C 91 16.58 -27.31 28.02
CA LYS C 91 15.53 -27.85 28.88
C LYS C 91 15.65 -27.65 30.40
N GLY C 92 16.77 -27.98 31.01
CA GLY C 92 16.84 -27.79 32.45
C GLY C 92 17.77 -26.70 32.94
N GLU C 93 18.12 -25.77 32.05
CA GLU C 93 19.04 -24.68 32.36
C GLU C 93 18.42 -23.53 33.14
N THR C 94 19.16 -23.01 34.11
CA THR C 94 18.71 -21.89 34.90
C THR C 94 18.80 -20.62 34.08
N VAL C 95 17.68 -19.90 34.00
CA VAL C 95 17.59 -18.65 33.25
C VAL C 95 17.38 -17.47 34.21
N ASN C 96 18.45 -16.76 34.55
CA ASN C 96 18.36 -15.58 35.44
C ASN C 96 18.82 -14.42 34.57
N THR C 97 17.87 -13.72 33.97
CA THR C 97 18.19 -12.61 33.08
C THR C 97 17.43 -11.32 33.33
N THR C 98 17.91 -10.24 32.73
CA THR C 98 17.29 -8.93 32.84
C THR C 98 17.12 -8.38 31.43
N ILE C 99 15.86 -8.22 31.02
CA ILE C 99 15.53 -7.70 29.71
C ILE C 99 15.07 -6.24 29.82
N SER C 100 15.56 -5.36 28.96
CA SER C 100 15.13 -3.97 29.03
C SER C 100 13.97 -3.73 28.09
N PHE C 101 13.07 -2.82 28.46
CA PHE C 101 11.92 -2.50 27.61
C PHE C 101 11.65 -1.00 27.59
N SER C 102 10.79 -0.58 26.67
CA SER C 102 10.43 0.83 26.50
C SER C 102 9.28 0.96 25.53
N PHE C 103 8.42 1.96 25.72
CA PHE C 103 7.29 2.17 24.80
C PHE C 103 6.60 3.50 25.06
N LYS C 104 5.82 3.94 24.09
CA LYS C 104 5.09 5.20 24.19
C LYS C 104 4.24 5.41 22.94
N GLY C 105 3.36 6.39 22.96
CA GLY C 105 2.56 6.67 21.79
C GLY C 105 1.11 6.22 21.69
N ILE C 106 0.61 5.41 22.62
CA ILE C 106 -0.79 5.00 22.52
C ILE C 106 -1.64 5.29 23.76
N LYS C 107 -2.84 5.80 23.51
CA LYS C 107 -3.81 6.13 24.54
C LYS C 107 -4.73 4.93 24.68
N PHE C 108 -4.95 4.49 25.93
CA PHE C 108 -5.82 3.36 26.20
C PHE C 108 -7.07 3.79 26.94
N SER C 109 -8.17 3.07 26.74
CA SER C 109 -9.41 3.39 27.44
C SER C 109 -9.15 3.09 28.92
N LYS C 110 -10.12 3.43 29.75
CA LYS C 110 -10.05 3.18 31.18
C LYS C 110 -10.73 1.82 31.33
N GLY C 111 -10.28 1.01 32.28
CA GLY C 111 -10.92 -0.27 32.42
C GLY C 111 -10.04 -1.44 32.80
N LYS C 112 -10.55 -2.63 32.53
CA LYS C 112 -9.85 -3.87 32.83
C LYS C 112 -9.33 -4.56 31.57
N TYR C 113 -8.00 -4.76 31.53
CA TYR C 113 -7.36 -5.43 30.41
C TYR C 113 -6.86 -6.78 30.86
N LYS C 114 -7.09 -7.79 30.02
CA LYS C 114 -6.61 -9.12 30.32
C LYS C 114 -5.87 -9.62 29.07
N CYS C 115 -4.65 -10.11 29.28
CA CYS C 115 -3.83 -10.58 28.18
C CYS C 115 -3.31 -11.99 28.42
N VAL C 116 -3.79 -12.94 27.62
CA VAL C 116 -3.34 -14.31 27.74
C VAL C 116 -2.07 -14.39 26.91
N VAL C 117 -0.98 -14.79 27.56
CA VAL C 117 0.31 -14.89 26.90
C VAL C 117 0.75 -16.35 26.90
N GLU C 118 0.47 -17.03 25.80
CA GLU C 118 0.82 -18.42 25.61
C GLU C 118 2.19 -18.42 24.97
N ALA C 119 3.18 -18.97 25.68
CA ALA C 119 4.54 -19.04 25.18
C ALA C 119 4.76 -20.37 24.45
N ILE C 120 5.53 -20.34 23.37
CA ILE C 120 5.79 -21.55 22.58
C ILE C 120 7.25 -21.58 22.10
N SER C 121 7.87 -22.75 22.16
CA SER C 121 9.25 -22.92 21.72
C SER C 121 9.62 -24.38 21.49
N GLY C 122 10.84 -24.59 21.04
CA GLY C 122 11.31 -25.94 20.77
C GLY C 122 11.32 -26.22 19.29
N SER C 123 12.08 -27.23 18.87
CA SER C 123 12.14 -27.62 17.45
C SER C 123 10.77 -28.06 16.96
N PRO C 124 10.14 -29.03 17.63
CA PRO C 124 8.81 -29.43 17.13
C PRO C 124 7.79 -28.42 17.67
N GLU C 125 8.28 -27.54 18.54
CA GLU C 125 7.51 -26.49 19.20
C GLU C 125 6.18 -26.92 19.85
N GLU C 126 6.16 -26.80 21.18
CA GLU C 126 5.01 -27.14 21.98
C GLU C 126 4.94 -26.05 23.03
N MET C 127 3.81 -25.89 23.69
CA MET C 127 3.67 -24.84 24.68
C MET C 127 4.66 -24.93 25.83
N LEU C 128 5.19 -23.78 26.23
CA LEU C 128 6.16 -23.69 27.32
C LEU C 128 5.39 -23.39 28.60
N PHE C 129 4.59 -22.33 28.57
CA PHE C 129 3.76 -21.93 29.70
C PHE C 129 2.66 -21.01 29.21
N CYS C 130 1.60 -20.87 30.00
CA CYS C 130 0.49 -20.00 29.65
C CYS C 130 0.21 -19.18 30.90
N LEU C 131 0.10 -17.86 30.74
CA LEU C 131 -0.18 -16.97 31.85
C LEU C 131 -1.28 -16.02 31.43
N GLU C 132 -2.16 -15.65 32.37
CA GLU C 132 -3.21 -14.70 32.05
C GLU C 132 -2.97 -13.46 32.90
N PHE C 133 -2.61 -12.37 32.22
CA PHE C 133 -2.31 -11.10 32.87
C PHE C 133 -3.52 -10.20 33.03
N VAL C 134 -3.73 -9.70 34.24
CA VAL C 134 -4.84 -8.81 34.51
C VAL C 134 -4.23 -7.48 34.88
N ILE C 135 -4.47 -6.48 34.05
CA ILE C 135 -3.92 -5.16 34.27
C ILE C 135 -5.03 -4.11 34.30
N LEU C 136 -5.18 -3.44 35.46
CA LEU C 136 -6.20 -2.42 35.62
C LEU C 136 -5.60 -1.07 35.26
N HIS C 137 -6.35 -0.29 34.49
CA HIS C 137 -5.87 1.02 34.06
C HIS C 137 -6.78 2.18 34.47
N GLN C 138 -6.16 3.16 35.14
CA GLN C 138 -6.86 4.36 35.56
C GLN C 138 -6.06 5.56 35.01
N PRO C 139 -6.52 6.15 33.89
CA PRO C 139 -5.84 7.29 33.25
C PRO C 139 -5.73 8.58 34.07
N ASN C 140 -5.43 9.67 33.37
CA ASN C 140 -5.27 11.01 33.96
C ASN C 140 -4.11 11.12 34.95
N GLN D 1 -16.60 8.20 -43.07
CA GLN D 1 -16.18 6.77 -43.21
C GLN D 1 -14.72 6.65 -43.65
N LYS D 2 -14.22 7.70 -44.28
CA LYS D 2 -12.84 7.73 -44.77
C LYS D 2 -11.83 7.49 -43.63
N GLN D 3 -10.82 6.68 -43.92
CA GLN D 3 -9.77 6.40 -42.95
C GLN D 3 -8.65 7.38 -43.25
N TYR D 4 -8.14 8.05 -42.23
CA TYR D 4 -7.05 9.01 -42.41
C TYR D 4 -5.74 8.39 -41.96
N TRP D 5 -4.69 8.57 -42.74
CA TRP D 5 -3.39 7.99 -42.42
C TRP D 5 -2.45 8.98 -41.74
N VAL D 6 -2.12 8.70 -40.48
CA VAL D 6 -1.19 9.58 -39.77
C VAL D 6 0.23 9.26 -40.25
N CYS D 7 0.76 8.09 -39.89
CA CYS D 7 2.12 7.71 -40.31
C CYS D 7 2.51 6.26 -40.05
N ASN D 8 3.71 5.91 -40.53
CA ASN D 8 4.28 4.57 -40.36
C ASN D 8 5.72 4.73 -39.89
N SER D 9 6.16 3.86 -38.98
CA SER D 9 7.53 3.89 -38.48
C SER D 9 8.18 2.57 -38.89
N SER D 10 8.75 1.87 -37.92
CA SER D 10 9.36 0.58 -38.20
C SER D 10 8.70 -0.40 -37.23
N ASP D 11 7.94 0.16 -36.31
CA ASP D 11 7.23 -0.57 -35.28
C ASP D 11 5.75 -0.56 -35.59
N ALA D 12 5.26 0.55 -36.11
CA ALA D 12 3.84 0.67 -36.36
C ALA D 12 3.34 1.47 -37.55
N SER D 13 2.02 1.38 -37.71
CA SER D 13 1.25 2.05 -38.74
C SER D 13 0.03 2.62 -37.99
N ILE D 14 -0.10 3.96 -38.02
CA ILE D 14 -1.18 4.64 -37.31
C ILE D 14 -2.20 5.35 -38.21
N SER D 15 -3.48 5.07 -37.97
CA SER D 15 -4.55 5.68 -38.74
C SER D 15 -5.77 5.89 -37.81
N TYR D 16 -6.72 6.71 -38.26
CA TYR D 16 -7.92 6.99 -37.47
C TYR D 16 -9.18 7.26 -38.31
N THR D 17 -10.32 7.09 -37.67
CA THR D 17 -11.62 7.34 -38.29
C THR D 17 -12.37 8.15 -37.23
N TYR D 18 -13.66 8.43 -37.45
CA TYR D 18 -14.43 9.17 -36.45
C TYR D 18 -15.40 8.20 -35.81
N CYS D 19 -15.79 8.48 -34.56
CA CYS D 19 -16.76 7.65 -33.85
C CYS D 19 -17.87 8.52 -33.29
N ASP D 20 -18.02 9.71 -33.86
CA ASP D 20 -19.06 10.63 -33.42
C ASP D 20 -19.89 11.09 -34.60
N LYS D 21 -21.08 11.58 -34.32
CA LYS D 21 -21.99 12.06 -35.36
C LYS D 21 -21.35 13.16 -36.21
N MET D 22 -21.16 14.35 -35.64
CA MET D 22 -20.54 15.48 -36.34
C MET D 22 -19.08 15.12 -36.56
N GLN D 23 -18.56 15.30 -37.77
CA GLN D 23 -17.18 14.92 -38.01
C GLN D 23 -16.24 16.07 -38.31
N TYR D 24 -16.19 17.02 -37.38
CA TYR D 24 -15.33 18.19 -37.50
C TYR D 24 -13.90 17.76 -37.81
N PRO D 25 -13.31 18.32 -38.87
CA PRO D 25 -11.94 18.00 -39.31
C PRO D 25 -10.79 18.37 -38.36
N ILE D 26 -9.74 17.56 -38.35
CA ILE D 26 -8.55 17.82 -37.51
C ILE D 26 -7.30 17.53 -38.30
N SER D 27 -6.24 18.25 -37.97
CA SER D 27 -4.95 18.06 -38.61
C SER D 27 -4.03 17.42 -37.55
N ILE D 28 -3.48 16.24 -37.84
CA ILE D 28 -2.64 15.53 -36.88
C ILE D 28 -1.33 15.02 -37.44
N ASN D 29 -0.22 15.63 -37.02
CA ASN D 29 1.10 15.22 -37.50
C ASN D 29 2.00 14.77 -36.38
N VAL D 30 2.77 13.72 -36.64
CA VAL D 30 3.64 13.16 -35.63
C VAL D 30 5.06 13.07 -36.20
N ASN D 31 5.99 13.82 -35.61
CA ASN D 31 7.38 13.83 -36.09
C ASN D 31 8.46 13.67 -35.04
N PRO D 32 9.22 12.55 -35.08
CA PRO D 32 9.11 11.44 -36.04
C PRO D 32 7.93 10.54 -35.70
N CYS D 33 7.65 9.55 -36.53
CA CYS D 33 6.52 8.68 -36.24
C CYS D 33 6.75 7.81 -35.02
N ILE D 34 5.68 7.61 -34.26
CA ILE D 34 5.71 6.81 -33.05
C ILE D 34 6.33 5.45 -33.26
N GLU D 35 7.09 5.01 -32.27
CA GLU D 35 7.69 3.68 -32.29
C GLU D 35 7.35 3.10 -30.92
N LEU D 36 6.59 2.01 -30.92
CA LEU D 36 6.17 1.41 -29.66
C LEU D 36 7.31 0.86 -28.81
N LYS D 37 8.50 0.82 -29.37
CA LYS D 37 9.66 0.34 -28.62
C LYS D 37 10.19 1.50 -27.80
N GLY D 38 9.57 2.66 -27.99
CA GLY D 38 10.00 3.84 -27.27
C GLY D 38 10.40 4.91 -28.25
N SER D 39 9.80 6.10 -28.11
CA SER D 39 10.10 7.22 -29.01
C SER D 39 9.78 8.56 -28.36
N LYS D 40 10.23 9.64 -28.99
CA LYS D 40 9.99 10.98 -28.48
C LYS D 40 10.05 11.95 -29.65
N GLY D 41 8.94 12.67 -29.87
CA GLY D 41 8.87 13.63 -30.95
C GLY D 41 7.89 14.75 -30.69
N LEU D 42 7.49 15.46 -31.74
CA LEU D 42 6.54 16.57 -31.64
C LEU D 42 5.24 16.20 -32.32
N LEU D 43 4.13 16.49 -31.64
CA LEU D 43 2.79 16.23 -32.15
C LEU D 43 2.14 17.56 -32.53
N HIS D 44 2.06 17.85 -33.81
CA HIS D 44 1.46 19.10 -34.25
C HIS D 44 -0.02 18.95 -34.60
N ILE D 45 -0.86 19.77 -33.98
CA ILE D 45 -2.29 19.72 -34.22
C ILE D 45 -2.81 21.07 -34.64
N PHE D 46 -3.84 21.04 -35.49
CA PHE D 46 -4.49 22.24 -35.98
C PHE D 46 -5.96 21.88 -35.87
N TYR D 47 -6.71 22.67 -35.13
CA TYR D 47 -8.13 22.41 -34.91
C TYR D 47 -8.79 23.73 -34.62
N ILE D 48 -10.11 23.71 -34.72
CA ILE D 48 -10.93 24.87 -34.46
C ILE D 48 -12.12 24.20 -33.78
N PRO D 49 -12.08 24.11 -32.43
CA PRO D 49 -13.13 23.48 -31.60
C PRO D 49 -14.53 24.06 -31.78
N ARG D 50 -15.52 23.37 -31.23
CA ARG D 50 -16.91 23.83 -31.30
C ARG D 50 -17.38 24.03 -29.87
N ARG D 51 -16.44 23.91 -28.95
CA ARG D 51 -16.67 24.08 -27.52
C ARG D 51 -15.38 24.66 -26.96
N ASP D 52 -15.36 24.97 -25.68
CA ASP D 52 -14.16 25.52 -25.06
C ASP D 52 -13.30 24.36 -24.59
N LEU D 53 -11.99 24.49 -24.73
CA LEU D 53 -11.11 23.41 -24.31
C LEU D 53 -10.90 23.39 -22.80
N LYS D 54 -11.58 24.31 -22.12
CA LYS D 54 -11.56 24.46 -20.66
C LYS D 54 -11.74 23.10 -19.99
N GLN D 55 -10.75 22.66 -19.20
CA GLN D 55 -10.82 21.37 -18.52
C GLN D 55 -11.01 20.14 -19.42
N LEU D 56 -10.20 20.07 -20.48
CA LEU D 56 -10.23 18.97 -21.44
C LEU D 56 -9.80 17.66 -20.76
N TYR D 57 -10.16 16.54 -21.37
CA TYR D 57 -9.74 15.23 -20.88
C TYR D 57 -10.24 14.16 -21.83
N PHE D 58 -9.41 13.14 -22.03
CA PHE D 58 -9.76 12.06 -22.93
C PHE D 58 -10.22 10.87 -22.12
N ASN D 59 -11.12 10.08 -22.70
CA ASN D 59 -11.56 8.85 -22.05
C ASN D 59 -10.95 7.86 -23.04
N LEU D 60 -10.14 6.93 -22.57
CA LEU D 60 -9.52 6.03 -23.51
C LEU D 60 -10.02 4.61 -23.39
N TYR D 61 -10.43 4.07 -24.54
CA TYR D 61 -10.91 2.71 -24.63
C TYR D 61 -9.94 1.92 -25.55
N ILE D 62 -8.92 1.34 -24.93
CA ILE D 62 -7.93 0.58 -25.66
C ILE D 62 -8.38 -0.88 -25.86
N THR D 63 -7.85 -1.49 -26.92
CA THR D 63 -8.15 -2.87 -27.28
C THR D 63 -6.94 -3.57 -27.90
N VAL D 64 -6.56 -4.70 -27.30
CA VAL D 64 -5.43 -5.51 -27.75
C VAL D 64 -5.97 -6.81 -28.37
N ASN D 65 -5.87 -6.94 -29.69
CA ASN D 65 -6.32 -8.15 -30.38
C ASN D 65 -7.58 -8.74 -29.73
N THR D 66 -8.70 -8.00 -29.83
CA THR D 66 -9.98 -8.43 -29.27
C THR D 66 -10.12 -8.23 -27.76
N MET D 67 -8.99 -8.12 -27.06
CA MET D 67 -9.02 -7.93 -25.61
C MET D 67 -9.32 -6.49 -25.21
N ASN D 68 -10.05 -6.31 -24.11
CA ASN D 68 -10.39 -4.98 -23.64
C ASN D 68 -9.78 -4.60 -22.30
N LEU D 69 -9.19 -3.41 -22.26
CA LEU D 69 -8.55 -2.88 -21.06
C LEU D 69 -9.54 -1.92 -20.44
N PRO D 70 -9.47 -1.74 -19.13
CA PRO D 70 -10.39 -0.82 -18.45
C PRO D 70 -10.35 0.58 -19.07
N LYS D 71 -11.32 1.41 -18.72
CA LYS D 71 -11.35 2.77 -19.25
C LYS D 71 -10.17 3.50 -18.66
N ARG D 72 -9.69 4.51 -19.35
CA ARG D 72 -8.59 5.31 -18.84
C ARG D 72 -9.01 6.77 -18.94
N LYS D 73 -8.85 7.52 -17.85
CA LYS D 73 -9.17 8.92 -17.88
C LYS D 73 -7.82 9.65 -17.85
N GLU D 74 -7.51 10.35 -18.92
CA GLU D 74 -6.27 11.11 -18.99
C GLU D 74 -6.66 12.57 -19.05
N VAL D 75 -6.22 13.35 -18.07
CA VAL D 75 -6.57 14.77 -18.01
C VAL D 75 -5.55 15.71 -18.64
N ILE D 76 -6.03 16.58 -19.52
CA ILE D 76 -5.18 17.58 -20.16
C ILE D 76 -5.93 18.78 -19.65
N CYS D 77 -5.27 19.70 -18.94
CA CYS D 77 -5.97 20.87 -18.39
C CYS D 77 -6.85 20.57 -17.15
N ARG D 78 -6.36 20.90 -15.97
CA ARG D 78 -7.15 20.69 -14.76
C ARG D 78 -8.15 21.85 -14.63
N GLY D 79 -7.81 23.03 -15.17
CA GLY D 79 -8.75 24.14 -15.11
C GLY D 79 -8.29 25.50 -14.60
N SER D 80 -7.11 25.58 -13.99
CA SER D 80 -6.63 26.86 -13.48
C SER D 80 -5.12 27.01 -13.69
N ASP D 81 -4.73 28.00 -14.50
CA ASP D 81 -3.32 28.23 -14.80
C ASP D 81 -2.72 26.89 -15.25
N ASP D 82 -3.27 26.34 -16.34
CA ASP D 82 -2.85 25.05 -16.87
C ASP D 82 -1.50 25.04 -17.56
N ASP D 83 -0.98 23.83 -17.75
CA ASP D 83 0.32 23.62 -18.39
C ASP D 83 0.29 24.02 -19.87
N TYR D 84 -0.69 23.55 -20.60
CA TYR D 84 -0.79 23.85 -22.03
C TYR D 84 -1.51 25.16 -22.31
N SER D 85 -1.09 25.84 -23.36
CA SER D 85 -1.69 27.12 -23.71
C SER D 85 -3.03 26.96 -24.40
N PHE D 86 -3.28 25.80 -25.01
CA PHE D 86 -4.52 25.59 -25.72
C PHE D 86 -5.72 25.35 -24.83
N CYS D 87 -5.48 25.20 -23.53
CA CYS D 87 -6.58 25.00 -22.59
C CYS D 87 -7.43 26.25 -22.56
N ARG D 88 -6.79 27.40 -22.72
CA ARG D 88 -7.47 28.70 -22.72
C ARG D 88 -8.35 28.92 -23.95
N ALA D 89 -8.20 28.08 -24.97
CA ALA D 89 -8.97 28.23 -26.20
C ALA D 89 -10.50 28.24 -26.03
N LEU D 90 -11.15 29.14 -26.77
CA LEU D 90 -12.61 29.29 -26.75
C LEU D 90 -13.30 28.59 -27.92
N LYS D 91 -14.63 28.55 -27.84
CA LYS D 91 -15.44 27.89 -28.86
C LYS D 91 -15.04 28.04 -30.33
N GLY D 92 -14.79 29.25 -30.83
CA GLY D 92 -14.43 29.34 -32.23
C GLY D 92 -13.00 29.74 -32.54
N GLU D 93 -12.14 29.61 -31.54
CA GLU D 93 -10.73 30.00 -31.68
C GLU D 93 -9.84 29.02 -32.42
N THR D 94 -8.97 29.55 -33.27
CA THR D 94 -8.05 28.73 -34.03
C THR D 94 -6.96 28.20 -33.10
N VAL D 95 -6.78 26.88 -33.12
CA VAL D 95 -5.78 26.22 -32.29
C VAL D 95 -4.70 25.60 -33.16
N ASN D 96 -3.57 26.28 -33.32
CA ASN D 96 -2.44 25.78 -34.12
C ASN D 96 -1.30 25.63 -33.13
N THR D 97 -1.13 24.43 -32.61
CA THR D 97 -0.10 24.21 -31.60
C THR D 97 0.78 22.98 -31.85
N THR D 98 1.88 22.91 -31.10
CA THR D 98 2.83 21.80 -31.17
C THR D 98 3.10 21.31 -29.76
N ILE D 99 2.70 20.08 -29.50
CA ILE D 99 2.86 19.46 -28.20
C ILE D 99 3.99 18.43 -28.26
N SER D 100 4.90 18.47 -27.29
CA SER D 100 5.99 17.49 -27.30
C SER D 100 5.62 16.27 -26.48
N PHE D 101 6.13 15.11 -26.88
CA PHE D 101 5.84 13.88 -26.17
C PHE D 101 7.08 13.00 -26.05
N SER D 102 7.00 11.96 -25.23
CA SER D 102 8.11 11.03 -25.01
C SER D 102 7.64 9.86 -24.16
N PHE D 103 8.21 8.68 -24.37
CA PHE D 103 7.83 7.52 -23.56
C PHE D 103 8.77 6.34 -23.81
N LYS D 104 8.72 5.36 -22.91
CA LYS D 104 9.57 4.19 -23.01
C LYS D 104 9.25 3.26 -21.85
N GLY D 105 9.78 2.05 -21.90
CA GLY D 105 9.57 1.13 -20.79
C GLY D 105 8.57 0.00 -20.90
N ILE D 106 7.75 -0.06 -21.95
CA ILE D 106 6.81 -1.16 -22.04
C ILE D 106 6.84 -1.95 -23.33
N LYS D 107 6.77 -3.28 -23.17
CA LYS D 107 6.78 -4.21 -24.29
C LYS D 107 5.34 -4.53 -24.64
N PHE D 108 5.00 -4.44 -25.93
CA PHE D 108 3.64 -4.73 -26.39
C PHE D 108 3.61 -5.98 -27.24
N SER D 109 2.49 -6.69 -27.21
CA SER D 109 2.34 -7.89 -28.02
C SER D 109 2.36 -7.43 -29.48
N LYS D 110 2.37 -8.40 -30.39
CA LYS D 110 2.34 -8.11 -31.81
C LYS D 110 0.85 -8.13 -32.15
N GLY D 111 0.41 -7.31 -33.10
CA GLY D 111 -1.00 -7.35 -33.42
C GLY D 111 -1.65 -6.04 -33.78
N LYS D 112 -2.98 -6.00 -33.65
CA LYS D 112 -3.76 -4.81 -33.98
C LYS D 112 -4.31 -4.14 -32.72
N TYR D 113 -3.96 -2.87 -32.54
CA TYR D 113 -4.43 -2.10 -31.41
C TYR D 113 -5.42 -1.05 -31.88
N LYS D 114 -6.50 -0.90 -31.15
CA LYS D 114 -7.47 0.12 -31.50
C LYS D 114 -7.75 0.89 -30.22
N CYS D 115 -7.67 2.22 -30.32
CA CYS D 115 -7.90 3.10 -29.17
C CYS D 115 -8.93 4.18 -29.44
N VAL D 116 -10.08 4.08 -28.78
CA VAL D 116 -11.11 5.09 -28.94
C VAL D 116 -10.74 6.18 -27.96
N VAL D 117 -10.58 7.38 -28.51
CA VAL D 117 -10.22 8.55 -27.72
C VAL D 117 -11.35 9.57 -27.78
N GLU D 118 -12.21 9.50 -26.77
CA GLU D 118 -13.35 10.39 -26.63
C GLU D 118 -12.87 11.60 -25.85
N ALA D 119 -12.88 12.78 -26.48
CA ALA D 119 -12.44 14.01 -25.84
C ALA D 119 -13.63 14.71 -25.19
N ILE D 120 -13.41 15.31 -24.02
CA ILE D 120 -14.48 15.99 -23.30
C ILE D 120 -13.97 17.28 -22.65
N SER D 121 -14.78 18.33 -22.73
CA SER D 121 -14.41 19.63 -22.17
C SER D 121 -15.60 20.55 -21.99
N GLY D 122 -15.33 21.72 -21.41
CA GLY D 122 -16.38 22.70 -21.18
C GLY D 122 -16.80 22.71 -19.73
N SER D 123 -17.47 23.79 -19.31
CA SER D 123 -17.96 23.91 -17.94
C SER D 123 -18.98 22.82 -17.63
N PRO D 124 -20.03 22.69 -18.45
CA PRO D 124 -21.01 21.64 -18.15
C PRO D 124 -20.45 20.32 -18.72
N GLU D 125 -19.36 20.46 -19.46
CA GLU D 125 -18.64 19.37 -20.12
C GLU D 125 -19.51 18.40 -20.94
N GLU D 126 -19.26 18.43 -22.25
CA GLU D 126 -19.95 17.59 -23.21
C GLU D 126 -18.87 17.16 -24.18
N MET D 127 -19.12 16.12 -24.96
CA MET D 127 -18.11 15.62 -25.87
C MET D 127 -17.64 16.64 -26.88
N LEU D 128 -16.33 16.65 -27.14
CA LEU D 128 -15.73 17.58 -28.09
C LEU D 128 -15.63 16.86 -29.44
N PHE D 129 -15.01 15.68 -29.43
CA PHE D 129 -14.86 14.85 -30.61
C PHE D 129 -14.53 13.42 -30.18
N CYS D 130 -14.73 12.48 -31.09
CA CYS D 130 -14.44 11.08 -30.81
C CYS D 130 -13.67 10.57 -32.02
N LEU D 131 -12.55 9.90 -31.76
CA LEU D 131 -11.74 9.36 -32.84
C LEU D 131 -11.38 7.94 -32.49
N GLU D 132 -11.30 7.06 -33.49
CA GLU D 132 -10.92 5.67 -33.24
C GLU D 132 -9.59 5.41 -33.94
N PHE D 133 -8.54 5.24 -33.14
CA PHE D 133 -7.20 5.02 -33.66
C PHE D 133 -6.87 3.56 -33.87
N VAL D 134 -6.37 3.26 -35.06
CA VAL D 134 -5.97 1.89 -35.40
C VAL D 134 -4.47 1.92 -35.61
N ILE D 135 -3.77 1.20 -34.74
CA ILE D 135 -2.33 1.16 -34.80
C ILE D 135 -1.82 -0.28 -34.87
N LEU D 136 -1.16 -0.60 -35.98
CA LEU D 136 -0.63 -1.94 -36.21
C LEU D 136 0.79 -1.99 -35.67
N HIS D 137 1.10 -3.05 -34.93
CA HIS D 137 2.43 -3.21 -34.36
C HIS D 137 3.16 -4.49 -34.77
N GLN D 138 4.37 -4.31 -35.29
CA GLN D 138 5.22 -5.42 -35.71
C GLN D 138 6.56 -5.23 -34.98
N PRO D 139 6.78 -5.98 -33.87
CA PRO D 139 8.01 -5.89 -33.08
C PRO D 139 9.32 -6.26 -33.78
N ASN D 140 10.35 -6.50 -32.97
CA ASN D 140 11.70 -6.88 -33.44
C ASN D 140 12.37 -5.80 -34.29
C1 PA1 E . 7.69 1.33 17.37
O1 PA1 E . 7.26 2.55 16.74
C2 PA1 E . 6.66 0.68 18.33
N2 PA1 E . 5.27 0.47 17.81
C3 PA1 E . 6.52 1.64 19.53
O3 PA1 E . 5.61 1.11 20.49
C4 PA1 E . 7.81 2.01 20.27
O4 PA1 E . 7.62 3.16 21.08
C5 PA1 E . 8.92 2.32 19.30
O5 PA1 E . 8.90 1.42 18.17
C6 PA1 E . 10.26 2.21 20.03
O6 PA1 E . 10.62 0.90 20.45
C1 PA1 E . 11.38 0.54 21.60
C2 PA1 E . 11.33 -0.94 22.02
N2 PA1 E . 9.88 -1.18 22.17
C3 PA1 E . 12.21 -1.22 23.26
O3 PA1 E . 12.08 -2.59 23.61
C4 PA1 E . 13.64 -0.87 22.79
O4 PA1 E . 14.57 -1.13 23.81
C5 PA1 E . 13.69 0.63 22.47
O5 PA1 E . 12.75 0.89 21.44
C6 PA1 E . 15.05 1.13 22.02
O6 PA1 E . 14.99 2.53 21.74
C1 KDO E . 16.99 3.51 22.17
O1A KDO E . 16.93 3.86 23.36
O1B KDO E . 18.04 3.05 21.64
C2 KDO E . 15.75 3.65 21.30
C3 KDO E . 15.23 5.09 21.47
C4 KDO E . 13.97 5.25 20.61
O4 KDO E . 13.45 6.62 20.70
C5 KDO E . 14.25 4.84 19.13
O5 KDO E . 15.10 5.76 18.45
C6 KDO E . 14.77 3.35 19.11
O6 KDO E . 15.93 3.22 19.94
C7 KDO E . 15.14 2.81 17.70
O7 KDO E . 14.03 2.89 16.85
C8 KDO E . 15.63 1.34 17.72
O8 KDO E . 16.47 0.96 16.63
C1 GMH E . 15.03 6.52 17.27
C2 GMH E . 15.93 7.74 17.47
C3 GMH E . 15.14 8.96 17.94
C4 GMH E . 13.93 9.27 17.06
C5 GMH E . 13.02 8.02 17.05
C6 GMH E . 11.77 8.25 16.19
C7 GMH E . 10.82 7.06 16.11
O2 GMH E . 16.60 7.99 16.25
O3 GMH E . 16.06 10.07 18.04
O4 GMH E . 13.19 10.40 17.52
O5 GMH E . 13.82 6.90 16.57
O6 GMH E . 12.16 8.61 14.86
O7 GMH E . 9.69 7.37 15.30
C1 GMH E . 16.50 10.52 19.32
C2 GMH E . 17.02 11.96 19.26
C3 GMH E . 18.53 12.01 18.99
C4 GMH E . 19.34 11.15 19.98
C5 GMH E . 18.84 9.69 19.82
C6 GMH E . 19.58 8.71 20.77
C7 GMH E . 19.12 7.22 20.59
O2 GMH E . 16.71 12.61 20.50
O3 GMH E . 18.91 13.38 19.01
O4 GMH E . 20.74 11.19 19.73
O5 GMH E . 17.40 9.69 20.08
O6 GMH E . 19.35 9.09 22.12
O7 GMH E . 19.74 6.20 21.41
C1 GMH E . 20.97 6.40 22.10
C2 GMH E . 21.91 5.19 21.98
C3 GMH E . 21.46 3.99 22.82
C4 GMH E . 21.17 4.33 24.29
C5 GMH E . 20.03 5.39 24.23
C6 GMH E . 19.59 5.80 25.63
C7 GMH E . 18.47 6.84 25.62
O2 GMH E . 23.23 5.58 22.35
O3 GMH E . 22.48 2.98 22.67
O4 GMH E . 20.75 3.19 25.05
O5 GMH E . 20.50 6.52 23.46
O6 GMH E . 20.70 6.36 26.35
O7 GMH E . 18.10 7.18 26.94
C1 KDO E . 11.28 6.11 21.45
O1A KDO E . 10.72 6.38 20.35
O1B KDO E . 10.84 5.24 22.26
C2 KDO E . 12.55 6.87 21.85
C3 KDO E . 12.38 8.34 21.42
C4 KDO E . 13.60 9.15 21.86
O4 KDO E . 13.46 10.51 21.47
C5 KDO E . 13.74 9.01 23.39
O5 KDO E . 12.65 9.63 24.05
C6 KDO E . 13.85 7.51 23.78
O6 KDO E . 12.71 6.79 23.28
C7 KDO E . 13.95 7.33 25.29
O7 KDO E . 15.09 8.04 25.76
C8 KDO E . 14.07 5.84 25.63
O8 KDO E . 14.15 5.65 27.03
C1 NAG F . -6.84 -24.47 -0.61
C2 NAG F . -5.88 -25.42 0.12
C3 NAG F . -6.18 -25.50 1.62
C4 NAG F . -6.21 -24.10 2.24
C5 NAG F . -7.19 -23.22 1.41
C6 NAG F . -7.30 -21.79 1.88
C7 NAG F . -5.15 -27.14 -1.41
C8 NAG F . -5.21 -28.59 -1.85
N2 NAG F . -5.98 -26.75 -0.44
O3 NAG F . -5.17 -26.26 2.26
O4 NAG F . -6.66 -24.17 3.63
O5 NAG F . -6.78 -23.19 0.02
O6 NAG F . -7.68 -20.92 0.81
O7 NAG F . -4.34 -26.36 -1.93
C1 NAG F . -5.76 -24.55 4.66
C2 NAG F . -6.12 -23.79 5.99
C3 NAG F . -5.56 -24.45 7.26
C4 NAG F . -5.77 -25.95 7.28
C5 NAG F . -5.16 -26.51 5.99
C6 NAG F . -5.21 -28.02 5.90
C7 NAG F . -5.62 -21.70 4.86
C8 NAG F . -4.31 -21.59 4.08
N2 NAG F . -5.60 -22.44 5.96
O3 NAG F . -6.15 -23.86 8.40
O4 NAG F . -5.15 -26.51 8.44
O5 NAG F . -5.88 -25.98 4.84
O6 NAG F . -6.49 -28.50 5.49
O7 NAG F . -6.62 -21.10 4.47
C1 NAG G . -9.54 -30.54 0.99
C2 NAG G . -8.70 -29.85 2.10
C3 NAG G . -7.20 -29.70 1.71
C4 NAG G . -6.62 -31.02 1.10
C5 NAG G . -7.57 -31.51 -0.01
C6 NAG G . -7.12 -32.80 -0.65
C7 NAG G . -9.75 -28.30 3.62
C8 NAG G . -11.21 -28.58 3.86
N2 NAG G . -9.25 -28.55 2.41
O3 NAG G . -6.46 -29.36 2.87
O4 NAG G . -5.30 -30.81 0.54
O5 NAG G . -8.89 -31.74 0.54
O6 NAG G . -7.01 -33.84 0.31
O7 NAG G . -9.05 -27.87 4.55
C1 NAG G . -4.19 -31.08 1.35
C2 NAG G . -3.05 -31.68 0.47
C3 NAG G . -1.64 -31.58 1.12
C4 NAG G . -1.41 -30.23 1.82
C5 NAG G . -2.56 -29.98 2.75
C6 NAG G . -2.41 -28.71 3.57
C7 NAG G . -3.47 -33.59 -0.97
C8 NAG G . -2.29 -34.36 -1.55
N2 NAG G . -3.34 -33.09 0.26
O3 NAG G . -0.65 -31.76 0.12
O4 NAG G . -0.18 -30.26 2.54
O5 NAG G . -3.77 -29.85 1.98
O6 NAG G . -2.03 -29.02 4.89
O7 NAG G . -4.49 -33.46 -1.64
C1 PA1 H . 6.37 7.68 -16.21
O1 PA1 H . 7.22 6.74 -15.57
C2 PA1 H . 5.47 7.09 -17.33
N2 PA1 H . 4.65 5.90 -17.01
C3 PA1 H . 6.41 6.65 -18.46
O3 PA1 H . 5.68 6.12 -19.56
C4 PA1 H . 7.35 7.72 -19.03
O4 PA1 H . 8.40 7.14 -19.80
C5 PA1 H . 7.99 8.52 -17.92
O5 PA1 H . 7.04 8.79 -16.86
C6 PA1 H . 8.53 9.84 -18.47
O6 PA1 H . 7.54 10.74 -18.97
C1 GCS H . 7.67 11.66 -20.05
C2 GCS H . 6.36 12.27 -20.57
C3 GCS H . 6.61 13.29 -21.72
C4 GCS H . 7.45 14.40 -21.07
C5 GCS H . 8.80 13.78 -20.63
C6 GCS H . 9.76 14.77 -19.99
N2 GCS H . 5.57 11.08 -20.90
O3 GCS H . 5.36 13.77 -22.19
O4 GCS H . 7.72 15.42 -21.99
O5 GCS H . 8.53 12.75 -19.69
O6 GCS H . 10.96 14.11 -19.62
C1 KDO H . 12.73 15.54 -19.73
O1A KDO H . 12.67 16.65 -19.12
O1B KDO H . 13.15 15.43 -20.92
C2 KDO H . 12.24 14.28 -19.01
C3 KDO H . 13.35 13.23 -19.12
C4 KDO H . 12.87 11.95 -18.41
O4 KDO H . 13.91 10.91 -18.45
C5 KDO H . 12.44 12.27 -16.94
O5 KDO H . 13.55 12.61 -16.11
C6 KDO H . 11.31 13.37 -16.97
O6 KDO H . 11.76 14.52 -17.67
C7 KDO H . 10.81 13.82 -15.57
O7 KDO H . 10.32 12.71 -14.84
C8 KDO H . 9.70 14.89 -15.65
O8 KDO H . 9.57 15.70 -14.49
C1 GMH H . 14.07 12.13 -14.87
C2 GMH H . 15.57 12.44 -14.89
C3 GMH H . 16.41 11.25 -15.36
C4 GMH H . 16.09 9.96 -14.60
C5 GMH H . 14.57 9.66 -14.80
C6 GMH H . 14.17 8.37 -14.07
C7 GMH H . 12.69 8.01 -14.18
O2 GMH H . 15.94 12.86 -13.60
O3 GMH H . 17.80 11.63 -15.27
O4 GMH H . 16.85 8.85 -15.07
O5 GMH H . 13.84 10.82 -14.32
O6 GMH H . 14.51 8.46 -12.68
O7 GMH H . 12.41 6.80 -13.49
C1 GMH H . 18.54 11.92 -16.46
C2 GMH H . 20.05 11.78 -16.22
C3 GMH H . 20.67 13.11 -15.78
C4 GMH H . 20.35 14.27 -16.73
C5 GMH H . 18.80 14.42 -16.74
C6 GMH H . 18.34 15.59 -17.66
C7 GMH H . 16.79 15.77 -17.66
O2 GMH H . 20.65 11.33 -17.45
O3 GMH H . 22.08 12.86 -15.64
O4 GMH H . 20.92 15.49 -16.30
O5 GMH H . 18.26 13.15 -17.16
O6 GMH H . 18.75 15.31 -19.00
O7 GMH H . 16.20 16.82 -18.48
C1 GMH H . 16.97 17.90 -19.00
C2 GMH H . 16.25 19.26 -18.85
C3 GMH H . 15.08 19.43 -19.84
C4 GMH H . 15.45 19.12 -21.30
C5 GMH H . 15.92 17.64 -21.29
C6 GMH H . 16.28 17.18 -22.69
C7 GMH H . 16.74 15.73 -22.74
O2 GMH H . 17.19 20.31 -19.04
O3 GMH H . 14.58 20.75 -19.64
O4 GMH H . 14.33 19.27 -22.19
O5 GMH H . 17.05 17.53 -20.39
O6 GMH H . 17.32 18.00 -23.24
O7 GMH H . 17.05 15.34 -24.05
C1 KDO H . 12.63 9.23 -19.50
O1A KDO H . 11.77 9.25 -20.42
O1B KDO H . 12.51 8.53 -18.45
C2 KDO H . 13.90 10.08 -19.69
C3 KDO H . 15.10 9.28 -19.17
C4 KDO H . 16.39 10.06 -19.40
O4 KDO H . 17.52 9.34 -18.93
C5 KDO H . 16.50 10.35 -20.92
O5 KDO H . 16.68 9.15 -21.65
C6 KDO H . 15.24 11.12 -21.41
O6 KDO H . 14.05 10.36 -21.09
C7 KDO H . 15.29 11.39 -22.90
O7 KDO H . 16.45 12.17 -23.20
C8 KDO H . 14.03 12.15 -23.35
O8 KDO H . 14.07 12.40 -24.74
C1 NAG I . -24.93 3.93 -2.01
C2 NAG I . -25.29 5.19 -2.79
C3 NAG I . -25.23 4.92 -4.30
C4 NAG I . -23.91 4.26 -4.72
C5 NAG I . -23.53 3.10 -3.78
C6 NAG I . -22.10 2.67 -4.01
C7 NAG I . -26.79 6.81 -1.85
C8 NAG I . -28.17 7.13 -1.27
N2 NAG I . -26.62 5.64 -2.44
O3 NAG I . -25.37 6.15 -5.01
O4 NAG I . -24.05 3.73 -6.05
O5 NAG I . -23.62 3.49 -2.39
O6 NAG I . -21.94 1.28 -3.81
O7 NAG I . -25.88 7.64 -1.73
C1 NAG I . -23.77 4.55 -7.13
C2 NAG I . -23.39 3.67 -8.34
C3 NAG I . -23.14 4.59 -9.55
C4 NAG I . -24.45 5.33 -9.85
C5 NAG I . -24.82 6.16 -8.60
C6 NAG I . -26.11 6.93 -8.77
C7 NAG I . -22.32 1.51 -8.04
C8 NAG I . -22.83 0.83 -6.77
N2 NAG I . -22.22 2.84 -8.04
O3 NAG I . -22.75 3.82 -10.67
O4 NAG I . -24.31 6.17 -10.99
O5 NAG I . -24.97 5.29 -7.44
O6 NAG I . -25.86 8.33 -8.91
O7 NAG I . -22.04 0.80 -9.01
C1 NAG J . -31.43 4.35 -4.56
C2 NAG J . -30.20 4.62 -5.45
C3 NAG J . -29.41 5.83 -4.93
C4 NAG J . -30.32 7.07 -4.76
C5 NAG J . -31.55 6.66 -3.93
C6 NAG J . -32.57 7.77 -3.79
C7 NAG J . -28.96 2.99 -6.68
C8 NAG J . -27.47 2.90 -6.98
N2 NAG J . -29.32 3.46 -5.49
O3 NAG J . -28.37 6.12 -5.85
O4 NAG J . -29.60 8.11 -4.05
O5 NAG J . -32.24 5.54 -4.53
O6 NAG J . -33.82 7.26 -3.34
O7 NAG J . -29.78 2.64 -7.53
C1 NAG J . -29.23 9.28 -4.72
C2 NAG J . -29.29 10.47 -3.73
C3 NAG J . -28.70 11.77 -4.33
C4 NAG J . -27.31 11.50 -4.91
C5 NAG J . -27.36 10.31 -5.87
C6 NAG J . -25.97 9.95 -6.39
C7 NAG J . -31.04 10.63 -2.09
C8 NAG J . -31.33 11.94 -1.36
N2 NAG J . -30.68 10.71 -3.37
O3 NAG J . -28.61 12.76 -3.31
O4 NAG J . -26.87 12.67 -5.61
O5 NAG J . -27.87 9.13 -5.19
O6 NAG J . -25.16 9.36 -5.38
O7 NAG J . -31.14 9.55 -1.50
C1 FTT K . 4.49 -0.54 17.37
C2 FTT K . 3.06 -0.22 16.94
C3 FTT K . 2.12 -1.40 17.24
C4 FTT K . 0.77 -1.12 17.92
C5 FTT K . 0.60 -1.56 19.37
C6 FTT K . -0.65 -2.39 19.69
C7 FTT K . -0.71 -2.74 21.18
C8 FTT K . -1.99 -3.47 21.61
C9 FTT K . -2.96 -2.48 22.22
C10 FTT K . -4.30 -2.97 22.71
C11 FTT K . -4.97 -1.65 23.06
C12 FTT K . -6.43 -1.59 23.49
C13 FTT K . -6.75 -0.08 23.65
C14 FTT K . -8.19 0.23 24.02
O2 FTT K . 4.97 -1.69 17.34
O3 FTT K . 1.88 -2.07 16.00
C1 FTT L . 4.29 1.43 20.89
C2 FTT L . 3.71 0.58 22.03
C3 FTT L . 2.30 0.82 22.55
C4 FTT L . 2.02 -0.14 23.69
C5 FTT L . 2.63 -1.26 24.51
C6 FTT L . 1.63 -1.67 25.56
C7 FTT L . 2.31 -1.78 26.91
C8 FTT L . 2.34 -3.23 27.32
C9 FTT L . 2.17 -3.47 28.81
C10 FTT L . 2.07 -4.97 28.73
C11 FTT L . 1.85 -5.81 29.95
C12 FTT L . 1.69 -7.15 29.24
C13 FTT L . 1.37 -8.37 30.10
C14 FTT L . 1.22 -9.53 29.14
O2 FTT L . 3.71 2.35 20.30
O3 FTT L . 2.22 2.17 23.00
C1 FTT M . 8.96 -1.80 21.40
C2 FTT M . 7.49 -1.82 21.88
C3 FTT M . 6.86 -3.09 22.42
C4 FTT M . 6.67 -2.91 23.91
C5 FTT M . 7.04 -4.23 24.58
C6 FTT M . 6.35 -4.27 25.94
C7 FTT M . 7.36 -4.44 27.03
C8 FTT M . 6.71 -4.56 28.38
C9 FTT M . 6.74 -5.99 28.88
C10 FTT M . 6.06 -6.01 30.22
C11 FTT M . 5.99 -7.39 30.84
C12 FTT M . 5.27 -7.15 32.14
C13 FTT M . 5.11 -8.42 32.93
C14 FTT M . 4.42 -8.05 34.23
O2 FTT M . 9.29 -2.31 20.33
O3 FTT M . 5.68 -3.30 21.68
C1 FTT N . 11.74 -3.95 23.69
C2 FTT N . 10.98 -4.64 24.83
C3 FTT N . 10.79 -6.14 24.57
C4 FTT N . 10.01 -6.77 25.72
C5 FTT N . 9.70 -8.26 25.57
C6 FTT N . 10.68 -9.19 26.24
C7 FTT N . 10.20 -10.25 27.21
C8 FTT N . 10.93 -11.55 26.98
C9 FTT N . 10.47 -12.58 27.97
C10 FTT N . 11.24 -13.87 27.76
C11 FTT N . 10.75 -14.83 28.81
C12 FTT N . 11.51 -16.12 28.66
C13 FTT N . 11.01 -17.05 29.74
C14 FTT N . 11.75 -18.36 29.62
O2 FTT N . 12.10 -4.61 22.72
O3 FTT N . 10.03 -6.58 23.49
O1 DAO O . 5.97 -4.64 19.69
C1 DAO O . 5.31 -4.09 20.56
C2 DAO O . 3.83 -4.38 20.31
C3 DAO O . 2.88 -4.34 21.49
C4 DAO O . 2.37 -5.76 21.70
C5 DAO O . 2.59 -6.24 23.12
C6 DAO O . 1.72 -5.49 24.10
C7 DAO O . 0.55 -6.32 24.63
C8 DAO O . -0.18 -5.35 25.51
C9 DAO O . -1.47 -5.74 26.21
C10 DAO O . -1.76 -4.38 26.83
C11 DAO O . -3.02 -4.20 27.63
C12 DAO O . -3.06 -2.75 28.11
C1 MYR P . 9.78 -6.97 22.18
O1 MYR P . 10.50 -7.49 21.35
C2 MYR P . 8.38 -6.76 21.62
C3 MYR P . 7.50 -8.01 21.70
C4 MYR P . 6.55 -7.85 22.88
C5 MYR P . 6.26 -9.05 23.76
C6 MYR P . 5.29 -8.56 24.81
C7 MYR P . 4.54 -9.70 25.47
C8 MYR P . 4.57 -9.58 26.99
C9 MYR P . 5.31 -10.75 27.58
C10 MYR P . 5.43 -10.77 29.10
C11 MYR P . 6.23 -12.03 29.38
C12 MYR P . 6.53 -12.30 30.83
C13 MYR P . 7.36 -13.58 30.83
C14 MYR P . 7.77 -13.97 32.24
P PO4 Q . 15.74 -2.01 23.83
O2 PO4 Q . 16.38 -1.89 25.17
O3 PO4 Q . 15.29 -3.41 23.61
O4 PO4 Q . 16.67 -1.61 22.78
P PO4 R . 8.04 3.35 15.77
O2 PO4 R . 8.24 4.73 16.32
O3 PO4 R . 9.38 2.73 15.51
O4 PO4 R . 7.27 3.44 14.49
P PO4 S . 22.07 11.26 20.40
O2 PO4 S . 21.88 11.28 21.87
O3 PO4 S . 22.89 10.09 20.03
O4 PO4 S . 22.76 12.50 19.98
P PO4 T . 12.69 11.77 17.27
O2 PO4 T . 12.41 12.45 18.57
O3 PO4 T . 13.72 12.55 16.52
O4 PO4 T . 11.45 11.71 16.46
C1 NAG U . 42.64 -43.41 23.92
C2 NAG U . 43.58 -43.57 25.14
C3 NAG U . 43.68 -45.05 25.60
C4 NAG U . 42.30 -45.74 25.69
C5 NAG U . 41.51 -45.49 24.39
C6 NAG U . 40.12 -46.11 24.44
C7 NAG U . 45.62 -42.35 25.69
C8 NAG U . 46.67 -43.09 26.51
N2 NAG U . 44.91 -43.06 24.81
O3 NAG U . 44.33 -45.12 26.88
O4 NAG U . 42.45 -47.13 25.91
O5 NAG U . 41.37 -44.07 24.15
O6 NAG U . 39.30 -45.66 23.37
O7 NAG U . 45.45 -41.14 25.85
C1 NAG V . 32.28 -29.89 8.67
C2 NAG V . 30.89 -29.28 8.90
C3 NAG V . 29.94 -29.65 7.73
C4 NAG V . 30.58 -29.25 6.39
C5 NAG V . 32.03 -29.77 6.28
C6 NAG V . 32.74 -29.21 5.07
C7 NAG V . 30.26 -28.88 11.16
C8 NAG V . 28.92 -28.17 11.35
N2 NAG V . 30.34 -29.73 10.15
O3 NAG V . 28.70 -28.96 7.88
O4 NAG V . 29.78 -29.78 5.33
O5 NAG V . 32.82 -29.40 7.44
O6 NAG V . 34.15 -29.21 5.25
O7 NAG V . 31.21 -28.64 11.92
C1 NAG W . 7.27 -26.83 -20.32
C2 NAG W . 8.18 -28.02 -20.71
C3 NAG W . 9.53 -27.53 -21.27
C4 NAG W . 9.36 -26.40 -22.32
C5 NAG W . 8.38 -25.32 -21.82
C6 NAG W . 8.07 -24.27 -22.87
C7 NAG W . 8.63 -30.16 -19.65
C8 NAG W . 10.09 -30.63 -19.66
N2 NAG W . 8.41 -28.85 -19.54
O3 NAG W . 10.25 -28.62 -21.87
O4 NAG W . 10.63 -25.80 -22.59
O5 NAG W . 7.13 -25.91 -21.43
O6 NAG W . 9.24 -23.54 -23.21
O7 NAG W . 7.73 -30.99 -19.72
MG MG X . 19.77 -0.33 24.01
C1 FTT Y . 3.37 5.60 -16.74
C2 FTT Y . 3.01 4.12 -16.45
C3 FTT Y . 1.59 3.77 -16.94
C4 FTT Y . 1.37 2.48 -17.74
C5 FTT Y . 1.07 2.62 -19.24
C6 FTT Y . -0.18 1.89 -19.75
C7 FTT Y . -0.33 2.10 -21.26
C8 FTT Y . -1.46 1.27 -21.88
C9 FTT Y . -0.90 0.02 -22.54
C10 FTT Y . -1.83 -0.96 -23.23
C11 FTT Y . -0.86 -2.09 -23.56
C12 FTT Y . -1.36 -3.39 -24.14
C13 FTT Y . -0.11 -4.30 -24.23
C14 FTT Y . -0.39 -5.71 -24.73
O2 FTT Y . 2.53 6.52 -16.73
O3 FTT Y . 0.75 3.72 -15.80
C1 FTT Z . 5.47 4.83 -20.10
C2 FTT Z . 4.59 4.75 -21.35
C3 FTT Z . 4.30 3.42 -22.02
C4 FTT Z . 3.45 3.64 -23.25
C5 FTT Z . 2.77 4.71 -24.08
C6 FTT Z . 2.11 4.06 -25.26
C7 FTT Z . 2.44 4.81 -26.53
C8 FTT Z . 1.20 5.49 -27.03
C9 FTT Z . 1.10 5.56 -28.55
C10 FTT Z . -0.31 6.09 -28.61
C11 FTT Z . -1.03 6.34 -29.91
C12 FTT Z . -2.38 6.70 -29.31
C13 FTT Z . -3.48 7.01 -30.29
C14 FTT Z . -4.72 7.29 -29.44
O2 FTT Z . 6.00 3.89 -19.54
O3 FTT Z . 5.55 2.83 -22.37
C1 FTT AA . 4.53 10.45 -20.30
C2 FTT AA . 3.97 9.18 -20.94
C3 FTT AA . 2.61 9.17 -21.65
C4 FTT AA . 2.87 9.04 -23.13
C5 FTT AA . 1.91 9.97 -23.85
C6 FTT AA . 1.73 9.48 -25.27
C7 FTT AA . 2.16 10.54 -26.25
C8 FTT AA . 1.93 10.09 -27.67
C9 FTT AA . 0.72 10.77 -28.27
C10 FTT AA . 0.57 10.27 -29.68
C11 FTT AA . -0.64 10.82 -30.41
C12 FTT AA . -0.59 10.18 -31.78
C13 FTT AA . -1.72 10.61 -32.66
C14 FTT AA . -1.51 9.92 -34.00
O2 FTT AA . 4.07 10.90 -19.23
O3 FTT AA . 1.87 8.13 -21.06
C1 FTT BA . 3.99 14.03 -22.41
C2 FTT BA . 3.20 13.71 -23.67
C3 FTT BA . 1.73 14.15 -23.55
C4 FTT BA . 0.95 13.81 -24.83
C5 FTT BA . -0.52 14.16 -24.81
C6 FTT BA . -0.88 15.47 -25.46
C7 FTT BA . -1.91 15.56 -26.56
C8 FTT BA . -2.81 16.75 -26.35
C9 FTT BA . -3.81 16.86 -27.46
C10 FTT BA . -4.68 18.07 -27.24
C11 FTT BA . -5.63 18.11 -28.42
C12 FTT BA . -6.51 19.31 -28.28
C13 FTT BA . -7.44 19.34 -29.47
C14 FTT BA . -8.33 20.55 -29.35
O2 FTT BA . 3.44 14.56 -21.44
O3 FTT BA . 0.89 13.57 -22.61
O1 DAO CA . 0.48 8.82 -19.21
C1 DAO CA . 0.85 8.04 -20.09
C2 DAO CA . -0.03 6.81 -20.01
C3 DAO CA . -0.25 6.02 -21.29
C4 DAO CA . -1.72 6.17 -21.65
C5 DAO CA . -1.91 6.69 -23.07
C6 DAO CA . -1.48 5.65 -24.09
C7 DAO CA . -2.64 4.97 -24.77
C8 DAO CA . -1.97 3.96 -25.66
C9 DAO CA . -2.77 3.02 -26.54
C10 DAO CA . -1.59 2.24 -27.11
C11 DAO CA . -1.86 1.10 -28.06
C12 DAO CA . -0.51 0.50 -28.43
C1 MYR DA . 0.31 13.40 -21.35
O1 MYR DA . 0.08 14.20 -20.47
C2 MYR DA . -0.17 12.01 -20.95
C3 MYR DA . -1.64 11.78 -21.23
C4 MYR DA . -1.77 10.94 -22.50
C5 MYR DA . -2.86 11.25 -23.49
C6 MYR DA . -2.68 10.24 -24.60
C7 MYR DA . -3.95 10.08 -25.43
C8 MYR DA . -3.64 10.18 -26.91
C9 MYR DA . -4.34 11.38 -27.50
C10 MYR DA . -4.14 11.62 -28.98
C11 MYR DA . -4.93 12.87 -29.26
C12 MYR DA . -4.87 13.37 -30.69
C13 MYR DA . -5.68 14.66 -30.69
C14 MYR DA . -5.69 15.31 -32.07
P PO4 EA . 7.42 16.87 -21.96
O2 PO4 EA . 7.95 17.50 -23.19
O3 PO4 EA . 5.94 17.04 -21.90
O4 PO4 EA . 8.06 17.48 -20.77
P PO4 FA . 8.15 7.05 -14.44
O2 PO4 FA . 9.54 6.71 -14.86
O3 PO4 FA . 8.09 8.48 -14.08
O4 PO4 FA . 7.77 6.23 -13.25
P PO4 GA . 21.61 16.71 -16.81
O2 PO4 GA . 21.72 16.63 -18.29
O3 PO4 GA . 20.83 17.91 -16.43
O4 PO4 GA . 22.96 16.79 -16.21
P PO4 HA . 17.87 7.80 -14.78
O2 PO4 HA . 18.50 7.37 -16.05
O3 PO4 HA . 18.90 8.35 -13.87
O4 PO4 HA . 17.21 6.63 -14.13
C1 NAG IA . -18.82 58.68 -22.02
C2 NAG IA . -18.47 59.24 -23.43
C3 NAG IA . -19.61 60.09 -24.02
C4 NAG IA . -20.96 59.35 -23.91
C5 NAG IA . -21.17 58.90 -22.47
C6 NAG IA . -22.49 58.19 -22.26
C7 NAG IA . -16.08 59.43 -23.20
C8 NAG IA . -15.33 59.74 -21.92
N2 NAG IA . -17.27 60.03 -23.37
O3 NAG IA . -19.33 60.38 -25.39
O4 NAG IA . -22.02 60.20 -24.32
O5 NAG IA . -20.10 58.02 -22.05
O6 NAG IA . -23.47 59.07 -21.75
O7 NAG IA . -15.61 58.66 -24.04
C1 NAG JA . -12.73 42.37 -7.16
C2 NAG JA . -12.82 40.91 -7.66
C3 NAG JA . -13.51 39.99 -6.62
C4 NAG JA . -12.85 40.16 -5.24
C5 NAG JA . -12.86 41.65 -4.86
C6 NAG JA . -12.20 41.92 -3.53
C7 NAG JA . -13.90 39.74 -9.48
C8 NAG JA . -15.34 39.24 -9.34
N2 NAG JA . -13.59 40.89 -8.89
O3 NAG JA . -13.39 38.62 -7.01
O4 NAG JA . -13.55 39.39 -4.27
O5 NAG JA . -12.14 42.42 -5.86
O6 NAG JA . -11.10 42.83 -3.64
O7 NAG JA . -13.09 39.09 -10.13
C1 NAG KA . -23.84 16.58 18.94
C2 NAG KA . -24.81 17.56 19.64
C3 NAG KA . -24.05 18.51 20.57
C4 NAG KA . -23.16 17.73 21.56
C5 NAG KA . -22.29 16.73 20.77
C6 NAG KA . -21.45 15.84 21.65
C7 NAG KA . -26.87 18.38 18.75
C8 NAG KA . -27.54 19.73 18.89
N2 NAG KA . -25.55 18.34 18.67
O3 NAG KA . -24.98 19.29 21.29
O4 NAG KA . -22.27 18.66 22.27
O5 NAG KA . -23.12 15.87 19.96
O6 NAG KA . -20.98 14.72 20.93
O7 NAG KA . -27.56 17.35 18.75
MG MG LA . 10.59 19.74 -21.55
C1 NAG MA . 20.22 -13.90 39.73
C2 NAG MA . 20.71 -14.56 41.05
C3 NAG MA . 21.65 -13.69 41.90
C4 NAG MA . 22.58 -12.77 41.08
C5 NAG MA . 21.87 -12.19 39.86
C6 NAG MA . 22.84 -11.43 38.96
C7 NAG MA . 18.59 -15.71 41.47
C8 NAG MA . 17.23 -15.08 41.24
N2 NAG MA . 19.57 -14.89 41.89
O3 NAG MA . 22.45 -14.53 42.72
O4 NAG MA . 23.02 -11.71 41.94
O5 NAG MA . 21.31 -13.25 39.07
O6 NAG MA . 23.96 -12.24 38.61
O7 NAG MA . 18.77 -16.92 41.29
C1 NAG NA . 0.37 26.85 -38.06
C2 NAG NA . 0.16 27.44 -39.46
C3 NAG NA . 1.48 27.70 -40.22
C4 NAG NA . 2.61 28.26 -39.32
C5 NAG NA . 2.68 27.48 -38.00
C6 NAG NA . 3.74 27.98 -37.02
C7 NAG NA . -1.75 26.85 -40.81
C8 NAG NA . -1.78 26.89 -42.33
N2 NAG NA . -0.61 26.49 -40.23
O3 NAG NA . 1.22 28.64 -41.26
O4 NAG NA . 3.86 28.14 -40.00
O5 NAG NA . 1.40 27.55 -37.34
O6 NAG NA . 3.63 29.37 -36.79
O7 NAG NA . -2.77 27.14 -40.17
#